data_6S1N
#
_entry.id   6S1N
#
loop_
_entity.id
_entity.type
_entity.pdbx_description
1 polymer 'DNA polymerase delta catalytic subunit'
2 polymer 'DNA polymerase delta subunit 2'
3 polymer 'DNA polymerase delta subunit 3'
4 polymer 'DNA polymerase delta subunit 4'
5 polymer 'Proliferating cell nuclear antigen'
6 polymer 'DNA primer'
7 polymer 'DNA template'
8 non-polymer 'ZINC ION'
9 non-polymer 'IRON/SULFUR CLUSTER'
10 non-polymer "THYMIDINE-5'-TRIPHOSPHATE"
#
loop_
_entity_poly.entity_id
_entity_poly.type
_entity_poly.pdbx_seq_one_letter_code
_entity_poly.pdbx_strand_id
1 'polypeptide(L)'
;MDGKRRPGPGPGVPPKRARGGLWDDDDAPRPSQFEEDLALMEEMEAEHRLQEQEEEELQSVLEGVADGQVPPSAIDPRWL
RPTPPALDPQTEPLIFQQLEIDHYVGPAQPVPGGPPPSRGSVPVLRAFGVTDEGFSVCCHIHGFAPYFYTPAPPGFGPEH
MGDLQRELNLAISRDSRGGRELTGPAVLAVELCSRESMFGYHGHGPSPFLRITVALPRLVAPARRLLEQGIRVAGLGTPS
FAPYEANVDFEIRFMVDTDIVGCNWLELPAGKYALRLKEKATQCQLEADVLWSDVVSHPPEGPWQRIAPLRVLSFDIECA
GRKGIFPEPERDPVIQICSLGLRWGEPEPFLRLALTLRPCAPILGAKVQSYEKEEDLLQAWSTFIRIMDPDVITGYNIQN
FDLPYLISRAQTLKVQTFPFLGRVAGLCSNIRDSSFQSKQTGRRDTKVVSMVGRVQMDMLQVLLREYKLRSYTLNAVSFH
FLGEQKEDVQHSIITDLQNGNDQTRRRLAVYCLKDAYLPLRLLERLMVLVNAVEMARVTGVPLSYLLSRGQQVKVVSQLL
RQAMHEGLLMPVVKSEGGEDYTGATVIEPLKGYYDVPIATLDFSSLYPSIMMAHNLCYTTLLRPGTAQKLGLTEDQFIRT
PTGDEFVKTSVRKGLLPQILENLLSARKRAKAELAKETDPLRRQVLDGRQLALKVSANSVYGFTGAQVGKLPCLEISQSV
TGFGRQMIEKTKQLVESKYTVENGYSTSAKVVYGDTDSVMCRFGVSSVAEAMALGREAADWVSGHFPSPIRLEFEKVYFP
YLLISKKRYAGLLFSSRPDAHDRMDCKGLEAVRRDNCPLVANLVTASLRRLLIDRDPEGAVAHAQDVISDLLCNRIDISQ
LVITKELTRAASDYAGKQAHVELAERMRKRDPGSAPSLGDRVPYVIISAAKGVAAYMKSEDPLFVLEHSLPIDTQYYLEQ
QLAKPLLRIFEPILGEGRAEAVLLRGDHTRCKTVLTGKVGGLLAFAKRRNCCIGCRTVLSHQGAVCEFCQPRESELYQKE
VSHLNALEERFSRLWTQCQRCQGSLHEDVICTSRDCPIFYMRKKVRKDLEDQEQLLRRFGPPGPEAW
;
A
2 'polypeptide(L)'
;MFSEQAAQRAHTLLSPPSANNATFARVPVATYTNSSQPFRLGERSFSRQYAHIYATRLIQMRPFLENRAQQHWGSGVGVK
KLCELQPEEKCCVVGTLFKAMPLQPSILREVSEEHNLLPQPPRSKYIHPDDELVLEDELQRIKLKGTIDVSKLVTGTVLA
VFGSVRDDGKFLVEDYCFADLAPQKPAPPLDTDRFVLLVSGLGLGGGGGESLLGTQLLVDVVTGQLGDEGEQCSAAHVSR
VILAGNLLSHSTQSRDSINKAKYLTKKTQAASVEAVKMLDEILLQLSASVPVDVMPGEFDPTNYTLPQQPLHPCMFPLAT
AYSTLQLVTNPYQATIDGVRFLGTSGQNVSDIFRYSSMEDHLEILEWTLRVRHISPTAPDTLGCYPFYKTDPFIFPECPH
VYFCGNTPSFGSKIIRGPEDQTVLLVTVPDFSATQTACLVNLRSLACQPISFSGFGAEDDDLGGLGLGP
;
B
3 'polypeptide(L)'
;MWSHPQFEKADQLYLENIDEFVTDQNKIVTYKWLSYTLGVHVNQAKQMLYDYVERKRKENSGAQLHVTYLVSGSLIQNGH
SCHKVAVVREDKLEAVKSKLAVTASIHVYSIQKAMLKDSGPLFNTDYDILKSNLQNCSKFSAIQCAAAVPRAPAESSSSS
KKFEQSHLHMSSETQANNELTTNGHGPPASKQVSQQPKGIMGMFASKAAAKTQETNKETKTEAKEVTNASAAGNKAPGKG
NMMSNFFGKAAMNKFKVNLDSEQAVKEEKIVEQPTVSVTEPKLATPAGLKKSSKKAEPVKVLQKEKKRGKRVALSDDETK
ETENMRKKRRRIKLPESDSSEDEVFPDSPGAYEAESPSPPPPPSPPLEPVPKTEPEPPSVKSSSGENKRKRKRVLKSKTY
LDGEGCIVTEKVYESESCTDSEEELNMKTSSVHRPPAMTVKKEPREERKGPKKGTAALGKANRQVSITGFFQRK
;
C
4 'polypeptide(L)'
;MHHHHHHSRAWRHPQFGGHHHHHHENLYFQSGRKRLITDSYPVVKRREGPAGHSKGELAPELGEEPQPRDEEEAELELLR
QFDLAWQYGPCTGITRLQRWCRAKQMGLEPPPEVWQVLKTHPGDPRFQCSLWHLYPL
;
D
5 'polypeptide(L)'
;GPHMFEARLVQGSILKKVLEALKDLINEACWDISSSGVNLQSMDSSHVSLVQLTLRSEGFDTYRCDRNLAMGVNLTSMSK
ILKCAGNEDIITLRAEDNADTLALVFEAPNQEKVSDYEMKLMDLDVEQLGIPEQEYSCVVKMPSGEFARICRDLSHIGDA
VVISCAKDGVKFSASGELGNGNIKLSQTSNVDKEEEAVTIEMNEPVQLTFALRYLNFFTKATPLSSTVTLSMSADVPLVV
EYKIADMGHLKYYLAPKIEDEEGS
;
E,F,G
6 'polydeoxyribonucleotide'
;(DA)(DG)(DC)(DT)(DA)(DT)(DG)(DA)(DC)(DC)(DA)(DT)(DG)(DA)(DT)(DT)(DA)(DC)(DG)(DA)
(DA)(DT)(DT)(DG)(DOC)
;
P
7 'polydeoxyribonucleotide'
;(DC)(DT)(DG)(DC)(DA)(DC)(DG)(DA)(DA)(DT)(DT)(DA)(DA)(DG)(DC)(DA)(DA)(DT)(DT)(DC)
(DG)(DT)(DA)(DA)(DT)(DC)(DA)(DT)(DG)(DG)(DT)(DC)(DA)(DT)(DA)(DG)(DC)(DT)
;
T
#
loop_
_chem_comp.id
_chem_comp.type
_chem_comp.name
_chem_comp.formula
DA DNA linking 2'-DEOXYADENOSINE-5'-MONOPHOSPHATE 'C10 H14 N5 O6 P'
DC DNA linking 2'-DEOXYCYTIDINE-5'-MONOPHOSPHATE 'C9 H14 N3 O7 P'
DG DNA linking 2'-DEOXYGUANOSINE-5'-MONOPHOSPHATE 'C10 H14 N5 O7 P'
DOC DNA linking 2',3'-DIDEOXYCYTIDINE-5'-MONOPHOSPHATE 'C9 H14 N3 O6 P'
DT DNA linking THYMIDINE-5'-MONOPHOSPHATE 'C10 H15 N2 O8 P'
SF4 non-polymer 'IRON/SULFUR CLUSTER' 'Fe4 S4'
TTP non-polymer THYMIDINE-5'-TRIPHOSPHATE 'C10 H17 N2 O14 P3'
ZN non-polymer 'ZINC ION' 'Zn 2'
#
# COMPACT_ATOMS: atom_id res chain seq x y z
N ARG A 78 42.96 19.10 -24.24
CA ARG A 78 42.81 18.93 -25.68
C ARG A 78 42.84 20.28 -26.38
N TRP A 79 41.69 20.89 -26.65
CA TRP A 79 41.75 22.21 -27.29
C TRP A 79 42.21 23.26 -26.29
N LEU A 80 43.06 24.15 -26.78
CA LEU A 80 43.73 25.14 -25.98
C LEU A 80 43.01 26.47 -26.10
N ARG A 81 43.32 27.38 -25.18
CA ARG A 81 42.81 28.73 -25.29
C ARG A 81 43.56 29.47 -26.40
N PRO A 82 42.95 30.49 -27.00
CA PRO A 82 43.68 31.33 -27.95
C PRO A 82 44.81 32.09 -27.29
N THR A 83 45.80 32.48 -28.11
CA THR A 83 47.12 33.04 -27.84
C THR A 83 47.04 34.55 -27.61
N PRO A 84 47.59 35.04 -26.49
CA PRO A 84 47.55 36.48 -26.21
C PRO A 84 48.62 37.21 -27.00
N PRO A 85 48.23 37.98 -28.04
CA PRO A 85 49.22 38.47 -29.00
C PRO A 85 50.16 39.59 -28.57
N ALA A 86 49.63 40.78 -28.27
CA ALA A 86 50.44 41.99 -28.42
C ALA A 86 50.17 43.02 -27.33
N LEU A 87 49.91 42.56 -26.11
CA LEU A 87 49.59 43.49 -25.02
C LEU A 87 50.85 44.21 -24.53
N ASP A 88 50.84 45.55 -24.65
CA ASP A 88 51.94 46.38 -24.18
C ASP A 88 51.46 47.25 -23.04
N PRO A 89 52.06 47.16 -21.84
CA PRO A 89 51.40 47.74 -20.65
C PRO A 89 51.50 49.25 -20.54
N GLN A 90 52.49 49.87 -21.18
CA GLN A 90 52.66 51.32 -21.09
C GLN A 90 51.70 52.11 -21.97
N THR A 91 50.93 51.44 -22.83
CA THR A 91 49.98 52.12 -23.70
C THR A 91 48.59 51.53 -23.58
N GLU A 92 48.47 50.22 -23.37
CA GLU A 92 47.20 49.51 -23.37
C GLU A 92 46.71 49.22 -21.97
N PRO A 93 45.40 49.23 -21.74
CA PRO A 93 44.85 48.79 -20.46
C PRO A 93 44.52 47.30 -20.46
N LEU A 94 44.08 46.82 -19.30
CA LEU A 94 43.46 45.50 -19.18
C LEU A 94 42.01 45.64 -18.75
N ILE A 95 41.13 44.92 -19.42
CA ILE A 95 39.71 44.86 -19.06
C ILE A 95 39.34 43.40 -18.96
N PHE A 96 39.06 42.91 -17.75
CA PHE A 96 38.71 41.51 -17.59
C PHE A 96 37.67 41.35 -16.50
N GLN A 97 37.02 40.19 -16.47
CA GLN A 97 35.94 39.90 -15.53
C GLN A 97 36.40 38.83 -14.58
N GLN A 98 36.29 39.10 -13.29
CA GLN A 98 36.83 38.23 -12.26
C GLN A 98 35.84 37.15 -11.85
N LEU A 99 36.38 36.00 -11.46
CA LEU A 99 35.60 34.92 -10.90
C LEU A 99 35.94 34.65 -9.45
N GLU A 100 37.20 34.37 -9.13
CA GLU A 100 37.59 34.04 -7.78
C GLU A 100 38.59 35.04 -7.24
N ILE A 101 38.55 35.24 -5.93
CA ILE A 101 39.55 36.01 -5.20
C ILE A 101 40.25 35.06 -4.25
N ASP A 102 41.38 35.52 -3.71
CA ASP A 102 42.18 34.69 -2.83
C ASP A 102 43.08 35.54 -1.97
N HIS A 103 43.38 35.03 -0.79
CA HIS A 103 44.32 35.59 0.17
C HIS A 103 45.63 34.83 0.10
N TYR A 104 46.73 35.53 0.31
CA TYR A 104 48.05 34.95 0.13
C TYR A 104 49.08 35.72 0.93
N VAL A 105 49.83 35.03 1.79
CA VAL A 105 50.88 35.63 2.60
C VAL A 105 52.21 35.44 1.88
N GLY A 106 52.88 36.55 1.58
CA GLY A 106 53.87 36.53 0.54
C GLY A 106 55.20 37.20 0.82
N PRO A 107 56.27 36.58 0.29
CA PRO A 107 57.54 37.28 0.12
C PRO A 107 57.57 38.11 -1.17
N ALA A 108 58.78 38.53 -1.56
CA ALA A 108 59.05 39.27 -2.81
C ALA A 108 58.35 40.63 -2.80
N GLN A 109 58.40 41.27 -1.65
CA GLN A 109 57.77 42.56 -1.43
C GLN A 109 58.45 43.65 -2.26
N PRO A 110 57.73 44.71 -2.62
CA PRO A 110 58.37 45.80 -3.37
C PRO A 110 59.31 46.61 -2.48
N VAL A 111 60.49 46.90 -3.01
CA VAL A 111 61.49 47.65 -2.27
C VAL A 111 61.70 49.02 -2.89
N SER A 121 52.70 45.52 2.11
CA SER A 121 52.40 44.53 3.14
C SER A 121 52.69 43.10 2.71
N VAL A 122 52.74 42.22 3.69
CA VAL A 122 52.92 40.78 3.49
C VAL A 122 51.66 40.09 2.96
N PRO A 123 50.42 40.43 3.35
CA PRO A 123 49.27 39.79 2.66
C PRO A 123 48.99 40.42 1.30
N VAL A 124 49.14 39.62 0.25
CA VAL A 124 48.83 40.07 -1.10
C VAL A 124 47.64 39.28 -1.64
N LEU A 125 46.86 39.92 -2.50
CA LEU A 125 45.58 39.39 -2.97
C LEU A 125 45.70 38.86 -4.38
N ARG A 126 44.98 37.77 -4.66
CA ARG A 126 44.93 37.17 -5.98
C ARG A 126 43.55 37.40 -6.57
N ALA A 127 43.47 37.63 -7.88
CA ALA A 127 42.18 37.76 -8.56
C ALA A 127 42.27 37.08 -9.92
N PHE A 128 41.41 36.10 -10.14
CA PHE A 128 41.43 35.29 -11.35
C PHE A 128 40.26 35.70 -12.23
N GLY A 129 40.45 35.68 -13.55
CA GLY A 129 39.39 36.17 -14.41
C GLY A 129 39.65 35.86 -15.87
N VAL A 130 38.73 36.31 -16.71
CA VAL A 130 38.79 36.10 -18.15
C VAL A 130 38.53 37.41 -18.89
N THR A 131 39.21 37.55 -20.02
CA THR A 131 39.08 38.72 -20.88
C THR A 131 37.78 38.68 -21.67
N ASP A 132 37.51 39.73 -22.44
CA ASP A 132 36.34 39.76 -23.32
C ASP A 132 36.52 38.90 -24.57
N GLU A 133 37.64 38.20 -24.70
CA GLU A 133 37.90 37.28 -25.79
C GLU A 133 38.01 35.84 -25.34
N GLY A 134 38.64 35.57 -24.20
CA GLY A 134 38.87 34.19 -23.80
C GLY A 134 40.27 33.82 -23.33
N PHE A 135 41.11 34.80 -23.01
CA PHE A 135 42.36 34.52 -22.32
C PHE A 135 42.13 34.48 -20.81
N SER A 136 43.01 33.77 -20.10
CA SER A 136 42.92 33.65 -18.65
C SER A 136 43.92 34.59 -18.00
N VAL A 137 43.45 35.36 -17.01
CA VAL A 137 44.22 36.43 -16.40
C VAL A 137 44.29 36.21 -14.89
N CYS A 138 45.50 36.13 -14.35
CA CYS A 138 45.72 36.25 -12.92
C CYS A 138 46.21 37.65 -12.61
N CYS A 139 45.78 38.19 -11.46
CA CYS A 139 46.15 39.54 -11.07
C CYS A 139 46.60 39.52 -9.62
N HIS A 140 47.81 40.03 -9.37
CA HIS A 140 48.36 40.13 -8.02
C HIS A 140 48.21 41.56 -7.54
N ILE A 141 47.59 41.74 -6.37
CA ILE A 141 47.27 43.05 -5.81
C ILE A 141 48.03 43.22 -4.51
N HIS A 142 48.66 44.38 -4.31
CA HIS A 142 49.59 44.60 -3.22
C HIS A 142 49.22 45.82 -2.37
N GLY A 143 49.58 45.75 -1.09
CA GLY A 143 49.57 46.91 -0.22
C GLY A 143 48.35 47.11 0.65
N PHE A 144 47.67 46.04 1.04
CA PHE A 144 46.42 46.13 1.78
C PHE A 144 46.55 45.35 3.08
N ALA A 145 46.02 45.91 4.18
CA ALA A 145 46.16 45.32 5.50
C ALA A 145 44.88 45.50 6.30
N PRO A 146 44.48 44.51 7.09
CA PRO A 146 43.22 44.60 7.84
C PRO A 146 43.31 45.59 8.98
N TYR A 147 42.14 46.01 9.45
CA TYR A 147 42.06 46.99 10.53
C TYR A 147 40.73 46.80 11.24
N PHE A 148 40.55 47.52 12.35
CA PHE A 148 39.22 47.75 12.93
C PHE A 148 39.25 49.06 13.71
N TYR A 149 38.19 49.30 14.47
CA TYR A 149 38.03 50.55 15.20
C TYR A 149 37.71 50.25 16.65
N THR A 150 37.91 51.27 17.50
CA THR A 150 37.69 51.18 18.94
C THR A 150 37.56 52.61 19.47
N PRO A 151 36.65 52.92 20.38
CA PRO A 151 36.57 54.30 20.89
C PRO A 151 37.79 54.68 21.71
N ALA A 152 38.17 55.96 21.59
CA ALA A 152 39.25 56.53 22.39
C ALA A 152 38.71 56.89 23.77
N PRO A 153 39.22 56.30 24.85
CA PRO A 153 38.63 56.52 26.17
C PRO A 153 38.90 57.92 26.67
N PRO A 154 37.97 58.51 27.45
CA PRO A 154 38.16 59.88 27.92
C PRO A 154 39.18 60.02 29.04
N GLY A 155 40.45 59.99 28.68
CA GLY A 155 41.53 60.25 29.61
C GLY A 155 42.56 61.15 28.95
N PHE A 156 43.72 61.29 29.57
CA PHE A 156 44.79 62.10 28.99
C PHE A 156 45.62 61.31 27.98
N GLY A 157 45.35 60.02 27.84
CA GLY A 157 46.08 59.19 26.92
C GLY A 157 45.79 59.42 25.43
N PRO A 158 44.60 59.00 24.95
CA PRO A 158 44.42 58.83 23.50
C PRO A 158 44.06 60.11 22.76
N GLU A 159 44.22 61.24 23.43
CA GLU A 159 44.23 62.54 22.78
C GLU A 159 45.62 63.17 22.78
N HIS A 160 46.62 62.43 23.24
CA HIS A 160 48.00 62.89 23.31
C HIS A 160 48.87 61.95 22.49
N MET A 161 49.71 62.54 21.63
CA MET A 161 50.43 61.75 20.63
C MET A 161 51.47 60.84 21.26
N GLY A 162 52.00 61.23 22.43
CA GLY A 162 52.92 60.37 23.14
C GLY A 162 52.28 59.06 23.55
N ASP A 163 51.03 59.13 24.00
CA ASP A 163 50.33 57.90 24.35
C ASP A 163 49.77 57.17 23.14
N LEU A 164 49.54 57.85 22.01
CA LEU A 164 49.20 57.14 20.78
C LEU A 164 50.35 56.25 20.32
N GLN A 165 51.55 56.83 20.21
CA GLN A 165 52.70 56.02 19.84
C GLN A 165 53.14 55.09 20.95
N ARG A 166 52.73 55.35 22.19
CA ARG A 166 52.96 54.39 23.26
C ARG A 166 51.97 53.23 23.22
N GLU A 167 50.78 53.45 22.68
CA GLU A 167 49.90 52.33 22.35
C GLU A 167 50.54 51.49 21.25
N LEU A 168 51.16 52.14 20.26
CA LEU A 168 51.95 51.38 19.29
C LEU A 168 53.15 50.69 19.95
N ASN A 169 53.82 51.37 20.87
CA ASN A 169 55.00 50.84 21.55
C ASN A 169 54.63 49.69 22.48
N LEU A 170 55.55 48.74 22.62
CA LEU A 170 55.38 47.58 23.47
C LEU A 170 55.90 47.84 24.88
N ALA A 171 55.28 47.17 25.84
CA ALA A 171 55.70 47.24 27.23
C ALA A 171 56.82 46.24 27.47
N ILE A 172 57.98 46.73 27.92
CA ILE A 172 59.19 45.91 28.00
C ILE A 172 59.31 45.14 29.31
N SER A 173 58.27 45.14 30.14
CA SER A 173 58.33 44.46 31.42
C SER A 173 58.27 42.94 31.24
N ARG A 174 58.62 42.22 32.31
CA ARG A 174 58.62 40.77 32.27
C ARG A 174 57.21 40.19 32.38
N ASP A 175 56.32 40.87 33.11
CA ASP A 175 54.95 40.40 33.28
C ASP A 175 54.03 40.79 32.14
N SER A 176 54.55 41.42 31.09
CA SER A 176 53.77 41.76 29.91
C SER A 176 53.99 40.77 28.77
N ARG A 177 54.53 39.59 29.10
CA ARG A 177 54.70 38.51 28.14
C ARG A 177 53.36 37.94 27.68
N GLY A 178 52.32 38.06 28.52
CA GLY A 178 50.98 37.75 28.06
C GLY A 178 50.30 38.87 27.32
N GLY A 179 50.97 40.01 27.16
CA GLY A 179 50.32 41.16 26.55
C GLY A 179 51.08 41.87 25.46
N ARG A 180 52.37 41.56 25.30
CA ARG A 180 53.13 42.06 24.16
C ARG A 180 53.93 40.98 23.45
N GLU A 181 53.49 39.73 23.49
CA GLU A 181 54.16 38.73 22.67
C GLU A 181 53.30 38.28 21.50
N LEU A 182 52.08 37.81 21.78
CA LEU A 182 51.23 37.25 20.73
C LEU A 182 50.70 38.35 19.81
N THR A 183 50.60 39.58 20.34
CA THR A 183 50.52 40.76 19.49
C THR A 183 51.90 41.22 19.05
N GLY A 184 52.75 41.55 20.01
CA GLY A 184 54.15 41.82 19.77
C GLY A 184 54.41 43.06 18.93
N PRO A 185 55.52 43.06 18.20
CA PRO A 185 55.82 44.19 17.31
C PRO A 185 55.14 44.09 15.95
N ALA A 186 53.91 44.61 15.92
CA ALA A 186 53.08 44.66 14.72
C ALA A 186 52.71 46.14 14.52
N VAL A 187 52.56 46.54 13.26
CA VAL A 187 52.24 47.92 12.95
C VAL A 187 50.74 48.15 13.06
N LEU A 188 50.22 48.08 14.29
CA LEU A 188 48.81 48.32 14.55
C LEU A 188 48.48 49.78 14.23
N ALA A 189 49.41 50.65 14.65
CA ALA A 189 49.42 52.10 14.46
C ALA A 189 48.38 52.87 15.29
N VAL A 190 48.37 54.18 15.11
CA VAL A 190 47.42 55.03 15.81
C VAL A 190 46.79 56.01 14.83
N GLU A 191 45.47 56.09 14.83
CA GLU A 191 44.78 57.01 13.95
C GLU A 191 43.61 57.64 14.69
N LEU A 192 43.32 58.89 14.37
CA LEU A 192 42.20 59.57 14.99
C LEU A 192 41.18 59.85 13.92
N CYS A 193 39.91 59.50 14.17
CA CYS A 193 38.86 59.80 13.22
C CYS A 193 37.58 60.08 13.99
N SER A 194 36.64 60.75 13.34
CA SER A 194 35.41 61.19 14.00
C SER A 194 34.23 60.44 13.38
N ARG A 195 33.64 59.52 14.15
CA ARG A 195 32.61 58.61 13.63
C ARG A 195 31.52 58.44 14.68
N GLU A 196 30.62 57.49 14.43
CA GLU A 196 29.46 57.27 15.28
C GLU A 196 29.14 55.78 15.35
N SER A 197 28.39 55.39 16.36
CA SER A 197 27.90 54.02 16.50
C SER A 197 26.51 53.89 15.90
N MET A 198 26.20 52.67 15.43
CA MET A 198 24.97 52.42 14.69
C MET A 198 23.74 52.44 15.59
N PHE A 199 23.80 51.70 16.69
CA PHE A 199 22.64 51.22 17.42
C PHE A 199 21.98 52.36 18.18
N GLY A 200 20.74 52.67 17.87
CA GLY A 200 19.99 53.68 18.57
C GLY A 200 20.05 55.02 17.85
N TYR A 201 19.39 56.00 18.46
CA TYR A 201 19.45 57.38 17.99
C TYR A 201 19.78 58.28 19.17
N HIS A 202 21.02 58.77 19.20
CA HIS A 202 21.46 59.70 20.23
C HIS A 202 21.51 61.14 19.72
N GLY A 203 22.03 61.35 18.51
CA GLY A 203 22.02 62.67 17.92
C GLY A 203 22.69 62.66 16.57
N HIS A 204 22.81 63.87 15.99
CA HIS A 204 23.52 64.10 14.74
C HIS A 204 25.01 64.35 14.96
N GLY A 205 25.50 64.25 16.19
CA GLY A 205 26.87 64.60 16.50
C GLY A 205 27.79 63.40 16.66
N PRO A 206 28.94 63.43 15.98
CA PRO A 206 29.91 62.33 16.07
C PRO A 206 30.83 62.43 17.28
N SER A 207 31.81 61.54 17.36
CA SER A 207 32.70 61.41 18.50
C SER A 207 34.01 60.79 18.03
N PRO A 208 35.11 61.03 18.74
CA PRO A 208 36.40 60.46 18.30
C PRO A 208 36.51 58.97 18.55
N PHE A 209 36.96 58.26 17.51
CA PHE A 209 37.28 56.85 17.53
C PHE A 209 38.72 56.67 17.06
N LEU A 210 39.34 55.59 17.52
CA LEU A 210 40.69 55.18 17.13
C LEU A 210 40.58 54.11 16.04
N ARG A 211 41.33 54.29 14.97
CA ARG A 211 41.44 53.30 13.91
C ARG A 211 42.76 52.53 14.09
N ILE A 212 42.66 51.23 14.28
CA ILE A 212 43.79 50.38 14.60
C ILE A 212 44.00 49.46 13.41
N THR A 213 45.07 49.68 12.66
CA THR A 213 45.48 48.71 11.65
C THR A 213 46.19 47.55 12.31
N VAL A 214 46.34 46.46 11.56
CA VAL A 214 47.09 45.28 11.98
C VAL A 214 47.85 44.85 10.73
N ALA A 215 48.99 44.20 10.92
CA ALA A 215 49.72 43.66 9.76
C ALA A 215 48.96 42.50 9.14
N LEU A 216 48.76 41.43 9.89
CA LEU A 216 48.22 40.23 9.29
C LEU A 216 46.76 40.03 9.66
N PRO A 217 45.96 39.45 8.76
CA PRO A 217 44.60 39.07 9.13
C PRO A 217 44.52 38.00 10.20
N ARG A 218 45.52 37.13 10.33
CA ARG A 218 45.53 36.17 11.44
C ARG A 218 46.30 36.70 12.64
N LEU A 219 45.99 37.96 12.99
CA LEU A 219 46.44 38.58 14.22
C LEU A 219 45.38 39.48 14.83
N VAL A 220 44.19 39.57 14.22
CA VAL A 220 43.08 40.31 14.82
C VAL A 220 42.41 39.46 15.88
N ALA A 221 42.60 38.15 15.86
CA ALA A 221 42.04 37.28 16.89
C ALA A 221 42.84 37.30 18.20
N PRO A 222 44.19 37.21 18.22
CA PRO A 222 44.85 37.34 19.53
C PRO A 222 44.82 38.76 20.08
N ALA A 223 44.81 39.77 19.21
CA ALA A 223 44.69 41.15 19.68
C ALA A 223 43.36 41.37 20.38
N ARG A 224 42.29 40.77 19.84
CA ARG A 224 41.00 40.79 20.50
C ARG A 224 41.04 39.99 21.80
N ARG A 225 41.93 38.99 21.88
CA ARG A 225 42.09 38.29 23.14
C ARG A 225 43.10 38.95 24.05
N LEU A 226 43.67 40.09 23.64
CA LEU A 226 44.66 40.77 24.45
C LEU A 226 44.36 42.24 24.69
N LEU A 227 43.32 42.78 24.08
CA LEU A 227 42.93 44.16 24.34
C LEU A 227 41.69 44.26 25.22
N GLU A 228 40.88 43.21 25.28
CA GLU A 228 39.66 43.21 26.08
C GLU A 228 39.84 42.47 27.41
N GLN A 229 40.28 41.22 27.37
CA GLN A 229 40.61 40.49 28.58
C GLN A 229 42.12 40.42 28.84
N GLY A 230 42.93 40.92 27.92
CA GLY A 230 44.35 41.08 28.17
C GLY A 230 44.61 42.37 28.89
N ILE A 231 45.89 42.71 28.99
CA ILE A 231 46.28 43.90 29.73
C ILE A 231 46.19 45.14 28.83
N ARG A 232 45.63 46.21 29.38
CA ARG A 232 45.63 47.51 28.72
C ARG A 232 46.10 48.57 29.69
N VAL A 233 46.86 48.16 30.70
CA VAL A 233 47.59 49.09 31.54
C VAL A 233 48.85 49.46 30.74
N ALA A 234 48.80 50.63 30.10
CA ALA A 234 49.96 51.11 29.36
C ALA A 234 50.01 52.63 29.55
N GLY A 235 50.72 53.05 30.60
CA GLY A 235 50.87 54.44 30.97
C GLY A 235 49.59 55.18 31.32
N LEU A 236 48.51 54.46 31.61
CA LEU A 236 47.15 54.97 31.74
C LEU A 236 46.77 55.80 30.52
N GLY A 237 46.72 55.11 29.39
CA GLY A 237 46.12 55.72 28.23
C GLY A 237 44.75 55.13 27.93
N THR A 238 44.63 53.81 27.97
CA THR A 238 43.38 53.13 27.62
C THR A 238 43.02 52.17 28.74
N PRO A 239 42.31 52.64 29.76
CA PRO A 239 41.86 51.74 30.82
C PRO A 239 40.79 50.79 30.31
N SER A 240 40.88 49.54 30.75
CA SER A 240 39.96 48.50 30.30
C SER A 240 38.56 48.74 30.86
N PHE A 241 37.54 48.64 30.01
CA PHE A 241 37.66 48.21 28.61
C PHE A 241 36.98 49.15 27.62
N ALA A 242 37.49 49.15 26.40
CA ALA A 242 36.81 49.74 25.26
C ALA A 242 36.53 48.64 24.24
N PRO A 243 35.31 48.52 23.75
CA PRO A 243 34.97 47.35 22.91
C PRO A 243 35.47 47.49 21.48
N TYR A 244 35.53 46.35 20.79
CA TYR A 244 35.90 46.30 19.39
C TYR A 244 34.67 46.49 18.52
N GLU A 245 34.82 47.25 17.45
CA GLU A 245 33.73 47.52 16.52
C GLU A 245 34.20 47.22 15.10
N ALA A 246 33.32 46.60 14.31
CA ALA A 246 33.52 46.24 12.90
C ALA A 246 34.68 45.29 12.72
N ASN A 247 34.58 44.13 13.35
CA ASN A 247 35.44 42.98 13.06
C ASN A 247 34.76 42.12 12.01
N VAL A 248 35.22 42.24 10.75
CA VAL A 248 34.60 41.57 9.60
C VAL A 248 35.66 40.77 8.84
N ASP A 249 35.26 40.15 7.74
CA ASP A 249 36.16 39.29 6.98
C ASP A 249 37.00 40.10 5.99
N PHE A 250 38.17 39.54 5.66
CA PHE A 250 39.22 40.30 4.97
C PHE A 250 38.82 40.63 3.53
N GLU A 251 38.45 39.61 2.76
CA GLU A 251 38.03 39.83 1.37
C GLU A 251 36.75 40.65 1.30
N ILE A 252 35.85 40.48 2.27
CA ILE A 252 34.64 41.30 2.31
C ILE A 252 34.98 42.75 2.62
N ARG A 253 36.00 42.98 3.46
CA ARG A 253 36.44 44.34 3.76
C ARG A 253 37.11 44.99 2.56
N PHE A 254 37.86 44.20 1.78
CA PHE A 254 38.43 44.67 0.51
C PHE A 254 37.35 45.08 -0.49
N MET A 255 36.34 44.25 -0.64
CA MET A 255 35.27 44.53 -1.60
C MET A 255 34.36 45.65 -1.15
N VAL A 256 34.15 45.81 0.16
CA VAL A 256 33.41 46.94 0.67
C VAL A 256 34.21 48.23 0.48
N ASP A 257 35.55 48.14 0.62
CA ASP A 257 36.43 49.29 0.40
C ASP A 257 36.37 49.79 -1.04
N THR A 258 36.62 48.93 -2.02
CA THR A 258 36.83 49.40 -3.37
C THR A 258 35.61 49.30 -4.29
N ASP A 259 34.43 48.92 -3.78
CA ASP A 259 33.17 48.77 -4.53
C ASP A 259 33.29 47.75 -5.66
N ILE A 260 33.85 46.61 -5.36
CA ILE A 260 33.87 45.50 -6.29
C ILE A 260 32.93 44.41 -5.78
N VAL A 261 32.12 43.87 -6.68
CA VAL A 261 31.07 42.92 -6.31
C VAL A 261 31.39 41.58 -6.95
N GLY A 262 30.54 40.58 -6.75
CA GLY A 262 30.76 39.29 -7.37
C GLY A 262 30.58 39.39 -8.87
N CYS A 263 31.51 38.77 -9.62
CA CYS A 263 31.51 38.65 -11.09
C CYS A 263 31.41 40.03 -11.76
N ASN A 264 32.46 40.81 -11.54
CA ASN A 264 32.49 42.22 -11.88
C ASN A 264 33.52 42.50 -12.97
N TRP A 265 33.36 43.65 -13.63
CA TRP A 265 34.29 44.08 -14.68
C TRP A 265 35.35 45.00 -14.08
N LEU A 266 36.62 44.59 -14.19
CA LEU A 266 37.75 45.26 -13.56
C LEU A 266 38.72 45.74 -14.63
N GLU A 267 39.30 46.92 -14.39
CA GLU A 267 40.12 47.60 -15.38
C GLU A 267 41.42 48.08 -14.76
N LEU A 268 42.54 47.69 -15.38
CA LEU A 268 43.85 48.22 -15.04
C LEU A 268 44.24 49.26 -16.06
N PRO A 269 44.45 50.53 -15.67
CA PRO A 269 44.72 51.58 -16.66
C PRO A 269 46.15 51.48 -17.18
N ALA A 270 46.44 52.34 -18.15
CA ALA A 270 47.70 52.28 -18.87
C ALA A 270 48.84 52.83 -18.03
N GLY A 271 49.97 52.10 -18.02
CA GLY A 271 51.12 52.50 -17.23
C GLY A 271 51.06 52.12 -15.78
N LYS A 272 49.99 51.46 -15.33
CA LYS A 272 49.80 51.15 -13.93
C LYS A 272 50.20 49.72 -13.56
N TYR A 273 50.26 48.82 -14.53
CA TYR A 273 50.45 47.40 -14.25
C TYR A 273 51.68 46.89 -14.98
N ALA A 274 52.34 45.90 -14.39
CA ALA A 274 53.56 45.34 -14.93
C ALA A 274 53.39 43.83 -15.08
N LEU A 275 53.45 43.34 -16.33
CA LEU A 275 53.25 41.92 -16.58
C LEU A 275 54.45 41.08 -16.20
N ARG A 276 55.66 41.50 -16.58
CA ARG A 276 56.86 40.73 -16.34
C ARG A 276 57.56 41.10 -15.04
N LEU A 277 56.88 41.83 -14.14
CA LEU A 277 57.38 41.96 -12.79
C LEU A 277 57.21 40.66 -12.01
N LYS A 278 56.21 39.85 -12.35
CA LYS A 278 55.95 38.58 -11.71
C LYS A 278 56.45 37.46 -12.60
N GLU A 279 57.59 36.87 -12.23
CA GLU A 279 57.99 35.61 -12.84
C GLU A 279 56.99 34.53 -12.47
N LYS A 280 56.62 33.72 -13.46
CA LYS A 280 55.37 32.96 -13.49
C LYS A 280 55.35 31.89 -12.40
N ALA A 281 54.49 32.09 -11.41
CA ALA A 281 54.24 31.11 -10.37
C ALA A 281 52.89 30.43 -10.50
N THR A 282 51.93 31.03 -11.19
CA THR A 282 50.71 30.37 -11.57
C THR A 282 50.79 29.95 -13.04
N GLN A 283 49.70 29.42 -13.59
CA GLN A 283 49.69 28.88 -14.94
C GLN A 283 48.73 29.60 -15.87
N CYS A 284 48.39 30.84 -15.61
CA CYS A 284 47.52 31.56 -16.53
C CYS A 284 48.34 32.22 -17.64
N GLN A 285 47.63 32.82 -18.59
CA GLN A 285 48.29 33.43 -19.74
C GLN A 285 48.82 34.82 -19.41
N LEU A 286 47.95 35.73 -19.03
CA LEU A 286 48.34 37.07 -18.63
C LEU A 286 48.47 37.12 -17.10
N GLU A 287 49.61 37.58 -16.62
CA GLU A 287 49.81 37.72 -15.17
C GLU A 287 50.28 39.14 -14.87
N ALA A 288 49.39 39.95 -14.30
CA ALA A 288 49.68 41.33 -13.94
C ALA A 288 50.12 41.42 -12.49
N ASP A 289 50.61 42.59 -12.11
CA ASP A 289 51.14 42.78 -10.76
C ASP A 289 50.93 44.24 -10.36
N VAL A 290 49.81 44.52 -9.68
CA VAL A 290 49.26 45.88 -9.60
C VAL A 290 49.19 46.27 -8.12
N LEU A 291 49.15 47.58 -7.86
CA LEU A 291 48.92 48.15 -6.54
C LEU A 291 47.42 48.40 -6.33
N TRP A 292 46.99 48.36 -5.06
CA TRP A 292 45.56 48.24 -4.77
C TRP A 292 44.78 49.54 -4.95
N SER A 293 45.42 50.64 -5.34
CA SER A 293 44.68 51.86 -5.59
C SER A 293 44.53 52.18 -7.07
N ASP A 294 45.03 51.30 -7.95
CA ASP A 294 45.03 51.56 -9.38
C ASP A 294 43.79 51.04 -10.09
N VAL A 295 43.10 50.07 -9.50
CA VAL A 295 42.02 49.37 -10.19
C VAL A 295 40.82 50.30 -10.39
N VAL A 296 40.05 50.03 -11.44
CA VAL A 296 38.78 50.70 -11.67
C VAL A 296 37.70 49.63 -11.77
N SER A 297 36.63 49.80 -11.00
CA SER A 297 35.51 48.88 -10.98
C SER A 297 34.37 49.45 -11.81
N HIS A 298 33.85 48.65 -12.72
CA HIS A 298 32.71 49.13 -13.49
C HIS A 298 31.43 48.56 -12.91
N PRO A 299 30.45 49.38 -12.55
CA PRO A 299 29.20 48.87 -12.00
C PRO A 299 28.38 48.21 -13.09
N PRO A 300 27.94 46.95 -12.88
CA PRO A 300 27.20 46.25 -13.92
C PRO A 300 25.82 46.83 -14.20
N GLU A 301 25.75 47.52 -15.36
CA GLU A 301 24.59 48.19 -15.91
C GLU A 301 24.98 48.72 -17.30
N GLY A 302 24.03 48.87 -18.21
CA GLY A 302 24.33 49.28 -19.55
C GLY A 302 25.09 48.22 -20.33
N PRO A 303 26.20 48.60 -20.97
CA PRO A 303 27.04 47.61 -21.67
C PRO A 303 27.83 46.71 -20.74
N TRP A 304 27.97 47.06 -19.46
CA TRP A 304 28.71 46.27 -18.49
C TRP A 304 27.86 45.21 -17.82
N GLN A 305 26.75 44.81 -18.46
CA GLN A 305 25.86 43.79 -17.98
C GLN A 305 26.03 42.46 -18.72
N ARG A 306 27.11 42.30 -19.47
CA ARG A 306 27.33 41.09 -20.25
C ARG A 306 27.86 39.97 -19.37
N ILE A 307 28.16 38.83 -20.00
CA ILE A 307 28.86 37.72 -19.37
C ILE A 307 29.92 37.24 -20.35
N ALA A 308 31.15 37.06 -19.86
CA ALA A 308 32.27 36.59 -20.68
C ALA A 308 32.05 35.13 -21.12
N PRO A 309 32.79 34.66 -22.15
CA PRO A 309 32.72 33.23 -22.51
C PRO A 309 33.50 32.28 -21.62
N LEU A 310 32.90 31.86 -20.52
CA LEU A 310 33.49 30.94 -19.57
C LEU A 310 33.54 29.52 -20.13
N ARG A 311 34.35 28.66 -19.51
CA ARG A 311 34.51 27.28 -19.91
C ARG A 311 34.00 26.36 -18.79
N VAL A 312 33.06 25.48 -19.13
CA VAL A 312 32.39 24.62 -18.16
C VAL A 312 32.71 23.17 -18.50
N LEU A 313 33.11 22.40 -17.49
CA LEU A 313 33.38 20.98 -17.61
C LEU A 313 32.36 20.18 -16.79
N SER A 314 31.96 19.01 -17.29
CA SER A 314 31.25 18.01 -16.49
C SER A 314 31.88 16.65 -16.69
N PHE A 315 31.90 15.82 -15.65
CA PHE A 315 32.52 14.52 -15.77
C PHE A 315 31.78 13.49 -14.92
N ASP A 316 32.12 12.23 -15.15
CA ASP A 316 31.56 11.12 -14.40
C ASP A 316 32.54 9.96 -14.44
N ILE A 317 32.55 9.12 -13.41
CA ILE A 317 33.48 8.00 -13.33
C ILE A 317 32.71 6.69 -13.14
N GLU A 318 33.41 5.58 -13.39
CA GLU A 318 32.91 4.24 -13.14
C GLU A 318 33.91 3.43 -12.34
N CYS A 319 33.41 2.56 -11.46
CA CYS A 319 34.26 1.64 -10.68
C CYS A 319 33.69 0.23 -10.77
N ALA A 320 34.56 -0.75 -10.59
CA ALA A 320 34.19 -2.16 -10.71
C ALA A 320 34.27 -2.82 -9.34
N GLY A 321 33.11 -3.20 -8.81
CA GLY A 321 32.99 -3.68 -7.45
C GLY A 321 32.86 -5.18 -7.33
N ARG A 322 32.58 -5.61 -6.11
CA ARG A 322 32.29 -7.01 -5.81
C ARG A 322 30.78 -7.20 -5.67
N LYS A 323 30.36 -8.43 -5.42
CA LYS A 323 28.93 -8.71 -5.28
C LYS A 323 28.47 -8.36 -3.88
N GLY A 324 27.44 -7.53 -3.78
CA GLY A 324 26.94 -7.00 -2.51
C GLY A 324 27.71 -5.81 -1.97
N ILE A 325 29.03 -5.82 -2.12
CA ILE A 325 29.94 -4.88 -1.46
C ILE A 325 29.98 -3.58 -2.24
N PHE A 326 29.59 -2.49 -1.58
CA PHE A 326 29.68 -1.15 -2.15
C PHE A 326 31.15 -0.77 -2.34
N PRO A 327 31.48 0.04 -3.36
CA PRO A 327 32.89 0.28 -3.68
C PRO A 327 33.68 1.03 -2.61
N GLU A 328 34.96 0.65 -2.50
CA GLU A 328 35.86 1.10 -1.45
C GLU A 328 37.18 1.50 -2.10
N PRO A 329 37.72 2.69 -1.80
CA PRO A 329 38.86 3.21 -2.56
C PRO A 329 40.19 2.50 -2.36
N GLU A 330 40.22 1.39 -1.65
CA GLU A 330 41.43 0.63 -1.44
C GLU A 330 41.40 -0.74 -2.09
N ARG A 331 40.30 -1.10 -2.74
CA ARG A 331 40.19 -2.38 -3.44
C ARG A 331 39.59 -2.29 -4.84
N ASP A 332 38.83 -1.26 -5.17
CA ASP A 332 38.04 -1.24 -6.39
C ASP A 332 38.59 -0.22 -7.38
N PRO A 333 39.10 -0.67 -8.52
CA PRO A 333 39.73 0.25 -9.47
C PRO A 333 38.76 1.18 -10.15
N VAL A 334 39.27 2.34 -10.57
CA VAL A 334 38.52 3.26 -11.40
C VAL A 334 38.76 2.86 -12.84
N ILE A 335 37.69 2.61 -13.60
CA ILE A 335 37.85 1.98 -14.91
C ILE A 335 37.49 2.89 -16.08
N GLN A 336 36.67 3.92 -15.88
CA GLN A 336 36.32 4.80 -16.98
C GLN A 336 36.05 6.20 -16.44
N ILE A 337 36.60 7.22 -17.13
CA ILE A 337 36.28 8.61 -16.83
C ILE A 337 35.78 9.26 -18.11
N CYS A 338 34.69 10.00 -18.02
CA CYS A 338 34.07 10.58 -19.22
C CYS A 338 33.73 12.05 -18.98
N SER A 339 34.05 12.91 -19.95
CA SER A 339 34.07 14.36 -19.79
C SER A 339 33.40 15.07 -20.96
N LEU A 340 32.66 16.12 -20.63
CA LEU A 340 31.98 16.98 -21.61
C LEU A 340 32.40 18.42 -21.31
N GLY A 341 32.63 19.22 -22.35
CA GLY A 341 33.07 20.58 -22.14
C GLY A 341 32.51 21.59 -23.13
N LEU A 342 32.13 22.76 -22.65
CA LEU A 342 31.54 23.77 -23.51
C LEU A 342 31.94 25.18 -23.12
N ARG A 343 31.89 26.08 -24.09
CA ARG A 343 31.99 27.52 -23.88
C ARG A 343 30.59 28.08 -23.68
N TRP A 344 30.46 29.03 -22.77
CA TRP A 344 29.13 29.44 -22.34
C TRP A 344 28.56 30.43 -23.34
N GLY A 345 27.36 30.15 -23.83
CA GLY A 345 26.72 30.97 -24.84
C GLY A 345 26.52 30.27 -26.17
N GLU A 346 27.17 29.14 -26.38
CA GLU A 346 27.04 28.37 -27.60
C GLU A 346 26.17 27.15 -27.37
N PRO A 347 25.22 26.87 -28.27
CA PRO A 347 24.13 25.94 -27.95
C PRO A 347 24.50 24.47 -27.97
N GLU A 348 25.73 24.11 -28.30
CA GLU A 348 26.21 22.74 -28.25
C GLU A 348 27.56 22.73 -27.57
N PRO A 349 28.00 21.58 -27.04
CA PRO A 349 29.38 21.46 -26.54
C PRO A 349 30.40 21.56 -27.67
N PHE A 350 31.66 21.62 -27.26
CA PHE A 350 32.74 21.53 -28.21
C PHE A 350 33.74 20.44 -27.89
N LEU A 351 33.66 19.81 -26.72
CA LEU A 351 34.60 18.76 -26.41
C LEU A 351 33.88 17.59 -25.77
N ARG A 352 34.30 16.37 -26.14
CA ARG A 352 33.59 15.15 -25.76
C ARG A 352 34.62 14.03 -25.70
N LEU A 353 35.08 13.68 -24.50
CA LEU A 353 36.21 12.77 -24.37
C LEU A 353 35.86 11.64 -23.41
N ALA A 354 36.41 10.45 -23.67
CA ALA A 354 36.16 9.28 -22.86
C ALA A 354 37.43 8.46 -22.71
N LEU A 355 37.86 8.20 -21.48
CA LEU A 355 39.12 7.53 -21.21
C LEU A 355 38.84 6.23 -20.47
N THR A 356 39.23 5.11 -21.08
CA THR A 356 38.86 3.78 -20.62
C THR A 356 40.13 3.03 -20.23
N LEU A 357 39.97 1.82 -19.70
CA LEU A 357 41.11 1.08 -19.17
C LEU A 357 41.31 -0.26 -19.87
N ARG A 358 40.53 -0.56 -20.86
CA ARG A 358 40.90 -1.69 -21.69
C ARG A 358 40.74 -1.20 -23.13
N PRO A 359 41.16 -1.95 -24.17
CA PRO A 359 40.89 -1.48 -25.53
C PRO A 359 39.41 -1.52 -25.86
N CYS A 360 38.95 -0.51 -26.58
CA CYS A 360 37.52 -0.27 -26.74
C CYS A 360 37.16 -0.17 -28.22
N ALA A 361 35.95 0.27 -28.52
CA ALA A 361 35.48 0.41 -29.90
C ALA A 361 35.02 1.83 -30.15
N PRO A 362 35.18 2.35 -31.38
CA PRO A 362 35.01 3.79 -31.60
C PRO A 362 33.57 4.25 -31.51
N ILE A 363 33.42 5.49 -31.04
CA ILE A 363 32.13 6.13 -30.87
C ILE A 363 32.13 7.39 -31.72
N LEU A 364 31.07 7.58 -32.51
CA LEU A 364 31.02 8.69 -33.45
C LEU A 364 30.62 9.96 -32.71
N GLY A 365 31.49 10.97 -32.73
CA GLY A 365 31.26 12.22 -32.03
C GLY A 365 32.19 12.45 -30.86
N ALA A 366 33.02 11.48 -30.49
CA ALA A 366 33.87 11.58 -29.32
C ALA A 366 35.21 10.92 -29.62
N LYS A 367 36.21 11.30 -28.84
CA LYS A 367 37.51 10.69 -28.90
C LYS A 367 37.58 9.58 -27.85
N VAL A 368 38.32 8.51 -28.15
CA VAL A 368 38.45 7.38 -27.27
C VAL A 368 39.93 7.01 -27.20
N GLN A 369 40.49 6.97 -25.99
CA GLN A 369 41.85 6.52 -25.76
C GLN A 369 41.83 5.38 -24.76
N SER A 370 42.82 4.51 -24.83
CA SER A 370 42.85 3.32 -24.00
C SER A 370 44.22 3.11 -23.40
N TYR A 371 44.26 2.57 -22.19
CA TYR A 371 45.49 2.37 -21.45
C TYR A 371 45.47 0.99 -20.84
N GLU A 372 46.64 0.42 -20.58
CA GLU A 372 46.68 -0.89 -19.95
C GLU A 372 46.87 -0.84 -18.45
N LYS A 373 46.98 0.35 -17.86
CA LYS A 373 47.19 0.47 -16.42
C LYS A 373 46.52 1.74 -15.92
N GLU A 374 46.12 1.74 -14.65
CA GLU A 374 45.33 2.83 -14.11
C GLU A 374 46.15 4.08 -13.86
N GLU A 375 47.46 3.94 -13.66
CA GLU A 375 48.35 5.07 -13.44
C GLU A 375 48.36 6.00 -14.65
N ASP A 376 48.36 5.41 -15.84
CA ASP A 376 48.31 6.18 -17.07
C ASP A 376 46.97 6.88 -17.22
N LEU A 377 45.90 6.26 -16.74
CA LEU A 377 44.56 6.84 -16.85
C LEU A 377 44.43 8.06 -15.94
N LEU A 378 44.91 7.95 -14.70
CA LEU A 378 44.82 9.10 -13.79
C LEU A 378 45.76 10.22 -14.22
N GLN A 379 46.96 9.88 -14.73
CA GLN A 379 47.87 10.88 -15.25
C GLN A 379 47.31 11.60 -16.46
N ALA A 380 46.69 10.85 -17.38
CA ALA A 380 46.11 11.43 -18.58
C ALA A 380 44.96 12.38 -18.23
N TRP A 381 44.16 12.03 -17.23
CA TRP A 381 43.09 12.94 -16.85
C TRP A 381 43.63 14.21 -16.18
N SER A 382 44.69 14.09 -15.37
CA SER A 382 45.27 15.28 -14.74
C SER A 382 45.92 16.21 -15.77
N THR A 383 46.57 15.64 -16.79
CA THR A 383 47.18 16.47 -17.82
C THR A 383 46.12 17.15 -18.70
N PHE A 384 45.03 16.44 -19.02
CA PHE A 384 43.94 17.08 -19.76
C PHE A 384 43.31 18.22 -18.97
N ILE A 385 43.15 18.03 -17.66
CA ILE A 385 42.50 19.07 -16.88
C ILE A 385 43.43 20.26 -16.62
N ARG A 386 44.75 20.06 -16.71
CA ARG A 386 45.65 21.21 -16.71
C ARG A 386 45.61 21.96 -18.03
N ILE A 387 45.59 21.24 -19.16
CA ILE A 387 45.74 21.89 -20.47
C ILE A 387 44.46 22.60 -20.91
N MET A 388 43.29 21.96 -20.75
CA MET A 388 42.03 22.63 -21.11
C MET A 388 41.76 23.83 -20.22
N ASP A 389 42.14 23.73 -18.93
CA ASP A 389 42.10 24.79 -17.92
C ASP A 389 40.70 25.39 -17.75
N PRO A 390 39.74 24.65 -17.21
CA PRO A 390 38.36 25.14 -17.20
C PRO A 390 38.09 26.15 -16.11
N ASP A 391 37.05 26.94 -16.33
CA ASP A 391 36.59 27.88 -15.32
C ASP A 391 35.77 27.18 -14.25
N VAL A 392 34.72 26.47 -14.66
CA VAL A 392 33.74 25.89 -13.76
C VAL A 392 33.75 24.36 -13.90
N ILE A 393 33.60 23.66 -12.78
CA ILE A 393 33.48 22.21 -12.76
C ILE A 393 32.13 21.84 -12.16
N THR A 394 31.33 21.08 -12.89
CA THR A 394 30.04 20.61 -12.41
C THR A 394 29.95 19.09 -12.51
N GLY A 395 28.79 18.58 -12.17
CA GLY A 395 28.58 17.14 -12.07
C GLY A 395 27.37 16.88 -11.20
N TYR A 396 27.26 15.63 -10.75
CA TYR A 396 26.20 15.23 -9.84
C TYR A 396 26.80 14.31 -8.79
N ASN A 397 26.82 14.78 -7.54
CA ASN A 397 27.46 14.12 -6.40
C ASN A 397 28.95 13.90 -6.63
N ILE A 398 29.62 14.91 -7.17
CA ILE A 398 31.06 14.82 -7.39
C ILE A 398 31.83 15.12 -6.11
N GLN A 399 31.27 15.95 -5.22
CA GLN A 399 31.94 16.32 -3.98
C GLN A 399 32.04 15.13 -3.03
N ASN A 400 30.92 14.47 -2.77
CA ASN A 400 30.89 13.41 -1.78
C ASN A 400 31.20 12.04 -2.35
N PHE A 401 31.31 11.88 -3.67
CA PHE A 401 31.76 10.58 -4.17
C PHE A 401 32.99 10.65 -5.05
N ASP A 402 33.03 11.52 -6.05
CA ASP A 402 33.95 11.33 -7.18
C ASP A 402 35.38 11.76 -6.89
N LEU A 403 35.55 13.03 -6.50
CA LEU A 403 36.89 13.58 -6.27
C LEU A 403 37.64 12.92 -5.10
N PRO A 404 37.05 12.66 -3.92
CA PRO A 404 37.82 11.92 -2.91
C PRO A 404 38.09 10.48 -3.26
N TYR A 405 37.25 9.83 -4.07
CA TYR A 405 37.58 8.51 -4.57
C TYR A 405 38.82 8.56 -5.46
N LEU A 406 38.90 9.56 -6.34
CA LEU A 406 40.06 9.70 -7.20
C LEU A 406 41.33 10.00 -6.40
N ILE A 407 41.21 10.85 -5.39
CA ILE A 407 42.35 11.26 -4.58
C ILE A 407 42.87 10.09 -3.74
N SER A 408 41.97 9.33 -3.11
CA SER A 408 42.39 8.18 -2.33
C SER A 408 42.96 7.08 -3.22
N ARG A 409 42.39 6.89 -4.41
CA ARG A 409 42.88 5.86 -5.31
C ARG A 409 44.25 6.23 -5.87
N ALA A 410 44.52 7.52 -6.05
CA ALA A 410 45.85 7.95 -6.48
C ALA A 410 46.87 7.81 -5.35
N GLN A 411 46.45 8.04 -4.11
CA GLN A 411 47.33 7.83 -2.96
C GLN A 411 47.71 6.37 -2.78
N THR A 412 46.79 5.45 -3.06
CA THR A 412 47.09 4.03 -2.83
C THR A 412 48.07 3.48 -3.86
N LEU A 413 48.01 3.93 -5.11
CA LEU A 413 48.80 3.34 -6.18
C LEU A 413 50.17 3.99 -6.38
N LYS A 414 50.54 4.96 -5.53
CA LYS A 414 51.82 5.67 -5.57
C LYS A 414 52.05 6.38 -6.91
N VAL A 415 51.19 7.34 -7.19
CA VAL A 415 51.35 8.26 -8.31
C VAL A 415 51.47 9.65 -7.69
N GLN A 416 52.64 10.25 -7.78
CA GLN A 416 52.93 11.46 -7.02
C GLN A 416 52.36 12.73 -7.65
N THR A 417 52.05 12.73 -8.94
CA THR A 417 51.81 13.95 -9.67
C THR A 417 50.32 14.20 -9.87
N PHE A 418 49.46 13.32 -9.34
CA PHE A 418 48.02 13.51 -9.52
C PHE A 418 47.45 14.72 -8.79
N PRO A 419 47.58 14.89 -7.44
CA PRO A 419 46.68 15.84 -6.78
C PRO A 419 47.04 17.31 -6.88
N PHE A 420 47.46 17.78 -8.04
CA PHE A 420 47.88 19.16 -8.27
C PHE A 420 46.87 19.89 -9.14
N LEU A 421 45.60 19.55 -9.01
CA LEU A 421 44.59 19.99 -9.97
C LEU A 421 44.30 21.47 -10.11
N GLY A 422 44.84 22.27 -9.20
CA GLY A 422 44.44 23.66 -9.13
C GLY A 422 45.19 24.51 -10.15
N ARG A 423 45.15 25.84 -9.94
CA ARG A 423 45.84 26.75 -10.84
C ARG A 423 47.25 27.09 -10.38
N VAL A 424 47.50 27.10 -9.08
CA VAL A 424 48.81 27.44 -8.53
C VAL A 424 49.73 26.24 -8.72
N ALA A 425 50.95 26.50 -9.23
CA ALA A 425 51.79 25.44 -9.78
C ALA A 425 52.39 24.53 -8.71
N GLY A 426 52.53 25.01 -7.48
CA GLY A 426 53.16 24.22 -6.44
C GLY A 426 52.28 23.77 -5.30
N LEU A 427 50.99 23.56 -5.52
CA LEU A 427 50.04 23.32 -4.44
C LEU A 427 49.28 22.02 -4.70
N CYS A 428 49.22 21.15 -3.69
CA CYS A 428 48.46 19.91 -3.79
C CYS A 428 47.17 20.02 -2.97
N SER A 429 46.20 19.17 -3.32
CA SER A 429 44.83 19.27 -2.85
C SER A 429 44.54 18.27 -1.73
N ASN A 430 43.53 18.59 -0.92
CA ASN A 430 43.27 17.83 0.31
C ASN A 430 41.79 17.82 0.66
N ILE A 431 41.37 16.72 1.30
CA ILE A 431 39.98 16.44 1.64
C ILE A 431 39.70 16.95 3.04
N ARG A 432 38.59 17.66 3.23
CA ARG A 432 38.32 18.32 4.51
C ARG A 432 36.82 18.38 4.79
N ASP A 433 36.42 17.99 5.99
CA ASP A 433 34.99 17.88 6.31
C ASP A 433 34.41 19.23 6.70
N SER A 434 33.11 19.39 6.48
CA SER A 434 32.40 20.60 6.88
C SER A 434 30.93 20.28 7.10
N SER A 435 30.29 21.07 7.95
CA SER A 435 28.88 20.91 8.21
C SER A 435 28.16 22.25 8.12
N PHE A 436 26.90 22.19 7.75
CA PHE A 436 26.03 23.35 7.69
C PHE A 436 24.72 22.97 8.35
N GLN A 437 24.12 23.90 9.09
CA GLN A 437 22.82 23.64 9.67
C GLN A 437 22.02 24.92 9.83
N SER A 438 20.72 24.80 9.58
CA SER A 438 19.79 25.89 9.76
C SER A 438 18.39 25.29 9.92
N LYS A 439 17.47 26.10 10.43
CA LYS A 439 16.08 25.69 10.52
C LYS A 439 15.34 25.79 9.20
N GLN A 440 16.02 26.20 8.13
CA GLN A 440 15.37 26.43 6.85
C GLN A 440 15.63 25.28 5.90
N THR A 441 16.85 24.75 5.91
CA THR A 441 17.23 23.63 5.07
C THR A 441 17.59 22.39 5.88
N GLY A 442 17.62 22.49 7.20
CA GLY A 442 18.05 21.36 7.99
C GLY A 442 19.55 21.34 8.14
N ARG A 443 20.13 20.17 8.35
CA ARG A 443 21.55 20.01 8.59
C ARG A 443 22.13 19.04 7.58
N ARG A 444 23.27 19.41 6.98
CA ARG A 444 23.96 18.57 6.00
C ARG A 444 25.47 18.61 6.22
N ASP A 445 26.09 17.44 6.05
CA ASP A 445 27.52 17.25 6.27
C ASP A 445 28.19 16.81 4.97
N THR A 446 29.16 17.60 4.51
CA THR A 446 29.75 17.42 3.21
C THR A 446 31.27 17.42 3.39
N LYS A 447 31.99 16.83 2.44
CA LYS A 447 33.43 17.00 2.31
C LYS A 447 33.68 18.11 1.31
N VAL A 448 34.84 18.74 1.38
CA VAL A 448 35.27 19.68 0.36
C VAL A 448 36.69 19.30 -0.05
N VAL A 449 37.02 19.63 -1.31
CA VAL A 449 38.33 19.38 -1.91
C VAL A 449 38.83 20.70 -2.47
N SER A 450 40.10 21.02 -2.23
CA SER A 450 40.63 22.35 -2.51
C SER A 450 41.07 22.49 -3.96
N MET A 451 40.56 23.52 -4.63
CA MET A 451 40.95 23.92 -5.98
C MET A 451 41.04 25.44 -5.99
N VAL A 452 42.22 25.99 -6.20
CA VAL A 452 42.38 27.44 -6.20
C VAL A 452 42.27 27.96 -7.63
N GLY A 453 41.51 29.04 -7.81
CA GLY A 453 41.20 29.54 -9.13
C GLY A 453 39.90 29.03 -9.70
N ARG A 454 39.61 27.74 -9.57
CA ARG A 454 38.45 27.12 -10.18
C ARG A 454 37.27 27.11 -9.21
N VAL A 455 36.07 27.03 -9.78
CA VAL A 455 34.81 27.08 -9.04
C VAL A 455 34.09 25.74 -9.21
N GLN A 456 33.43 25.28 -8.15
CA GLN A 456 32.69 24.01 -8.14
C GLN A 456 31.20 24.26 -8.02
N MET A 457 30.40 23.54 -8.81
CA MET A 457 28.94 23.58 -8.70
C MET A 457 28.42 22.15 -8.84
N ASP A 458 28.32 21.44 -7.72
CA ASP A 458 27.57 20.19 -7.69
C ASP A 458 26.09 20.52 -7.81
N MET A 459 25.41 19.95 -8.81
CA MET A 459 23.99 20.26 -9.02
C MET A 459 23.10 19.62 -7.97
N LEU A 460 23.59 18.57 -7.30
CA LEU A 460 22.83 17.94 -6.23
C LEU A 460 22.61 18.90 -5.07
N GLN A 461 23.64 19.66 -4.69
CA GLN A 461 23.52 20.60 -3.58
C GLN A 461 22.63 21.78 -3.94
N VAL A 462 22.62 22.19 -5.20
CA VAL A 462 21.73 23.26 -5.64
C VAL A 462 20.27 22.81 -5.61
N LEU A 463 20.01 21.55 -5.99
CA LEU A 463 18.66 21.01 -5.90
C LEU A 463 18.21 20.87 -4.45
N LEU A 464 19.09 20.30 -3.61
CA LEU A 464 18.79 20.09 -2.19
C LEU A 464 18.62 21.39 -1.43
N ARG A 465 19.19 22.47 -1.90
CA ARG A 465 18.98 23.75 -1.25
C ARG A 465 17.74 24.48 -1.75
N GLU A 466 17.43 24.39 -3.05
CA GLU A 466 16.34 25.27 -3.49
C GLU A 466 15.00 24.56 -3.51
N TYR A 467 14.97 23.26 -3.84
CA TYR A 467 13.75 22.56 -4.20
C TYR A 467 13.34 21.55 -3.14
N LYS A 468 12.02 21.41 -2.94
CA LYS A 468 11.43 20.48 -1.98
C LYS A 468 10.68 19.39 -2.76
N LEU A 469 11.34 18.26 -2.97
CA LEU A 469 10.84 17.17 -3.79
C LEU A 469 10.73 15.89 -2.95
N ARG A 470 10.36 14.81 -3.62
CA ARG A 470 10.05 13.54 -2.98
C ARG A 470 11.21 12.56 -3.01
N SER A 471 11.92 12.48 -4.13
CA SER A 471 13.16 11.75 -4.21
C SER A 471 14.18 12.62 -4.94
N TYR A 472 15.43 12.53 -4.53
CA TYR A 472 16.50 13.33 -5.10
C TYR A 472 17.51 12.48 -5.86
N THR A 473 17.04 11.48 -6.59
CA THR A 473 17.89 10.70 -7.46
C THR A 473 17.92 11.37 -8.85
N LEU A 474 18.97 11.07 -9.62
CA LEU A 474 19.12 11.65 -10.95
C LEU A 474 17.99 11.23 -11.87
N ASN A 475 17.52 9.99 -11.71
CA ASN A 475 16.39 9.50 -12.48
C ASN A 475 15.12 10.22 -12.10
N ALA A 476 14.91 10.48 -10.82
CA ALA A 476 13.69 11.13 -10.36
C ALA A 476 13.63 12.59 -10.76
N VAL A 477 14.75 13.30 -10.69
CA VAL A 477 14.69 14.72 -11.08
C VAL A 477 14.75 14.86 -12.60
N SER A 478 15.33 13.89 -13.30
CA SER A 478 15.29 13.92 -14.75
C SER A 478 13.91 13.57 -15.27
N PHE A 479 13.13 12.77 -14.54
CA PHE A 479 11.74 12.62 -14.94
C PHE A 479 10.92 13.84 -14.57
N HIS A 480 11.15 14.40 -13.38
CA HIS A 480 10.37 15.53 -12.91
C HIS A 480 10.60 16.78 -13.75
N PHE A 481 11.79 16.94 -14.34
CA PHE A 481 12.09 18.12 -15.13
C PHE A 481 12.18 17.86 -16.63
N LEU A 482 12.63 16.67 -17.05
CA LEU A 482 12.75 16.37 -18.48
C LEU A 482 11.83 15.26 -18.96
N GLY A 483 11.89 14.07 -18.36
CA GLY A 483 11.06 12.98 -18.85
C GLY A 483 11.60 11.59 -19.17
N GLU A 484 12.65 11.10 -18.52
CA GLU A 484 12.97 9.65 -18.64
C GLU A 484 12.01 8.85 -17.80
N HIS A 491 25.77 -2.29 -10.22
CA HIS A 491 27.20 -2.23 -9.92
C HIS A 491 27.87 -3.54 -10.21
N SER A 492 27.14 -4.64 -10.07
CA SER A 492 27.73 -5.94 -10.29
C SER A 492 27.57 -6.45 -11.71
N ILE A 493 26.71 -5.81 -12.51
CA ILE A 493 26.59 -6.10 -13.94
C ILE A 493 27.72 -5.44 -14.72
N ILE A 494 28.06 -4.21 -14.33
CA ILE A 494 29.15 -3.42 -14.89
C ILE A 494 30.49 -4.14 -14.80
N THR A 495 30.72 -4.87 -13.71
CA THR A 495 31.97 -5.61 -13.56
C THR A 495 32.08 -6.76 -14.55
N ASP A 496 30.97 -7.24 -15.10
CA ASP A 496 31.07 -8.22 -16.18
C ASP A 496 30.82 -7.62 -17.56
N LEU A 497 30.35 -6.37 -17.65
CA LEU A 497 30.46 -5.67 -18.93
C LEU A 497 31.87 -5.17 -19.17
N GLN A 498 32.72 -5.18 -18.14
CA GLN A 498 34.09 -4.72 -18.33
C GLN A 498 35.06 -5.88 -18.45
N ASN A 499 34.74 -7.03 -17.89
CA ASN A 499 35.58 -8.21 -18.03
C ASN A 499 35.21 -9.05 -19.26
N GLY A 500 34.58 -8.46 -20.26
CA GLY A 500 34.08 -9.20 -21.40
C GLY A 500 34.76 -8.93 -22.72
N ASN A 501 34.09 -8.21 -23.60
CA ASN A 501 34.61 -7.84 -24.91
C ASN A 501 34.60 -6.32 -25.04
N ASP A 502 34.94 -5.85 -26.23
CA ASP A 502 35.07 -4.42 -26.44
C ASP A 502 33.81 -3.74 -26.96
N GLN A 503 32.82 -4.47 -27.46
CA GLN A 503 31.53 -3.85 -27.71
C GLN A 503 30.72 -3.67 -26.43
N THR A 504 30.91 -4.55 -25.45
CA THR A 504 30.34 -4.33 -24.12
C THR A 504 30.93 -3.09 -23.46
N ARG A 505 32.25 -2.91 -23.57
CA ARG A 505 32.91 -1.70 -23.06
C ARG A 505 32.46 -0.46 -23.82
N ARG A 506 32.18 -0.59 -25.13
CA ARG A 506 31.63 0.54 -25.86
C ARG A 506 30.23 0.90 -25.39
N ARG A 507 29.42 -0.10 -25.02
CA ARG A 507 28.09 0.17 -24.47
C ARG A 507 28.19 0.86 -23.10
N LEU A 508 29.15 0.42 -22.29
CA LEU A 508 29.44 1.03 -21.00
C LEU A 508 29.86 2.49 -21.13
N ALA A 509 30.67 2.79 -22.15
CA ALA A 509 31.13 4.16 -22.38
C ALA A 509 29.99 5.07 -22.86
N VAL A 510 29.09 4.55 -23.69
CA VAL A 510 27.95 5.37 -24.13
C VAL A 510 27.01 5.68 -22.96
N TYR A 511 26.84 4.70 -22.06
CA TYR A 511 26.05 4.92 -20.85
C TYR A 511 26.68 5.99 -19.95
N CYS A 512 28.00 5.90 -19.75
CA CYS A 512 28.72 6.86 -18.92
C CYS A 512 28.68 8.27 -19.51
N LEU A 513 28.77 8.39 -20.83
CA LEU A 513 28.70 9.71 -21.46
C LEU A 513 27.31 10.33 -21.36
N LYS A 514 26.25 9.51 -21.43
CA LYS A 514 24.91 10.06 -21.20
C LYS A 514 24.73 10.55 -19.76
N ASP A 515 25.28 9.80 -18.80
CA ASP A 515 25.30 10.23 -17.39
C ASP A 515 26.03 11.55 -17.23
N ALA A 516 27.23 11.67 -17.82
CA ALA A 516 28.00 12.91 -17.73
C ALA A 516 27.40 14.06 -18.52
N TYR A 517 26.45 13.80 -19.41
CA TYR A 517 25.82 14.90 -20.15
C TYR A 517 24.58 15.47 -19.47
N LEU A 518 23.83 14.66 -18.73
CA LEU A 518 22.60 15.16 -18.10
C LEU A 518 22.71 16.40 -17.17
N PRO A 519 23.73 16.58 -16.30
CA PRO A 519 23.75 17.79 -15.47
C PRO A 519 24.03 19.08 -16.23
N LEU A 520 24.73 19.05 -17.38
CA LEU A 520 24.86 20.24 -18.22
C LEU A 520 23.51 20.73 -18.71
N ARG A 521 22.70 19.81 -19.25
CA ARG A 521 21.35 20.13 -19.71
C ARG A 521 20.50 20.70 -18.59
N LEU A 522 20.66 20.14 -17.38
CA LEU A 522 19.90 20.66 -16.24
C LEU A 522 20.38 22.05 -15.83
N LEU A 523 21.69 22.29 -15.92
CA LEU A 523 22.26 23.59 -15.55
C LEU A 523 21.82 24.69 -16.51
N GLU A 524 21.80 24.40 -17.81
CA GLU A 524 21.40 25.44 -18.76
C GLU A 524 19.89 25.56 -18.86
N ARG A 525 19.13 24.51 -18.57
CA ARG A 525 17.69 24.59 -18.73
C ARG A 525 17.03 25.27 -17.54
N LEU A 526 17.56 25.10 -16.34
CA LEU A 526 16.90 25.61 -15.15
C LEU A 526 17.28 27.05 -14.83
N MET A 527 18.12 27.68 -15.67
CA MET A 527 18.63 29.04 -15.48
C MET A 527 19.34 29.19 -14.15
N VAL A 528 20.21 28.22 -13.83
CA VAL A 528 20.95 28.23 -12.58
C VAL A 528 21.97 29.35 -12.57
N LEU A 529 22.89 29.35 -13.55
CA LEU A 529 24.09 30.15 -13.48
C LEU A 529 23.79 31.64 -13.72
N VAL A 530 22.80 31.93 -14.54
CA VAL A 530 22.37 33.30 -14.77
C VAL A 530 21.79 33.91 -13.49
N ASN A 531 21.05 33.11 -12.74
CA ASN A 531 20.50 33.58 -11.48
C ASN A 531 21.56 33.68 -10.40
N ALA A 532 22.58 32.82 -10.42
CA ALA A 532 23.69 32.94 -9.48
C ALA A 532 24.50 34.21 -9.73
N VAL A 533 24.73 34.54 -11.01
CA VAL A 533 25.46 35.77 -11.35
C VAL A 533 24.64 37.02 -10.95
N GLU A 534 23.32 36.99 -11.18
CA GLU A 534 22.49 38.12 -10.77
C GLU A 534 22.38 38.25 -9.25
N MET A 535 22.37 37.13 -8.54
CA MET A 535 22.36 37.19 -7.08
C MET A 535 23.65 37.79 -6.54
N ALA A 536 24.79 37.39 -7.11
CA ALA A 536 26.07 37.95 -6.69
C ALA A 536 26.22 39.42 -7.07
N ARG A 537 25.52 39.87 -8.12
CA ARG A 537 25.62 41.28 -8.45
C ARG A 537 24.67 42.14 -7.61
N VAL A 538 23.53 41.61 -7.20
CA VAL A 538 22.61 42.41 -6.41
C VAL A 538 23.03 42.44 -4.94
N THR A 539 23.58 41.35 -4.43
CA THR A 539 23.96 41.34 -3.02
C THR A 539 25.39 41.82 -2.75
N GLY A 540 26.34 41.54 -3.64
CA GLY A 540 27.69 41.97 -3.43
C GLY A 540 28.59 40.97 -2.74
N VAL A 541 28.23 39.69 -2.73
CA VAL A 541 29.04 38.64 -2.16
C VAL A 541 29.68 37.86 -3.30
N PRO A 542 30.81 37.17 -3.09
CA PRO A 542 31.39 36.36 -4.16
C PRO A 542 30.54 35.18 -4.64
N LEU A 543 31.03 34.49 -5.66
CA LEU A 543 30.30 33.39 -6.27
C LEU A 543 30.50 32.06 -5.57
N SER A 544 31.46 31.96 -4.66
CA SER A 544 31.59 30.74 -3.89
C SER A 544 30.77 30.75 -2.61
N TYR A 545 30.27 31.92 -2.20
CA TYR A 545 29.50 32.00 -0.97
C TYR A 545 28.06 31.58 -1.15
N LEU A 546 27.56 31.52 -2.38
CA LEU A 546 26.19 31.11 -2.63
C LEU A 546 26.02 29.60 -2.68
N LEU A 547 27.06 28.85 -2.31
CA LEU A 547 26.99 27.40 -2.23
C LEU A 547 27.44 26.88 -0.88
N SER A 548 27.84 27.74 0.02
CA SER A 548 28.42 27.36 1.29
C SER A 548 27.77 28.01 2.49
N ARG A 549 27.14 29.16 2.31
CA ARG A 549 26.72 30.01 3.41
C ARG A 549 25.20 30.19 3.40
N GLY A 550 24.73 31.05 4.28
CA GLY A 550 23.30 31.26 4.42
C GLY A 550 22.88 32.64 4.00
N GLN A 551 21.92 33.20 4.70
CA GLN A 551 21.38 34.50 4.35
C GLN A 551 21.86 35.62 5.28
N GLN A 552 22.92 35.40 6.05
CA GLN A 552 23.42 36.45 6.96
C GLN A 552 24.53 37.27 6.33
N VAL A 553 25.47 36.60 5.64
CA VAL A 553 26.62 37.29 5.04
C VAL A 553 26.18 38.32 4.01
N LYS A 554 25.05 38.07 3.35
CA LYS A 554 24.56 38.98 2.33
C LYS A 554 23.95 40.23 2.94
N VAL A 555 23.22 40.10 4.06
CA VAL A 555 22.61 41.28 4.66
C VAL A 555 23.64 42.07 5.47
N VAL A 556 24.65 41.39 6.04
CA VAL A 556 25.82 42.07 6.60
C VAL A 556 26.55 42.88 5.53
N SER A 557 26.74 42.28 4.35
CA SER A 557 27.43 42.94 3.26
C SER A 557 26.69 44.19 2.78
N GLN A 558 25.38 44.07 2.55
CA GLN A 558 24.61 45.22 2.08
C GLN A 558 24.51 46.32 3.14
N LEU A 559 24.47 45.95 4.42
CA LEU A 559 24.39 46.96 5.47
C LEU A 559 25.71 47.71 5.63
N LEU A 560 26.84 47.02 5.52
CA LEU A 560 28.15 47.69 5.53
C LEU A 560 28.32 48.60 4.31
N ARG A 561 27.88 48.14 3.14
CA ARG A 561 27.98 48.97 1.93
C ARG A 561 27.09 50.20 2.00
N GLN A 562 26.00 50.15 2.75
CA GLN A 562 25.21 51.35 2.96
C GLN A 562 25.71 52.19 4.14
N ALA A 563 26.56 51.63 4.99
CA ALA A 563 27.03 52.33 6.19
C ALA A 563 28.24 53.21 5.95
N MET A 564 29.01 52.97 4.89
CA MET A 564 30.18 53.80 4.61
C MET A 564 29.79 55.17 4.05
N HIS A 565 28.56 55.35 3.64
CA HIS A 565 28.16 56.57 2.96
C HIS A 565 27.64 57.66 3.89
N GLU A 566 27.47 57.38 5.18
CA GLU A 566 27.11 58.38 6.16
C GLU A 566 28.04 58.39 7.36
N GLY A 567 29.01 57.46 7.43
CA GLY A 567 29.96 57.43 8.51
C GLY A 567 29.43 56.90 9.82
N LEU A 568 29.05 55.63 9.86
CA LEU A 568 28.67 54.95 11.09
C LEU A 568 29.51 53.69 11.24
N LEU A 569 29.62 53.23 12.48
CA LEU A 569 30.29 51.97 12.78
C LEU A 569 29.30 51.03 13.43
N MET A 570 29.49 49.73 13.20
CA MET A 570 28.58 48.74 13.74
C MET A 570 29.08 48.25 15.09
N PRO A 571 28.19 47.98 16.05
CA PRO A 571 28.62 47.42 17.33
C PRO A 571 28.54 45.91 17.34
N VAL A 572 29.02 45.33 18.43
CA VAL A 572 28.97 43.89 18.65
C VAL A 572 28.12 43.63 19.88
N VAL A 573 26.85 43.28 19.68
CA VAL A 573 26.01 42.80 20.77
C VAL A 573 25.79 41.31 20.58
N LYS A 574 25.93 40.56 21.67
CA LYS A 574 25.76 39.12 21.66
C LYS A 574 25.13 38.73 22.99
N SER A 575 24.04 37.96 22.92
CA SER A 575 23.26 37.62 24.10
C SER A 575 22.73 36.21 23.98
N GLU A 576 22.83 35.45 25.06
CA GLU A 576 22.27 34.11 25.16
C GLU A 576 21.56 33.98 26.50
N GLY A 577 20.23 34.08 26.51
CA GLY A 577 19.43 34.38 25.33
C GLY A 577 18.13 35.03 25.72
N GLY A 578 17.55 35.81 24.81
CA GLY A 578 16.29 36.47 25.04
C GLY A 578 15.11 35.50 25.00
N GLU A 579 13.92 36.08 25.02
CA GLU A 579 12.70 35.28 24.94
C GLU A 579 12.05 35.44 23.58
N ASP A 580 11.00 34.64 23.36
CA ASP A 580 10.21 34.79 22.16
C ASP A 580 9.28 35.98 22.29
N TYR A 581 8.71 36.39 21.17
CA TYR A 581 7.68 37.40 21.09
C TYR A 581 6.48 36.81 20.36
N THR A 582 5.41 37.60 20.26
CA THR A 582 4.16 37.10 19.71
C THR A 582 4.13 37.29 18.20
N GLY A 583 3.84 36.21 17.47
CA GLY A 583 3.78 36.26 16.03
C GLY A 583 2.47 36.76 15.47
N ALA A 584 1.97 36.07 14.44
CA ALA A 584 0.89 36.56 13.59
C ALA A 584 -0.47 36.06 14.05
N THR A 585 -1.51 36.83 13.72
CA THR A 585 -2.88 36.45 14.01
C THR A 585 -3.49 35.63 12.88
N VAL A 586 -4.38 34.71 13.23
CA VAL A 586 -5.23 34.00 12.29
C VAL A 586 -6.67 34.26 12.72
N ILE A 587 -7.56 34.52 11.76
CA ILE A 587 -8.97 34.77 12.07
C ILE A 587 -9.72 33.44 12.12
N GLU A 588 -10.67 33.36 13.05
CA GLU A 588 -11.45 32.13 13.23
C GLU A 588 -12.38 31.88 12.05
N PRO A 589 -12.33 30.69 11.45
CA PRO A 589 -13.13 30.43 10.25
C PRO A 589 -14.61 30.26 10.54
N LEU A 590 -15.37 30.21 9.46
CA LEU A 590 -16.72 29.65 9.43
C LEU A 590 -16.59 28.43 8.52
N LYS A 591 -16.32 27.27 9.12
CA LYS A 591 -15.90 26.07 8.42
C LYS A 591 -17.00 25.55 7.50
N GLY A 592 -16.60 24.93 6.38
CA GLY A 592 -17.57 24.16 5.63
C GLY A 592 -17.38 24.01 4.13
N TYR A 593 -18.50 24.04 3.41
CA TYR A 593 -18.56 23.99 1.96
C TYR A 593 -19.35 25.20 1.51
N TYR A 594 -18.77 25.99 0.63
CA TYR A 594 -19.42 27.18 0.11
C TYR A 594 -19.65 27.00 -1.38
N ASP A 595 -20.75 27.59 -1.87
CA ASP A 595 -21.08 27.49 -3.29
C ASP A 595 -21.55 28.84 -3.81
N VAL A 596 -21.23 29.88 -3.09
CA VAL A 596 -21.39 31.27 -3.52
C VAL A 596 -19.99 31.89 -3.49
N PRO A 597 -19.62 32.66 -4.52
CA PRO A 597 -18.22 33.12 -4.65
C PRO A 597 -17.66 33.95 -3.51
N ILE A 598 -16.43 33.64 -3.14
CA ILE A 598 -15.65 34.38 -2.13
C ILE A 598 -14.47 35.04 -2.85
N ALA A 599 -14.25 36.32 -2.58
CA ALA A 599 -13.18 37.10 -3.18
C ALA A 599 -12.03 37.34 -2.19
N THR A 600 -10.80 37.20 -2.68
CA THR A 600 -9.59 37.27 -1.89
C THR A 600 -8.90 38.61 -2.11
N LEU A 601 -8.64 39.33 -1.02
CA LEU A 601 -7.94 40.61 -1.06
C LEU A 601 -6.72 40.50 -0.16
N ASP A 602 -5.55 40.86 -0.68
CA ASP A 602 -4.39 40.76 0.19
C ASP A 602 -3.42 41.91 -0.02
N PHE A 603 -2.51 42.06 0.94
CA PHE A 603 -1.45 43.04 0.87
C PHE A 603 -0.22 42.41 0.24
N SER A 604 0.46 43.18 -0.59
CA SER A 604 1.66 42.73 -1.29
C SER A 604 2.90 43.35 -0.67
N SER A 605 3.91 42.51 -0.39
CA SER A 605 5.14 42.85 0.34
C SER A 605 4.82 43.57 1.65
N LEU A 606 4.24 42.81 2.58
CA LEU A 606 3.65 43.41 3.78
C LEU A 606 4.71 43.90 4.76
N TYR A 607 5.58 43.02 5.21
CA TYR A 607 6.56 43.42 6.21
C TYR A 607 7.64 44.37 5.72
N PRO A 608 8.21 44.23 4.50
CA PRO A 608 9.13 45.28 4.03
C PRO A 608 8.48 46.65 3.86
N SER A 609 7.18 46.71 3.57
CA SER A 609 6.54 48.02 3.45
C SER A 609 6.13 48.60 4.78
N ILE A 610 5.88 47.76 5.79
CA ILE A 610 5.76 48.24 7.17
C ILE A 610 7.08 48.88 7.61
N MET A 611 8.19 48.17 7.39
CA MET A 611 9.51 48.70 7.74
C MET A 611 9.87 49.94 6.93
N MET A 612 9.35 50.07 5.72
CA MET A 612 9.62 51.26 4.92
C MET A 612 8.81 52.47 5.37
N ALA A 613 7.49 52.34 5.50
CA ALA A 613 6.63 53.51 5.56
C ALA A 613 6.35 54.02 6.97
N HIS A 614 6.99 53.47 7.99
CA HIS A 614 6.92 54.03 9.34
C HIS A 614 8.30 54.35 9.88
N ASN A 615 9.34 54.25 9.04
CA ASN A 615 10.71 54.72 9.31
C ASN A 615 11.33 53.99 10.50
N LEU A 616 11.42 52.68 10.37
CA LEU A 616 11.94 51.81 11.41
C LEU A 616 13.34 51.38 11.01
N CYS A 617 14.30 51.52 11.92
CA CYS A 617 15.68 51.10 11.68
C CYS A 617 16.40 50.99 13.01
N TYR A 618 17.58 50.33 12.97
CA TYR A 618 18.53 50.39 14.06
C TYR A 618 18.89 51.83 14.38
N THR A 619 19.13 52.61 13.34
CA THR A 619 19.79 53.89 13.46
C THR A 619 18.81 55.00 13.80
N THR A 620 17.52 54.67 13.97
CA THR A 620 16.52 55.65 14.40
C THR A 620 15.64 55.12 15.52
N LEU A 621 16.03 54.03 16.18
CA LEU A 621 15.35 53.55 17.37
C LEU A 621 15.60 54.50 18.53
N LEU A 622 14.53 55.07 19.09
CA LEU A 622 14.64 56.03 20.17
C LEU A 622 14.58 55.30 21.51
N ARG A 623 15.62 55.48 22.35
CA ARG A 623 15.65 54.88 23.68
C ARG A 623 14.60 55.57 24.56
N PRO A 624 14.13 54.92 25.64
CA PRO A 624 13.02 55.50 26.41
C PRO A 624 13.32 56.82 27.11
N GLY A 625 14.59 57.15 27.32
CA GLY A 625 14.93 58.36 28.03
C GLY A 625 15.33 59.54 27.16
N THR A 626 15.87 59.28 25.96
CA THR A 626 16.45 60.37 25.20
C THR A 626 15.43 61.25 24.52
N ALA A 627 14.14 60.86 24.54
CA ALA A 627 13.11 61.82 24.17
C ALA A 627 13.02 62.91 25.22
N GLN A 628 13.15 62.54 26.48
CA GLN A 628 13.12 63.48 27.59
C GLN A 628 14.47 64.17 27.75
N LYS A 629 14.47 65.45 28.11
CA LYS A 629 13.30 66.27 28.45
C LYS A 629 12.83 67.15 27.30
N LEU A 630 13.11 66.76 26.06
CA LEU A 630 12.45 67.41 24.95
C LEU A 630 10.99 66.92 24.89
N GLY A 631 10.09 67.81 24.51
CA GLY A 631 8.69 67.46 24.54
C GLY A 631 8.01 67.36 23.19
N LEU A 632 8.80 67.42 22.12
CA LEU A 632 8.21 67.49 20.78
C LEU A 632 7.84 66.09 20.31
N THR A 633 6.56 65.74 20.46
CA THR A 633 6.03 64.45 20.06
C THR A 633 5.50 64.47 18.63
N GLU A 634 4.67 65.47 18.33
CA GLU A 634 4.00 65.60 17.05
C GLU A 634 5.01 65.80 15.93
N ASP A 635 4.87 64.97 14.88
CA ASP A 635 5.64 64.89 13.64
C ASP A 635 7.17 64.85 13.84
N GLN A 636 7.62 64.52 15.03
CA GLN A 636 9.02 64.18 15.25
C GLN A 636 9.19 62.71 15.61
N PHE A 637 8.26 62.12 16.37
CA PHE A 637 8.27 60.68 16.52
C PHE A 637 6.86 60.11 16.58
N ILE A 638 6.81 58.79 16.49
CA ILE A 638 5.59 57.99 16.48
C ILE A 638 5.70 56.93 17.58
N ARG A 639 4.59 56.24 17.81
CA ARG A 639 4.48 55.21 18.83
C ARG A 639 3.83 53.95 18.26
N THR A 640 4.36 52.81 18.67
CA THR A 640 3.99 51.51 18.13
C THR A 640 3.14 50.73 19.13
N PRO A 641 2.36 49.74 18.66
CA PRO A 641 1.52 48.95 19.60
C PRO A 641 2.28 48.17 20.65
N THR A 642 3.52 47.76 20.40
CA THR A 642 4.28 47.13 21.49
C THR A 642 4.77 48.19 22.48
N GLY A 643 5.11 49.37 22.01
CA GLY A 643 5.29 50.47 22.94
C GLY A 643 6.40 51.46 22.66
N ASP A 644 7.31 51.14 21.73
CA ASP A 644 8.48 51.94 21.41
C ASP A 644 8.10 53.29 20.82
N GLU A 645 9.07 54.18 20.73
CA GLU A 645 8.94 55.44 20.02
C GLU A 645 10.00 55.49 18.93
N PHE A 646 9.60 55.97 17.75
CA PHE A 646 10.48 55.97 16.59
C PHE A 646 10.41 57.31 15.89
N VAL A 647 11.56 57.85 15.50
CA VAL A 647 11.66 59.21 14.98
C VAL A 647 11.07 59.30 13.58
N LYS A 648 10.36 60.40 13.31
CA LYS A 648 9.82 60.68 11.97
C LYS A 648 10.95 60.89 10.96
N THR A 649 10.57 60.86 9.68
CA THR A 649 11.53 60.92 8.58
C THR A 649 12.03 62.32 8.28
N SER A 650 11.48 63.34 8.95
CA SER A 650 11.95 64.71 8.83
C SER A 650 13.19 64.98 9.67
N VAL A 651 13.72 63.96 10.36
CA VAL A 651 14.97 64.08 11.11
C VAL A 651 16.02 63.10 10.57
N ARG A 652 15.65 61.83 10.38
CA ARG A 652 16.58 60.83 9.89
C ARG A 652 15.93 59.99 8.81
N LYS A 653 16.78 59.32 8.03
CA LYS A 653 16.39 58.25 7.12
C LYS A 653 17.12 57.00 7.55
N GLY A 654 16.42 55.89 7.66
CA GLY A 654 17.05 54.67 8.10
C GLY A 654 17.82 53.99 7.01
N LEU A 655 18.53 52.95 7.39
CA LEU A 655 19.34 52.19 6.44
C LEU A 655 18.62 50.99 5.88
N LEU A 656 17.77 50.36 6.65
CA LEU A 656 16.98 49.22 6.19
C LEU A 656 15.86 49.59 5.20
N PRO A 657 15.21 50.77 5.29
CA PRO A 657 14.40 51.22 4.14
C PRO A 657 15.10 51.27 2.79
N GLN A 658 16.36 51.69 2.73
CA GLN A 658 17.02 51.83 1.43
C GLN A 658 17.45 50.48 0.85
N ILE A 659 17.97 49.58 1.70
CA ILE A 659 18.30 48.23 1.26
C ILE A 659 17.05 47.51 0.77
N LEU A 660 15.95 47.69 1.50
CA LEU A 660 14.70 47.04 1.12
C LEU A 660 14.15 47.62 -0.18
N GLU A 661 14.31 48.93 -0.39
CA GLU A 661 13.82 49.57 -1.61
C GLU A 661 14.59 49.10 -2.85
N ASN A 662 15.90 48.91 -2.73
CA ASN A 662 16.69 48.33 -3.81
C ASN A 662 16.24 46.90 -4.14
N LEU A 663 16.03 46.07 -3.11
CA LEU A 663 15.60 44.70 -3.36
C LEU A 663 14.20 44.63 -3.97
N LEU A 664 13.33 45.57 -3.58
CA LEU A 664 11.97 45.60 -4.09
C LEU A 664 11.93 46.01 -5.55
N SER A 665 12.78 46.97 -5.94
CA SER A 665 12.86 47.32 -7.36
C SER A 665 13.45 46.19 -8.20
N ALA A 666 14.42 45.44 -7.68
CA ALA A 666 14.95 44.30 -8.44
C ALA A 666 13.90 43.22 -8.67
N ARG A 667 13.08 42.93 -7.65
CA ARG A 667 12.01 41.94 -7.83
C ARG A 667 10.91 42.45 -8.77
N LYS A 668 10.63 43.77 -8.73
CA LYS A 668 9.65 44.35 -9.64
C LYS A 668 10.11 44.26 -11.10
N ARG A 669 11.41 44.46 -11.34
CA ARG A 669 11.95 44.29 -12.69
C ARG A 669 11.89 42.84 -13.14
N ALA A 670 12.12 41.90 -12.22
CA ALA A 670 12.01 40.48 -12.57
C ALA A 670 10.58 40.09 -12.93
N LYS A 671 9.60 40.66 -12.23
CA LYS A 671 8.20 40.36 -12.55
C LYS A 671 7.78 41.02 -13.86
N ALA A 672 8.27 42.24 -14.12
CA ALA A 672 8.00 42.92 -15.39
C ALA A 672 8.59 42.17 -16.57
N GLU A 673 9.73 41.49 -16.36
CA GLU A 673 10.26 40.60 -17.40
C GLU A 673 9.43 39.31 -17.50
N LEU A 674 8.90 38.83 -16.38
CA LEU A 674 8.16 37.57 -16.40
C LEU A 674 6.78 37.74 -17.03
N ALA A 675 6.27 38.97 -17.11
CA ALA A 675 4.94 39.19 -17.69
C ALA A 675 4.88 39.10 -19.21
N LYS A 676 5.92 38.59 -19.89
CA LYS A 676 5.93 38.50 -21.36
C LYS A 676 6.47 37.17 -21.86
N GLU A 677 6.34 36.10 -21.08
CA GLU A 677 6.74 34.76 -21.50
C GLU A 677 5.50 33.95 -21.86
N THR A 678 5.69 32.98 -22.78
CA THR A 678 4.63 32.06 -23.18
C THR A 678 4.90 30.61 -22.83
N ASP A 679 6.15 30.23 -22.61
CA ASP A 679 6.50 28.84 -22.32
C ASP A 679 6.23 28.57 -20.83
N PRO A 680 5.69 27.39 -20.47
CA PRO A 680 5.33 27.18 -19.05
C PRO A 680 6.52 26.97 -18.12
N LEU A 681 7.49 26.13 -18.52
CA LEU A 681 8.64 25.89 -17.65
C LEU A 681 9.50 27.14 -17.54
N ARG A 682 9.56 27.94 -18.59
CA ARG A 682 10.26 29.21 -18.50
C ARG A 682 9.52 30.18 -17.58
N ARG A 683 8.18 30.14 -17.62
CA ARG A 683 7.39 31.01 -16.74
C ARG A 683 7.60 30.64 -15.28
N GLN A 684 7.67 29.34 -14.97
CA GLN A 684 7.95 28.98 -13.59
C GLN A 684 9.41 29.21 -13.19
N VAL A 685 10.37 29.20 -14.12
CA VAL A 685 11.72 29.49 -13.62
C VAL A 685 11.93 31.00 -13.42
N LEU A 686 11.22 31.86 -14.17
CA LEU A 686 11.23 33.28 -13.80
C LEU A 686 10.44 33.53 -12.52
N ASP A 687 9.41 32.70 -12.25
CA ASP A 687 8.75 32.74 -10.95
C ASP A 687 9.73 32.34 -9.84
N GLY A 688 10.62 31.39 -10.12
CA GLY A 688 11.65 31.02 -9.16
C GLY A 688 12.61 32.15 -8.87
N ARG A 689 13.01 32.90 -9.91
CA ARG A 689 13.87 34.06 -9.72
C ARG A 689 13.21 35.13 -8.84
N GLN A 690 11.93 35.41 -9.09
CA GLN A 690 11.28 36.47 -8.30
C GLN A 690 10.96 35.99 -6.89
N LEU A 691 10.77 34.69 -6.73
CA LEU A 691 10.55 34.08 -5.42
C LEU A 691 11.82 34.25 -4.57
N ALA A 692 12.98 34.04 -5.20
CA ALA A 692 14.27 34.20 -4.53
C ALA A 692 14.49 35.65 -4.09
N LEU A 693 14.09 36.61 -4.91
CA LEU A 693 14.28 38.01 -4.48
C LEU A 693 13.30 38.41 -3.36
N LYS A 694 12.09 37.84 -3.36
CA LYS A 694 11.17 38.09 -2.25
C LYS A 694 11.63 37.42 -0.95
N VAL A 695 12.26 36.24 -1.04
CA VAL A 695 12.82 35.57 0.13
C VAL A 695 13.97 36.38 0.71
N SER A 696 14.78 36.99 -0.15
CA SER A 696 15.87 37.86 0.31
C SER A 696 15.33 39.07 1.06
N ALA A 697 14.29 39.71 0.51
CA ALA A 697 13.71 40.89 1.18
C ALA A 697 13.07 40.53 2.52
N ASN A 698 12.47 39.34 2.64
CA ASN A 698 11.87 38.98 3.93
C ASN A 698 12.91 38.51 4.95
N SER A 699 14.01 37.93 4.48
CA SER A 699 15.10 37.56 5.38
C SER A 699 15.84 38.76 5.93
N VAL A 700 15.74 39.92 5.25
CA VAL A 700 16.19 41.18 5.87
C VAL A 700 15.45 41.46 7.18
N TYR A 701 14.12 41.32 7.19
CA TYR A 701 13.36 41.49 8.43
C TYR A 701 13.65 40.38 9.43
N GLY A 702 13.80 39.14 8.97
CA GLY A 702 14.07 38.04 9.88
C GLY A 702 15.46 38.07 10.50
N PHE A 703 16.38 38.87 9.93
CA PHE A 703 17.67 39.10 10.56
C PHE A 703 17.54 39.77 11.92
N THR A 704 16.56 40.66 12.07
CA THR A 704 16.45 41.46 13.29
C THR A 704 16.08 40.61 14.50
N GLY A 705 15.18 39.65 14.33
CA GLY A 705 14.71 38.87 15.46
C GLY A 705 15.51 37.64 15.83
N ALA A 706 16.64 37.38 15.18
CA ALA A 706 17.40 36.15 15.42
C ALA A 706 18.35 36.37 16.58
N GLN A 707 17.93 35.92 17.77
CA GLN A 707 18.70 36.15 19.00
C GLN A 707 20.01 35.38 19.03
N VAL A 708 20.16 34.35 18.20
CA VAL A 708 21.45 33.74 17.92
C VAL A 708 21.82 34.19 16.52
N GLY A 709 22.75 35.12 16.42
CA GLY A 709 22.99 35.79 15.15
C GLY A 709 24.19 36.69 15.19
N LYS A 710 24.06 37.91 14.64
CA LYS A 710 25.16 38.84 14.73
C LYS A 710 24.74 40.22 15.21
N LEU A 711 23.46 40.60 15.03
CA LEU A 711 22.99 41.89 15.54
C LEU A 711 21.48 41.93 15.73
N PRO A 712 20.95 41.49 16.89
CA PRO A 712 19.49 41.43 17.09
C PRO A 712 18.86 42.64 17.78
N CYS A 713 17.65 43.01 17.36
CA CYS A 713 16.93 44.16 17.89
C CYS A 713 15.42 43.89 18.00
N LEU A 714 15.03 42.88 18.82
CA LEU A 714 13.66 42.37 18.94
C LEU A 714 12.56 43.42 19.14
N GLU A 715 12.90 44.63 19.58
CA GLU A 715 11.95 45.75 19.60
C GLU A 715 11.35 46.02 18.22
N ILE A 716 12.18 45.95 17.18
CA ILE A 716 11.75 46.21 15.82
C ILE A 716 10.80 45.12 15.34
N SER A 717 11.15 43.86 15.60
CA SER A 717 10.33 42.71 15.23
C SER A 717 8.93 42.79 15.86
N GLN A 718 8.89 43.14 17.15
CA GLN A 718 7.62 43.29 17.84
C GLN A 718 6.78 44.42 17.24
N SER A 719 7.43 45.52 16.86
CA SER A 719 6.70 46.62 16.22
C SER A 719 6.11 46.20 14.88
N VAL A 720 6.85 45.38 14.13
CA VAL A 720 6.40 44.88 12.83
C VAL A 720 5.14 44.03 12.97
N THR A 721 5.18 43.02 13.84
CA THR A 721 4.01 42.14 13.92
C THR A 721 2.82 42.81 14.61
N GLY A 722 3.06 43.77 15.50
CA GLY A 722 1.97 44.56 16.03
C GLY A 722 1.27 45.39 14.97
N PHE A 723 2.04 45.99 14.06
CA PHE A 723 1.43 46.72 12.95
C PHE A 723 0.66 45.79 12.02
N GLY A 724 1.18 44.57 11.82
CA GLY A 724 0.48 43.60 11.00
C GLY A 724 -0.90 43.22 11.54
N ARG A 725 -0.96 42.90 12.83
CA ARG A 725 -2.22 42.54 13.49
C ARG A 725 -3.22 43.68 13.43
N GLN A 726 -2.76 44.89 13.73
CA GLN A 726 -3.63 46.07 13.70
C GLN A 726 -4.21 46.30 12.31
N MET A 727 -3.40 46.13 11.27
CA MET A 727 -3.90 46.41 9.92
C MET A 727 -4.86 45.35 9.41
N ILE A 728 -4.67 44.07 9.77
CA ILE A 728 -5.59 43.05 9.26
C ILE A 728 -6.94 43.15 9.97
N GLU A 729 -6.96 43.47 11.27
CA GLU A 729 -8.28 43.62 11.90
C GLU A 729 -8.96 44.91 11.42
N LYS A 730 -8.16 45.91 11.03
CA LYS A 730 -8.72 47.09 10.37
C LYS A 730 -9.38 46.73 9.05
N THR A 731 -8.74 45.85 8.28
CA THR A 731 -9.28 45.39 7.00
C THR A 731 -10.61 44.68 7.18
N LYS A 732 -10.69 43.79 8.19
CA LYS A 732 -11.91 42.99 8.37
C LYS A 732 -13.07 43.83 8.85
N GLN A 733 -12.82 44.74 9.80
CA GLN A 733 -13.86 45.68 10.26
C GLN A 733 -14.37 46.53 9.09
N LEU A 734 -13.46 47.05 8.26
CA LEU A 734 -13.85 47.95 7.20
C LEU A 734 -14.65 47.24 6.10
N VAL A 735 -14.21 46.03 5.71
CA VAL A 735 -14.88 45.30 4.64
C VAL A 735 -16.26 44.86 5.07
N GLU A 736 -16.39 44.30 6.28
CA GLU A 736 -17.72 43.87 6.70
C GLU A 736 -18.61 45.05 7.10
N SER A 737 -18.06 46.22 7.38
CA SER A 737 -18.90 47.31 7.82
C SER A 737 -19.45 48.16 6.69
N LYS A 738 -18.73 48.31 5.57
CA LYS A 738 -19.25 49.28 4.61
C LYS A 738 -20.33 48.73 3.70
N TYR A 739 -20.16 47.54 3.11
CA TYR A 739 -21.06 47.12 2.03
C TYR A 739 -22.18 46.31 2.67
N THR A 740 -23.31 46.96 2.91
CA THR A 740 -24.38 46.38 3.70
C THR A 740 -25.73 46.70 3.05
N VAL A 741 -26.79 46.14 3.63
CA VAL A 741 -28.12 46.27 3.03
C VAL A 741 -28.67 47.67 3.18
N GLU A 742 -28.31 48.37 4.27
CA GLU A 742 -28.79 49.73 4.46
C GLU A 742 -28.02 50.74 3.63
N ASN A 743 -26.81 50.40 3.18
CA ASN A 743 -25.98 51.34 2.43
C ASN A 743 -26.19 51.24 0.93
N GLY A 744 -27.37 50.81 0.49
CA GLY A 744 -27.72 50.80 -0.91
C GLY A 744 -27.26 49.58 -1.67
N TYR A 745 -26.37 48.78 -1.09
CA TYR A 745 -25.85 47.61 -1.78
C TYR A 745 -26.86 46.47 -1.68
N SER A 746 -26.49 45.29 -2.17
CA SER A 746 -27.44 44.18 -2.21
C SER A 746 -27.50 43.46 -0.86
N THR A 747 -26.39 42.88 -0.43
CA THR A 747 -26.33 42.01 0.74
C THR A 747 -25.17 42.46 1.62
N SER A 748 -25.35 42.39 2.95
CA SER A 748 -24.24 42.66 3.85
C SER A 748 -23.27 41.50 3.81
N ALA A 749 -22.03 41.78 3.41
CA ALA A 749 -21.03 40.73 3.29
C ALA A 749 -20.53 40.32 4.67
N LYS A 750 -19.87 39.16 4.71
CA LYS A 750 -19.39 38.58 5.95
C LYS A 750 -18.08 37.87 5.68
N VAL A 751 -17.03 38.20 6.44
CA VAL A 751 -15.72 37.61 6.24
C VAL A 751 -15.69 36.20 6.79
N VAL A 752 -15.22 35.25 5.99
CA VAL A 752 -15.21 33.85 6.41
C VAL A 752 -13.83 33.44 6.90
N TYR A 753 -12.77 34.18 6.51
CA TYR A 753 -11.41 33.74 6.79
C TYR A 753 -10.41 34.88 6.58
N GLY A 754 -9.32 34.82 7.34
CA GLY A 754 -8.17 35.70 7.17
C GLY A 754 -6.92 35.17 7.87
N ASP A 755 -5.79 35.15 7.17
CA ASP A 755 -4.53 34.57 7.66
C ASP A 755 -3.41 35.57 7.38
N THR A 756 -3.29 36.60 8.23
CA THR A 756 -2.16 37.51 8.48
C THR A 756 -1.70 38.36 7.31
N ASP A 757 -2.13 38.06 6.08
CA ASP A 757 -1.92 38.95 4.96
C ASP A 757 -3.11 39.04 4.04
N SER A 758 -4.06 38.11 4.13
CA SER A 758 -5.15 38.00 3.17
C SER A 758 -6.48 38.00 3.89
N VAL A 759 -7.53 38.29 3.14
CA VAL A 759 -8.90 38.34 3.65
C VAL A 759 -9.78 37.71 2.59
N MET A 760 -10.57 36.71 2.97
CA MET A 760 -11.44 36.01 2.02
C MET A 760 -12.87 36.40 2.33
N CYS A 761 -13.37 37.45 1.70
CA CYS A 761 -14.69 37.97 2.01
C CYS A 761 -15.73 37.36 1.08
N ARG A 762 -16.87 36.98 1.66
CA ARG A 762 -17.96 36.34 0.92
C ARG A 762 -19.03 37.38 0.66
N PHE A 763 -19.30 37.64 -0.61
CA PHE A 763 -20.03 38.84 -1.00
C PHE A 763 -21.53 38.62 -1.10
N GLY A 764 -21.97 37.48 -1.66
CA GLY A 764 -23.38 37.12 -1.70
C GLY A 764 -23.88 36.80 -3.09
N VAL A 765 -23.36 37.49 -4.11
CA VAL A 765 -23.81 37.24 -5.46
C VAL A 765 -23.20 35.94 -5.98
N SER A 766 -23.92 35.26 -6.86
CA SER A 766 -23.43 34.04 -7.48
C SER A 766 -23.01 34.24 -8.92
N SER A 767 -22.82 35.49 -9.35
CA SER A 767 -22.30 35.80 -10.66
C SER A 767 -20.87 36.29 -10.53
N VAL A 768 -19.95 35.62 -11.22
CA VAL A 768 -18.52 35.84 -11.03
C VAL A 768 -18.13 37.23 -11.54
N ALA A 769 -18.86 37.77 -12.52
CA ALA A 769 -18.57 39.11 -13.01
C ALA A 769 -18.86 40.17 -11.96
N GLU A 770 -20.01 40.05 -11.26
CA GLU A 770 -20.37 41.04 -10.24
C GLU A 770 -19.50 40.92 -8.99
N ALA A 771 -19.08 39.70 -8.65
CA ALA A 771 -18.14 39.50 -7.54
C ALA A 771 -16.78 40.09 -7.87
N MET A 772 -16.30 39.90 -9.10
CA MET A 772 -15.03 40.48 -9.51
C MET A 772 -15.09 42.01 -9.50
N ALA A 773 -16.21 42.58 -9.95
CA ALA A 773 -16.34 44.03 -9.99
C ALA A 773 -16.37 44.64 -8.59
N LEU A 774 -17.20 44.08 -7.69
CA LEU A 774 -17.22 44.59 -6.32
C LEU A 774 -15.93 44.32 -5.57
N GLY A 775 -15.23 43.21 -5.86
CA GLY A 775 -13.98 42.94 -5.16
C GLY A 775 -12.88 43.89 -5.56
N ARG A 776 -12.82 44.25 -6.85
CA ARG A 776 -11.85 45.24 -7.29
C ARG A 776 -12.16 46.61 -6.69
N GLU A 777 -13.45 46.96 -6.60
CA GLU A 777 -13.84 48.20 -5.94
C GLU A 777 -13.45 48.20 -4.47
N ALA A 778 -13.58 47.05 -3.79
CA ALA A 778 -13.26 46.97 -2.36
C ALA A 778 -11.76 47.09 -2.11
N ALA A 779 -10.94 46.38 -2.90
CA ALA A 779 -9.49 46.44 -2.76
C ALA A 779 -8.98 47.85 -2.96
N ASP A 780 -9.40 48.49 -4.06
CA ASP A 780 -8.95 49.84 -4.33
C ASP A 780 -9.54 50.85 -3.33
N TRP A 781 -10.69 50.54 -2.73
CA TRP A 781 -11.27 51.46 -1.76
C TRP A 781 -10.50 51.41 -0.44
N VAL A 782 -10.24 50.20 0.06
CA VAL A 782 -9.64 50.05 1.38
C VAL A 782 -8.19 50.50 1.37
N SER A 783 -7.50 50.39 0.22
CA SER A 783 -6.09 50.80 0.14
C SER A 783 -5.86 52.27 0.42
N GLY A 784 -6.87 53.12 0.34
CA GLY A 784 -6.68 54.54 0.57
C GLY A 784 -6.81 54.99 2.01
N HIS A 785 -6.25 54.22 2.96
CA HIS A 785 -6.32 54.50 4.39
C HIS A 785 -4.97 54.26 5.06
N PHE A 786 -3.89 54.53 4.35
CA PHE A 786 -2.58 54.07 4.77
C PHE A 786 -1.53 55.03 4.26
N PRO A 787 -0.30 54.93 4.75
CA PRO A 787 0.84 55.49 4.00
C PRO A 787 1.15 54.67 2.76
N SER A 788 2.11 55.14 2.01
CA SER A 788 2.56 54.37 0.85
C SER A 788 3.94 53.80 1.10
N PRO A 789 4.33 52.65 0.52
CA PRO A 789 3.71 51.76 -0.48
C PRO A 789 2.74 50.71 0.06
N ILE A 790 1.87 51.05 1.00
CA ILE A 790 0.90 50.08 1.50
C ILE A 790 -0.30 50.06 0.55
N ARG A 791 -0.54 48.91 -0.07
CA ARG A 791 -1.67 48.75 -0.97
C ARG A 791 -2.25 47.34 -0.85
N LEU A 792 -3.57 47.27 -0.83
CA LEU A 792 -4.35 46.02 -0.88
C LEU A 792 -4.73 45.78 -2.33
N GLU A 793 -4.82 44.50 -2.73
CA GLU A 793 -5.14 44.18 -4.11
C GLU A 793 -6.04 42.95 -4.20
N PHE A 794 -6.92 42.99 -5.19
CA PHE A 794 -7.73 41.84 -5.59
C PHE A 794 -6.83 40.75 -6.12
N GLU A 795 -7.15 39.49 -5.85
CA GLU A 795 -6.28 38.46 -6.39
C GLU A 795 -7.00 37.32 -7.09
N LYS A 796 -8.20 36.93 -6.66
CA LYS A 796 -8.90 35.77 -7.21
C LYS A 796 -10.35 35.79 -6.77
N VAL A 797 -11.12 34.85 -7.33
CA VAL A 797 -12.47 34.53 -6.88
C VAL A 797 -12.56 33.01 -6.86
N TYR A 798 -12.90 32.44 -5.70
CA TYR A 798 -13.08 31.00 -5.57
C TYR A 798 -14.55 30.65 -5.73
N PHE A 799 -14.83 29.62 -6.55
CA PHE A 799 -16.20 29.26 -6.86
C PHE A 799 -16.30 27.83 -7.38
N PRO A 800 -16.61 26.82 -6.55
CA PRO A 800 -16.97 26.80 -5.13
C PRO A 800 -15.78 26.82 -4.16
N TYR A 801 -16.02 26.71 -2.85
CA TYR A 801 -14.96 26.84 -1.85
C TYR A 801 -15.10 25.75 -0.79
N LEU A 802 -14.00 25.30 -0.20
CA LEU A 802 -14.05 24.21 0.76
C LEU A 802 -13.04 24.48 1.89
N LEU A 803 -13.54 24.78 3.09
CA LEU A 803 -12.71 25.22 4.20
C LEU A 803 -12.77 24.15 5.29
N ILE A 804 -11.62 23.55 5.62
CA ILE A 804 -11.62 22.41 6.53
C ILE A 804 -11.15 22.81 7.93
N SER A 805 -10.08 23.56 8.03
CA SER A 805 -9.53 23.98 9.32
C SER A 805 -8.68 25.22 9.10
N LYS A 806 -7.82 25.53 10.05
CA LYS A 806 -6.79 26.54 9.83
C LYS A 806 -5.69 25.92 8.98
N LYS A 807 -5.27 26.66 7.95
CA LYS A 807 -4.22 26.26 6.99
C LYS A 807 -4.58 25.00 6.20
N ARG A 808 -5.88 24.76 5.98
CA ARG A 808 -6.36 23.63 5.19
C ARG A 808 -7.61 24.06 4.43
N TYR A 809 -7.50 24.26 3.11
CA TYR A 809 -8.66 24.57 2.30
C TYR A 809 -8.39 24.23 0.85
N ALA A 810 -9.42 24.44 0.02
CA ALA A 810 -9.38 24.11 -1.39
C ALA A 810 -10.44 24.93 -2.14
N GLY A 811 -10.20 25.10 -3.43
CA GLY A 811 -11.15 25.87 -4.22
C GLY A 811 -10.79 25.83 -5.70
N LEU A 812 -11.58 26.52 -6.50
CA LEU A 812 -11.34 26.63 -7.95
C LEU A 812 -11.12 28.07 -8.36
N LEU A 813 -10.18 28.25 -9.29
CA LEU A 813 -9.46 29.51 -9.46
C LEU A 813 -9.94 30.24 -10.70
N PHE A 814 -10.32 31.50 -10.52
CA PHE A 814 -10.76 32.38 -11.60
C PHE A 814 -9.79 33.55 -11.64
N SER A 815 -9.18 33.79 -12.81
CA SER A 815 -8.32 34.96 -13.01
C SER A 815 -9.05 36.10 -13.69
N SER A 816 -9.75 35.81 -14.78
CA SER A 816 -10.65 36.73 -15.46
C SER A 816 -12.02 36.07 -15.53
N ARG A 817 -12.98 36.74 -16.13
CA ARG A 817 -14.19 35.97 -16.44
C ARG A 817 -14.13 35.17 -17.76
N PRO A 818 -13.75 35.73 -18.93
CA PRO A 818 -13.82 34.91 -20.15
C PRO A 818 -12.68 33.92 -20.27
N ASP A 819 -11.61 34.13 -19.51
CA ASP A 819 -10.72 33.07 -19.04
C ASP A 819 -11.49 32.39 -17.91
N ALA A 820 -12.13 31.26 -18.26
CA ALA A 820 -13.20 30.69 -17.44
C ALA A 820 -12.68 30.13 -16.11
N HIS A 821 -11.83 29.11 -16.16
CA HIS A 821 -11.19 28.68 -14.91
C HIS A 821 -9.77 28.23 -15.21
N ASP A 822 -8.92 28.36 -14.20
CA ASP A 822 -7.49 28.06 -14.35
C ASP A 822 -7.14 26.66 -13.87
N ARG A 823 -7.40 26.37 -12.60
CA ARG A 823 -7.03 25.12 -11.95
C ARG A 823 -7.72 25.07 -10.58
N MET A 824 -7.37 24.05 -9.81
CA MET A 824 -7.72 23.96 -8.40
C MET A 824 -6.64 24.61 -7.54
N ASP A 825 -7.00 24.88 -6.29
CA ASP A 825 -6.09 25.25 -5.23
C ASP A 825 -6.27 24.30 -4.06
N CYS A 826 -5.18 23.68 -3.62
CA CYS A 826 -5.16 22.72 -2.52
C CYS A 826 -4.17 23.21 -1.48
N LYS A 827 -4.60 24.10 -0.59
CA LYS A 827 -3.72 24.66 0.43
C LYS A 827 -3.70 23.74 1.64
N GLY A 828 -2.58 23.06 1.84
CA GLY A 828 -2.32 22.35 3.06
C GLY A 828 -2.72 20.89 3.06
N LEU A 829 -3.57 20.47 2.13
CA LEU A 829 -4.26 19.19 2.26
C LEU A 829 -3.33 18.02 1.94
N GLU A 830 -3.90 16.83 1.82
CA GLU A 830 -3.16 15.58 1.76
C GLU A 830 -2.58 15.29 0.39
N ALA A 831 -2.62 16.26 -0.53
CA ALA A 831 -2.14 16.08 -1.89
C ALA A 831 -0.83 16.79 -2.16
N VAL A 832 -0.37 17.62 -1.24
CA VAL A 832 0.87 18.39 -1.42
C VAL A 832 1.93 18.02 -0.39
N ARG A 833 1.57 17.35 0.69
CA ARG A 833 2.54 16.86 1.65
C ARG A 833 3.21 15.60 1.12
N ARG A 834 4.38 15.30 1.67
CA ARG A 834 5.18 14.17 1.22
C ARG A 834 5.32 13.07 2.27
N ASP A 835 4.56 13.15 3.37
CA ASP A 835 4.62 12.18 4.45
C ASP A 835 3.73 10.97 4.24
N ASN A 836 3.09 10.82 3.09
CA ASN A 836 2.06 9.82 2.89
C ASN A 836 2.39 8.97 1.66
N CYS A 837 1.44 8.16 1.24
CA CYS A 837 1.51 7.29 0.08
C CYS A 837 1.06 8.02 -1.17
N PRO A 838 1.52 7.59 -2.35
CA PRO A 838 0.97 8.16 -3.59
C PRO A 838 -0.49 7.82 -3.82
N LEU A 839 -0.90 6.63 -3.34
CA LEU A 839 -2.28 6.18 -3.45
C LEU A 839 -3.25 7.15 -2.78
N VAL A 840 -2.89 7.66 -1.60
CA VAL A 840 -3.78 8.53 -0.85
C VAL A 840 -3.87 9.91 -1.48
N ALA A 841 -2.72 10.46 -1.91
CA ALA A 841 -2.70 11.77 -2.55
C ALA A 841 -3.43 11.75 -3.89
N ASN A 842 -3.29 10.65 -4.65
CA ASN A 842 -4.02 10.49 -5.90
C ASN A 842 -5.52 10.40 -5.66
N LEU A 843 -5.94 9.63 -4.64
CA LEU A 843 -7.36 9.53 -4.32
C LEU A 843 -7.94 10.86 -3.86
N VAL A 844 -7.18 11.67 -3.14
CA VAL A 844 -7.69 12.96 -2.71
C VAL A 844 -7.83 13.93 -3.89
N THR A 845 -6.86 13.90 -4.81
CA THR A 845 -6.95 14.75 -6.02
C THR A 845 -8.11 14.33 -6.90
N ALA A 846 -8.30 13.03 -7.11
CA ALA A 846 -9.39 12.54 -7.96
C ALA A 846 -10.75 12.77 -7.33
N SER A 847 -10.86 12.69 -6.00
CA SER A 847 -12.12 12.96 -5.33
C SER A 847 -12.47 14.43 -5.41
N LEU A 848 -11.50 15.33 -5.21
CA LEU A 848 -11.80 16.75 -5.38
C LEU A 848 -12.06 17.12 -6.83
N ARG A 849 -11.50 16.36 -7.78
CA ARG A 849 -11.83 16.61 -9.18
C ARG A 849 -13.27 16.23 -9.48
N ARG A 850 -13.68 15.00 -9.12
CA ARG A 850 -15.05 14.56 -9.37
C ARG A 850 -16.06 15.33 -8.53
N LEU A 851 -15.62 15.95 -7.44
CA LEU A 851 -16.53 16.58 -6.51
C LEU A 851 -16.66 18.09 -6.72
N LEU A 852 -15.66 18.72 -7.33
CA LEU A 852 -15.67 20.17 -7.51
C LEU A 852 -15.86 20.61 -8.95
N ILE A 853 -15.47 19.78 -9.91
CA ILE A 853 -15.57 20.11 -11.32
C ILE A 853 -16.85 19.56 -11.94
N ASP A 854 -17.17 18.30 -11.70
CA ASP A 854 -18.37 17.69 -12.26
C ASP A 854 -19.55 17.69 -11.29
N ARG A 855 -19.30 17.91 -10.00
CA ARG A 855 -20.30 17.99 -8.93
C ARG A 855 -21.14 16.72 -8.85
N ASP A 856 -20.48 15.58 -9.02
CA ASP A 856 -21.18 14.32 -8.93
C ASP A 856 -20.59 13.51 -7.77
N PRO A 857 -21.31 13.47 -6.65
CA PRO A 857 -20.88 12.66 -5.51
C PRO A 857 -21.03 11.15 -5.72
N GLU A 858 -21.84 10.71 -6.68
CA GLU A 858 -22.07 9.28 -6.86
C GLU A 858 -20.91 8.62 -7.59
N GLY A 859 -20.35 9.30 -8.60
CA GLY A 859 -19.11 8.85 -9.17
C GLY A 859 -17.94 8.91 -8.21
N ALA A 860 -17.98 9.86 -7.26
CA ALA A 860 -16.94 9.94 -6.24
C ALA A 860 -17.01 8.76 -5.28
N VAL A 861 -18.22 8.40 -4.84
CA VAL A 861 -18.41 7.22 -3.99
C VAL A 861 -18.00 5.96 -4.74
N ALA A 862 -18.39 5.84 -6.02
CA ALA A 862 -18.02 4.67 -6.79
C ALA A 862 -16.52 4.59 -7.03
N HIS A 863 -15.86 5.74 -7.15
CA HIS A 863 -14.42 5.79 -7.30
C HIS A 863 -13.71 5.31 -6.04
N ALA A 864 -14.11 5.86 -4.89
CA ALA A 864 -13.48 5.47 -3.62
C ALA A 864 -13.73 4.00 -3.31
N GLN A 865 -14.93 3.51 -3.67
CA GLN A 865 -15.24 2.10 -3.56
C GLN A 865 -14.34 1.23 -4.42
N ASP A 866 -14.08 1.64 -5.67
CA ASP A 866 -13.20 0.85 -6.53
C ASP A 866 -11.76 0.84 -6.01
N VAL A 867 -11.31 1.97 -5.45
CA VAL A 867 -9.96 2.04 -4.90
C VAL A 867 -9.82 1.10 -3.70
N ILE A 868 -10.81 1.10 -2.81
CA ILE A 868 -10.76 0.24 -1.63
C ILE A 868 -10.90 -1.23 -2.02
N SER A 869 -11.75 -1.51 -3.02
CA SER A 869 -11.96 -2.88 -3.47
C SER A 869 -10.72 -3.44 -4.13
N ASP A 870 -10.05 -2.63 -4.94
CA ASP A 870 -8.85 -3.09 -5.62
C ASP A 870 -7.69 -3.16 -4.65
N LEU A 871 -7.77 -2.42 -3.55
CA LEU A 871 -6.82 -2.58 -2.46
C LEU A 871 -6.97 -3.95 -1.80
N LEU A 872 -8.19 -4.30 -1.41
CA LEU A 872 -8.42 -5.54 -0.67
C LEU A 872 -8.27 -6.79 -1.54
N CYS A 873 -8.47 -6.66 -2.85
CA CYS A 873 -8.35 -7.77 -3.77
C CYS A 873 -6.93 -7.97 -4.28
N ASN A 874 -5.98 -7.18 -3.77
CA ASN A 874 -4.53 -7.32 -4.00
C ASN A 874 -4.17 -7.13 -5.47
N ARG A 875 -4.63 -6.03 -6.04
CA ARG A 875 -4.26 -5.64 -7.39
C ARG A 875 -3.80 -4.18 -7.45
N ILE A 876 -3.04 -3.74 -6.46
CA ILE A 876 -2.49 -2.38 -6.41
C ILE A 876 -0.98 -2.47 -6.40
N ASP A 877 -0.34 -1.70 -7.29
CA ASP A 877 1.11 -1.68 -7.44
C ASP A 877 1.80 -1.17 -6.17
N ILE A 878 3.03 -1.64 -5.95
CA ILE A 878 3.76 -1.23 -4.76
C ILE A 878 4.47 0.10 -4.93
N SER A 879 4.40 0.73 -6.11
CA SER A 879 4.78 2.13 -6.21
C SER A 879 3.84 3.01 -5.40
N GLN A 880 2.57 2.66 -5.35
CA GLN A 880 1.56 3.44 -4.66
C GLN A 880 1.59 3.23 -3.16
N LEU A 881 2.44 2.34 -2.66
CA LEU A 881 2.49 1.99 -1.25
C LEU A 881 3.73 2.48 -0.53
N VAL A 882 4.66 3.16 -1.20
CA VAL A 882 5.95 3.55 -0.64
C VAL A 882 5.82 4.86 0.14
N ILE A 883 6.33 4.84 1.37
CA ILE A 883 6.33 6.00 2.27
C ILE A 883 7.78 6.45 2.43
N THR A 884 8.02 7.77 2.43
CA THR A 884 9.37 8.29 2.63
C THR A 884 9.42 9.26 3.80
N LYS A 885 10.50 9.18 4.58
CA LYS A 885 10.71 10.12 5.67
C LYS A 885 12.17 10.51 5.79
N GLU A 886 12.40 11.75 6.24
CA GLU A 886 13.73 12.34 6.29
C GLU A 886 14.47 11.94 7.56
N LEU A 887 15.70 11.48 7.42
CA LEU A 887 16.54 11.07 8.55
C LEU A 887 17.35 12.26 9.03
N THR A 888 16.87 12.92 10.07
CA THR A 888 17.45 14.14 10.59
C THR A 888 18.56 13.81 11.60
N ARG A 889 18.94 14.79 12.41
CA ARG A 889 19.90 14.63 13.49
C ARG A 889 19.58 13.46 14.42
N ALA A 890 20.63 12.74 14.82
CA ALA A 890 20.45 11.40 15.36
C ALA A 890 19.95 11.36 16.80
N ALA A 891 20.00 12.48 17.54
CA ALA A 891 19.67 12.43 18.96
C ALA A 891 18.17 12.63 19.19
N SER A 892 17.53 13.45 18.36
CA SER A 892 16.07 13.57 18.42
C SER A 892 15.40 12.26 18.04
N ASP A 893 15.99 11.53 17.10
CA ASP A 893 15.57 10.18 16.75
C ASP A 893 16.12 9.12 17.71
N TYR A 894 17.05 9.50 18.60
CA TYR A 894 17.33 8.67 19.77
C TYR A 894 16.24 8.82 20.83
N ALA A 895 15.60 9.99 20.89
CA ALA A 895 14.67 10.29 21.98
C ALA A 895 13.36 9.51 21.89
N GLY A 896 13.00 8.98 20.72
CA GLY A 896 11.75 8.26 20.55
C GLY A 896 11.75 7.40 19.30
N LYS A 897 11.23 6.18 19.40
CA LYS A 897 11.44 5.17 18.37
C LYS A 897 10.52 5.38 17.18
N GLN A 898 11.12 5.46 16.00
CA GLN A 898 10.43 5.71 14.74
C GLN A 898 10.66 4.52 13.81
N ALA A 899 9.98 4.54 12.66
CA ALA A 899 10.04 3.44 11.69
C ALA A 899 11.24 3.55 10.74
N HIS A 900 11.45 4.74 10.17
CA HIS A 900 12.50 4.94 9.19
C HIS A 900 13.88 4.89 9.84
N VAL A 901 13.99 5.37 11.08
CA VAL A 901 15.23 5.27 11.82
C VAL A 901 15.58 3.82 12.10
N GLU A 902 14.57 3.00 12.41
CA GLU A 902 14.79 1.59 12.65
C GLU A 902 15.20 0.86 11.38
N LEU A 903 14.63 1.26 10.23
CA LEU A 903 15.03 0.63 8.97
C LEU A 903 16.45 1.02 8.57
N ALA A 904 16.81 2.30 8.75
CA ALA A 904 18.14 2.78 8.37
C ALA A 904 19.22 2.18 9.25
N GLU A 905 19.04 2.22 10.58
CA GLU A 905 20.08 1.75 11.48
C GLU A 905 20.25 0.24 11.42
N ARG A 906 19.21 -0.49 11.04
CA ARG A 906 19.37 -1.90 10.72
C ARG A 906 20.06 -2.03 9.38
N MET A 907 21.34 -2.42 9.38
CA MET A 907 22.07 -2.63 8.15
C MET A 907 21.52 -3.85 7.41
N ARG A 908 22.12 -4.10 6.24
CA ARG A 908 21.89 -5.31 5.50
C ARG A 908 23.08 -6.25 5.63
N LYS A 909 22.83 -7.52 5.33
CA LYS A 909 23.91 -8.49 5.26
C LYS A 909 24.73 -8.29 3.99
N ARG A 910 24.11 -7.76 2.94
CA ARG A 910 24.79 -7.62 1.65
C ARG A 910 25.76 -6.44 1.65
N ASP A 911 25.42 -5.36 2.34
CA ASP A 911 26.14 -4.09 2.14
C ASP A 911 26.12 -3.25 3.42
N PRO A 912 27.16 -3.35 4.25
CA PRO A 912 27.34 -2.36 5.32
C PRO A 912 28.19 -1.18 4.88
N GLY A 913 27.97 -0.70 3.65
CA GLY A 913 28.72 0.42 3.09
C GLY A 913 27.88 1.31 2.22
N SER A 914 26.60 0.98 2.09
CA SER A 914 25.61 1.82 1.44
C SER A 914 24.36 1.77 2.30
N ALA A 915 24.06 2.87 2.93
CA ALA A 915 22.99 2.97 3.89
C ALA A 915 22.65 4.45 3.98
N PRO A 916 21.46 4.82 4.44
CA PRO A 916 21.13 6.24 4.58
C PRO A 916 22.03 6.95 5.57
N SER A 917 22.40 8.17 5.22
CA SER A 917 23.17 9.04 6.09
C SER A 917 22.25 10.13 6.65
N LEU A 918 22.85 11.09 7.36
CA LEU A 918 22.09 12.17 7.96
C LEU A 918 21.67 13.17 6.87
N GLY A 919 20.38 13.45 6.79
CA GLY A 919 19.84 14.46 5.91
C GLY A 919 19.06 13.94 4.72
N ASP A 920 19.19 12.66 4.36
CA ASP A 920 18.50 12.14 3.19
C ASP A 920 17.13 11.59 3.56
N ARG A 921 16.49 10.93 2.60
CA ARG A 921 15.16 10.38 2.75
C ARG A 921 15.21 8.86 2.65
N VAL A 922 14.53 8.19 3.57
CA VAL A 922 14.46 6.74 3.62
C VAL A 922 13.09 6.32 3.10
N PRO A 923 13.02 5.47 2.07
CA PRO A 923 11.74 4.89 1.65
C PRO A 923 11.49 3.51 2.25
N TYR A 924 10.23 3.20 2.55
CA TYR A 924 9.85 1.94 3.19
C TYR A 924 8.39 1.64 2.86
N VAL A 925 8.02 0.37 3.04
CA VAL A 925 6.63 -0.07 3.05
C VAL A 925 6.40 -0.89 4.31
N ILE A 926 5.14 -1.07 4.67
CA ILE A 926 4.74 -1.75 5.91
C ILE A 926 4.16 -3.11 5.56
N ILE A 927 4.78 -4.16 6.09
CA ILE A 927 4.34 -5.52 5.85
C ILE A 927 3.46 -5.98 7.00
N SER A 928 2.73 -7.07 6.80
CA SER A 928 1.81 -7.57 7.82
C SER A 928 2.51 -8.52 8.78
N ALA A 929 2.24 -8.33 10.07
CA ALA A 929 2.71 -9.22 11.13
C ALA A 929 1.75 -9.09 12.30
N ALA A 930 2.09 -9.73 13.42
CA ALA A 930 1.23 -9.78 14.58
C ALA A 930 1.77 -9.00 15.77
N LYS A 931 2.67 -8.04 15.53
CA LYS A 931 3.22 -7.20 16.59
C LYS A 931 2.51 -5.86 16.51
N GLY A 932 1.31 -5.80 17.11
CA GLY A 932 0.44 -4.65 17.01
C GLY A 932 0.84 -3.45 17.84
N VAL A 933 1.73 -3.64 18.82
CA VAL A 933 2.21 -2.54 19.65
C VAL A 933 3.11 -1.60 18.86
N ALA A 934 3.71 -2.07 17.77
CA ALA A 934 4.78 -1.36 17.09
C ALA A 934 4.61 -1.41 15.58
N ALA A 935 4.39 -0.25 14.97
CA ALA A 935 4.49 -0.11 13.52
C ALA A 935 5.90 0.13 13.05
N TYR A 936 6.87 0.24 13.97
CA TYR A 936 8.27 0.31 13.64
C TYR A 936 8.94 -1.06 13.61
N MET A 937 8.16 -2.13 13.80
CA MET A 937 8.68 -3.48 13.67
C MET A 937 8.21 -4.15 12.39
N LYS A 938 7.44 -3.45 11.56
CA LYS A 938 6.88 -4.02 10.34
C LYS A 938 7.34 -3.29 9.08
N SER A 939 8.44 -2.54 9.14
CA SER A 939 8.87 -1.74 8.01
C SER A 939 10.04 -2.41 7.28
N GLU A 940 10.06 -2.28 5.95
CA GLU A 940 11.03 -2.98 5.13
C GLU A 940 11.36 -2.16 3.90
N ASP A 941 12.58 -2.33 3.39
CA ASP A 941 13.02 -1.72 2.15
C ASP A 941 12.18 -2.22 0.97
N PRO A 942 11.82 -1.33 0.03
CA PRO A 942 11.06 -1.79 -1.15
C PRO A 942 11.77 -2.81 -2.04
N LEU A 943 13.09 -2.71 -2.19
CA LEU A 943 13.80 -3.70 -2.99
C LEU A 943 13.91 -5.03 -2.24
N PHE A 944 13.96 -4.99 -0.91
CA PHE A 944 14.05 -6.25 -0.15
C PHE A 944 12.72 -6.99 -0.17
N VAL A 945 11.60 -6.28 -0.08
CA VAL A 945 10.30 -6.94 -0.17
C VAL A 945 10.03 -7.32 -1.63
N LEU A 946 10.71 -6.67 -2.58
CA LEU A 946 10.66 -7.12 -3.97
C LEU A 946 11.35 -8.48 -4.14
N GLU A 947 12.62 -8.57 -3.75
CA GLU A 947 13.35 -9.82 -4.00
C GLU A 947 12.97 -10.95 -3.04
N HIS A 948 12.35 -10.64 -1.90
CA HIS A 948 12.04 -11.68 -0.93
C HIS A 948 10.55 -11.93 -0.73
N SER A 949 9.68 -11.13 -1.37
CA SER A 949 8.24 -11.39 -1.52
C SER A 949 7.51 -11.51 -0.19
N LEU A 950 7.50 -10.41 0.55
CA LEU A 950 6.75 -10.40 1.81
C LEU A 950 5.36 -9.79 1.59
N PRO A 951 4.33 -10.26 2.30
CA PRO A 951 2.98 -9.74 2.08
C PRO A 951 2.81 -8.32 2.63
N ILE A 952 1.64 -7.74 2.34
CA ILE A 952 1.34 -6.35 2.67
C ILE A 952 0.17 -6.32 3.64
N ASP A 953 0.21 -5.39 4.58
CA ASP A 953 -0.82 -5.22 5.60
C ASP A 953 -1.92 -4.34 5.04
N THR A 954 -2.93 -4.95 4.42
CA THR A 954 -4.02 -4.17 3.82
C THR A 954 -4.91 -3.50 4.85
N GLN A 955 -4.93 -3.99 6.09
CA GLN A 955 -5.75 -3.35 7.11
C GLN A 955 -5.08 -2.12 7.69
N TYR A 956 -3.75 -2.13 7.77
CA TYR A 956 -2.97 -0.94 8.12
C TYR A 956 -3.23 0.18 7.12
N TYR A 957 -3.09 -0.12 5.83
CA TYR A 957 -3.32 0.86 4.79
C TYR A 957 -4.79 1.27 4.72
N LEU A 958 -5.71 0.39 5.11
CA LEU A 958 -7.12 0.75 5.04
C LEU A 958 -7.55 1.68 6.18
N GLU A 959 -7.18 1.37 7.42
CA GLU A 959 -7.70 2.18 8.52
C GLU A 959 -6.75 3.30 8.97
N GLN A 960 -5.46 3.22 8.66
CA GLN A 960 -4.49 4.20 9.14
C GLN A 960 -4.04 5.20 8.07
N GLN A 961 -3.86 4.75 6.83
CA GLN A 961 -3.51 5.70 5.77
C GLN A 961 -4.73 6.34 5.12
N LEU A 962 -5.67 5.56 4.62
CA LEU A 962 -6.76 6.08 3.78
C LEU A 962 -7.89 6.75 4.53
N ALA A 963 -8.35 6.15 5.63
CA ALA A 963 -9.73 6.35 6.08
C ALA A 963 -9.96 7.75 6.63
N LYS A 964 -9.09 8.23 7.49
CA LYS A 964 -9.30 9.53 8.11
C LYS A 964 -9.17 10.76 7.20
N PRO A 965 -8.26 10.84 6.19
CA PRO A 965 -8.38 11.96 5.22
C PRO A 965 -9.70 12.00 4.47
N LEU A 966 -10.23 10.84 4.10
CA LEU A 966 -11.54 10.76 3.47
C LEU A 966 -12.64 11.24 4.40
N LEU A 967 -12.56 10.91 5.69
CA LEU A 967 -13.55 11.44 6.62
C LEU A 967 -13.37 12.93 6.88
N ARG A 968 -12.18 13.48 6.67
CA ARG A 968 -12.07 14.95 6.64
C ARG A 968 -12.84 15.53 5.47
N ILE A 969 -12.63 15.00 4.27
CA ILE A 969 -13.13 15.65 3.06
C ILE A 969 -14.63 15.44 2.87
N PHE A 970 -15.13 14.23 3.11
CA PHE A 970 -16.46 13.89 2.63
C PHE A 970 -17.58 14.28 3.59
N GLU A 971 -17.26 14.51 4.84
CA GLU A 971 -18.29 14.90 5.80
C GLU A 971 -18.95 16.27 5.60
N PRO A 972 -18.24 17.39 5.34
CA PRO A 972 -18.93 18.71 5.42
C PRO A 972 -20.02 18.97 4.40
N ILE A 973 -20.11 18.16 3.34
CA ILE A 973 -21.16 18.34 2.35
C ILE A 973 -22.47 17.69 2.82
N LEU A 974 -22.38 16.76 3.75
CA LEU A 974 -23.53 15.98 4.23
C LEU A 974 -23.47 15.92 5.76
N GLY A 975 -24.19 14.99 6.36
CA GLY A 975 -24.15 14.89 7.80
C GLY A 975 -23.17 13.87 8.33
N GLU A 976 -23.59 13.10 9.35
CA GLU A 976 -22.86 11.92 9.79
C GLU A 976 -23.41 10.65 9.18
N GLY A 977 -24.48 10.74 8.39
CA GLY A 977 -24.86 9.64 7.53
C GLY A 977 -23.93 9.49 6.35
N ARG A 978 -23.04 10.45 6.14
CA ARG A 978 -22.00 10.36 5.13
C ARG A 978 -20.81 9.55 5.61
N ALA A 979 -20.46 9.65 6.89
CA ALA A 979 -19.52 8.72 7.49
C ALA A 979 -20.05 7.30 7.39
N GLU A 980 -21.33 7.10 7.69
CA GLU A 980 -21.95 5.80 7.49
C GLU A 980 -22.09 5.42 6.03
N ALA A 981 -22.18 6.39 5.12
CA ALA A 981 -22.29 6.07 3.69
C ALA A 981 -20.98 5.56 3.13
N VAL A 982 -19.86 6.18 3.51
CA VAL A 982 -18.56 5.66 3.05
C VAL A 982 -18.14 4.44 3.86
N LEU A 983 -18.53 4.33 5.13
CA LEU A 983 -18.23 3.12 5.87
C LEU A 983 -19.19 1.98 5.53
N LEU A 984 -20.28 2.26 4.81
CA LEU A 984 -21.15 1.23 4.25
C LEU A 984 -20.77 0.89 2.82
N ARG A 985 -20.19 1.85 2.10
CA ARG A 985 -19.63 1.61 0.78
C ARG A 985 -18.34 0.81 0.89
N GLY A 986 -17.63 0.98 2.00
CA GLY A 986 -16.70 -0.01 2.46
C GLY A 986 -17.39 -1.32 2.77
N ASP A 987 -18.53 -1.31 3.49
CA ASP A 987 -19.12 -2.55 3.99
C ASP A 987 -19.65 -3.46 2.90
N HIS A 988 -20.14 -2.92 1.80
CA HIS A 988 -20.51 -3.78 0.69
C HIS A 988 -19.27 -4.30 -0.03
N THR A 989 -18.14 -3.61 0.12
CA THR A 989 -16.91 -3.92 -0.57
C THR A 989 -15.80 -4.46 0.34
N ARG A 990 -16.00 -4.43 1.66
CA ARG A 990 -15.05 -5.05 2.58
C ARG A 990 -15.20 -6.57 2.62
N CYS A 991 -16.31 -7.11 2.13
CA CYS A 991 -16.54 -8.54 2.20
C CYS A 991 -15.91 -9.31 1.05
N LYS A 992 -15.12 -8.65 0.22
CA LYS A 992 -14.36 -9.33 -0.83
C LYS A 992 -12.88 -9.13 -0.46
N THR A 993 -12.24 -10.20 -0.01
CA THR A 993 -10.81 -10.18 0.23
C THR A 993 -10.13 -11.29 -0.56
N VAL A 994 -8.88 -11.04 -0.91
CA VAL A 994 -8.02 -12.00 -1.60
C VAL A 994 -6.75 -12.11 -0.77
N LEU A 995 -6.24 -13.33 -0.59
CA LEU A 995 -4.99 -13.52 0.13
C LEU A 995 -3.80 -12.91 -0.61
N GLY A 1001 6.79 -22.54 7.96
CA GLY A 1001 7.18 -23.90 8.27
C GLY A 1001 6.25 -24.92 7.65
N LEU A 1002 5.01 -24.91 8.11
CA LEU A 1002 3.99 -25.80 7.58
C LEU A 1002 3.54 -25.38 6.18
N LEU A 1003 3.78 -24.12 5.79
CA LEU A 1003 3.28 -23.57 4.53
C LEU A 1003 3.86 -24.26 3.30
N ALA A 1004 4.99 -24.94 3.45
CA ALA A 1004 5.59 -25.63 2.31
C ALA A 1004 4.88 -26.92 1.97
N PHE A 1005 4.26 -27.57 2.97
CA PHE A 1005 3.64 -28.88 2.76
C PHE A 1005 2.18 -28.73 2.29
N ALA A 1006 2.07 -28.04 1.15
CA ALA A 1006 0.76 -27.86 0.48
C ALA A 1006 0.52 -29.11 -0.36
N LYS A 1007 -0.72 -29.61 -0.39
CA LYS A 1007 -1.06 -30.83 -1.16
C LYS A 1007 -1.56 -30.45 -2.55
N ARG A 1008 -1.50 -29.16 -2.89
CA ARG A 1008 -2.00 -28.59 -4.17
C ARG A 1008 -3.48 -28.92 -4.32
N ARG A 1009 -4.23 -28.78 -3.23
CA ARG A 1009 -5.68 -29.08 -3.20
C ARG A 1009 -6.40 -28.31 -4.31
N ASN A 1010 -6.94 -29.04 -5.28
CA ASN A 1010 -7.70 -28.43 -6.37
C ASN A 1010 -9.08 -28.03 -5.87
N CYS A 1011 -9.73 -27.15 -6.63
CA CYS A 1011 -10.99 -26.59 -6.21
C CYS A 1011 -11.90 -26.36 -7.41
N CYS A 1012 -13.20 -26.50 -7.19
CA CYS A 1012 -14.18 -26.26 -8.23
C CYS A 1012 -14.23 -24.77 -8.59
N ILE A 1013 -14.26 -24.50 -9.88
CA ILE A 1013 -14.24 -23.12 -10.39
C ILE A 1013 -15.59 -22.44 -10.16
N GLY A 1014 -16.65 -23.22 -9.97
CA GLY A 1014 -17.98 -22.65 -9.81
C GLY A 1014 -18.40 -22.33 -8.40
N CYS A 1015 -18.14 -23.22 -7.43
CA CYS A 1015 -18.71 -23.09 -6.11
C CYS A 1015 -17.70 -23.36 -5.00
N ARG A 1016 -16.42 -23.51 -5.35
CA ARG A 1016 -15.26 -23.54 -4.44
C ARG A 1016 -15.30 -24.74 -3.47
N THR A 1017 -15.53 -25.92 -4.01
CA THR A 1017 -15.57 -27.09 -3.15
C THR A 1017 -14.36 -27.98 -3.43
N VAL A 1018 -13.49 -28.14 -2.43
CA VAL A 1018 -12.31 -28.97 -2.61
C VAL A 1018 -12.74 -30.40 -2.86
N LEU A 1019 -12.11 -31.05 -3.82
CA LEU A 1019 -12.45 -32.43 -4.13
C LEU A 1019 -11.33 -33.21 -4.81
N SER A 1020 -11.41 -34.53 -4.73
CA SER A 1020 -10.44 -35.42 -5.37
C SER A 1020 -10.69 -35.35 -6.87
N HIS A 1021 -9.60 -35.46 -7.65
CA HIS A 1021 -9.45 -35.40 -9.13
C HIS A 1021 -9.16 -33.99 -9.67
N GLN A 1022 -8.60 -33.93 -10.88
CA GLN A 1022 -8.20 -32.66 -11.51
C GLN A 1022 -9.19 -31.89 -12.37
N GLY A 1023 -10.39 -32.44 -12.61
CA GLY A 1023 -11.35 -31.71 -13.45
C GLY A 1023 -11.79 -30.40 -12.80
N ALA A 1024 -11.90 -29.37 -13.62
CA ALA A 1024 -12.29 -28.03 -13.20
C ALA A 1024 -13.69 -27.82 -12.63
N VAL A 1025 -14.69 -28.51 -13.17
CA VAL A 1025 -16.06 -28.27 -12.77
C VAL A 1025 -16.51 -29.30 -11.74
N CYS A 1026 -17.48 -28.88 -10.93
CA CYS A 1026 -18.10 -29.68 -9.90
C CYS A 1026 -19.27 -30.45 -10.49
N GLU A 1027 -19.63 -31.58 -9.86
CA GLU A 1027 -20.65 -32.45 -10.45
C GLU A 1027 -22.04 -31.83 -10.37
N PHE A 1028 -22.27 -30.94 -9.41
CA PHE A 1028 -23.54 -30.24 -9.34
C PHE A 1028 -23.56 -29.04 -10.27
N CYS A 1029 -22.39 -28.45 -10.48
CA CYS A 1029 -22.28 -27.27 -11.38
C CYS A 1029 -21.53 -27.67 -12.65
N GLN A 1030 -22.04 -28.66 -13.38
CA GLN A 1030 -21.40 -29.14 -14.63
C GLN A 1030 -22.17 -28.58 -15.84
N PRO A 1031 -23.52 -28.50 -15.78
CA PRO A 1031 -24.31 -27.98 -16.90
C PRO A 1031 -23.83 -26.59 -17.34
N ARG A 1032 -23.57 -25.71 -16.38
CA ARG A 1032 -23.10 -24.32 -16.67
C ARG A 1032 -21.57 -24.32 -16.78
N GLU A 1033 -21.04 -24.97 -17.83
CA GLU A 1033 -19.61 -25.02 -18.05
C GLU A 1033 -19.15 -24.20 -19.24
N SER A 1034 -19.99 -24.10 -20.27
CA SER A 1034 -19.70 -23.21 -21.40
C SER A 1034 -19.66 -21.76 -20.95
N GLU A 1035 -20.55 -21.37 -20.05
CA GLU A 1035 -20.52 -20.04 -19.46
C GLU A 1035 -19.34 -19.83 -18.53
N LEU A 1036 -18.91 -20.87 -17.81
CA LEU A 1036 -17.73 -20.77 -16.95
C LEU A 1036 -16.41 -20.83 -17.71
N TYR A 1037 -16.40 -21.39 -18.93
CA TYR A 1037 -15.25 -21.23 -19.80
C TYR A 1037 -15.26 -19.86 -20.45
N GLN A 1038 -16.44 -19.37 -20.77
CA GLN A 1038 -16.57 -18.07 -21.40
C GLN A 1038 -16.03 -17.08 -20.39
N LYS A 1039 -16.35 -17.31 -19.13
CA LYS A 1039 -15.88 -16.46 -18.06
C LYS A 1039 -14.47 -16.88 -17.71
N GLU A 1040 -13.57 -15.91 -17.73
CA GLU A 1040 -12.14 -16.08 -17.42
C GLU A 1040 -11.26 -16.19 -18.67
N VAL A 1041 -11.81 -16.43 -19.86
CA VAL A 1041 -10.99 -16.29 -21.06
C VAL A 1041 -10.95 -14.85 -21.50
N SER A 1042 -11.95 -14.04 -21.14
CA SER A 1042 -11.90 -12.59 -21.25
C SER A 1042 -11.03 -11.94 -20.19
N HIS A 1043 -10.54 -12.72 -19.23
CA HIS A 1043 -9.53 -12.26 -18.29
C HIS A 1043 -8.13 -12.60 -18.78
N LEU A 1044 -7.92 -13.82 -19.27
CA LEU A 1044 -6.68 -14.15 -19.96
C LEU A 1044 -6.40 -13.23 -21.13
N ASN A 1045 -7.42 -12.90 -21.92
CA ASN A 1045 -7.34 -11.95 -23.03
C ASN A 1045 -6.88 -10.56 -22.61
N ALA A 1046 -7.25 -10.10 -21.42
CA ALA A 1046 -6.84 -8.78 -20.97
C ALA A 1046 -5.49 -8.79 -20.27
N LEU A 1047 -5.03 -9.94 -19.79
CA LEU A 1047 -3.67 -10.03 -19.29
C LEU A 1047 -2.65 -10.09 -20.41
N GLU A 1048 -3.01 -10.79 -21.51
CA GLU A 1048 -2.17 -10.82 -22.70
C GLU A 1048 -1.96 -9.45 -23.29
N GLU A 1049 -2.97 -8.59 -23.23
CA GLU A 1049 -2.85 -7.26 -23.79
C GLU A 1049 -1.99 -6.35 -22.92
N ARG A 1050 -1.82 -6.68 -21.65
CA ARG A 1050 -1.01 -5.89 -20.73
C ARG A 1050 0.45 -6.29 -20.71
N PHE A 1051 0.74 -7.59 -20.92
CA PHE A 1051 2.12 -8.05 -21.10
C PHE A 1051 2.84 -7.30 -22.23
N SER A 1052 2.20 -7.18 -23.38
CA SER A 1052 2.84 -6.67 -24.59
C SER A 1052 3.03 -5.17 -24.58
N ARG A 1053 2.11 -4.41 -23.97
CA ARG A 1053 2.30 -2.97 -23.91
C ARG A 1053 3.45 -2.55 -23.01
N LEU A 1054 3.79 -3.37 -22.01
CA LEU A 1054 4.83 -3.07 -21.05
C LEU A 1054 6.20 -3.56 -21.50
N TRP A 1055 6.30 -4.79 -22.00
CA TRP A 1055 7.64 -5.30 -22.27
C TRP A 1055 8.26 -4.76 -23.56
N THR A 1056 7.51 -4.00 -24.35
CA THR A 1056 8.08 -3.33 -25.50
C THR A 1056 8.30 -1.85 -25.23
N GLN A 1057 7.79 -1.32 -24.13
CA GLN A 1057 8.07 0.05 -23.70
C GLN A 1057 9.49 0.19 -23.18
N CYS A 1058 10.01 -0.86 -22.56
CA CYS A 1058 11.40 -0.88 -22.11
C CYS A 1058 12.36 -0.82 -23.29
N GLN A 1059 11.97 -1.38 -24.44
CA GLN A 1059 12.81 -1.35 -25.63
C GLN A 1059 12.92 0.05 -26.22
N ARG A 1060 11.89 0.87 -26.08
CA ARG A 1060 11.92 2.24 -26.56
C ARG A 1060 12.52 3.21 -25.56
N CYS A 1061 12.42 2.91 -24.27
CA CYS A 1061 13.10 3.71 -23.26
C CYS A 1061 14.59 3.36 -23.19
N GLN A 1062 14.97 2.19 -23.66
CA GLN A 1062 16.37 1.79 -23.64
C GLN A 1062 17.11 2.30 -24.86
N GLY A 1063 16.44 2.38 -26.00
CA GLY A 1063 17.08 2.82 -27.23
C GLY A 1063 17.16 1.78 -28.33
N SER A 1064 17.45 0.54 -27.97
CA SER A 1064 17.73 -0.53 -28.91
C SER A 1064 16.57 -1.51 -29.03
N LEU A 1065 16.41 -2.11 -30.20
CA LEU A 1065 15.44 -3.18 -30.42
C LEU A 1065 16.09 -4.54 -30.58
N HIS A 1066 17.41 -4.64 -30.48
CA HIS A 1066 18.08 -5.89 -30.78
C HIS A 1066 18.88 -6.46 -29.61
N GLU A 1067 18.94 -5.78 -28.48
CA GLU A 1067 19.72 -6.25 -27.34
C GLU A 1067 18.87 -6.18 -26.07
N ASP A 1068 19.37 -6.85 -25.03
CA ASP A 1068 18.65 -7.06 -23.78
C ASP A 1068 18.39 -5.77 -23.02
N VAL A 1069 17.35 -5.78 -22.20
CA VAL A 1069 17.04 -4.67 -21.30
C VAL A 1069 17.67 -4.95 -19.95
N ILE A 1070 18.40 -3.96 -19.41
CA ILE A 1070 18.92 -4.01 -18.05
C ILE A 1070 18.63 -2.66 -17.42
N CYS A 1071 17.55 -2.58 -16.67
CA CYS A 1071 17.20 -1.33 -16.02
C CYS A 1071 16.34 -1.71 -14.83
N THR A 1072 16.92 -1.67 -13.64
CA THR A 1072 16.19 -1.98 -12.42
C THR A 1072 15.93 -0.69 -11.65
N SER A 1073 15.55 0.35 -12.37
CA SER A 1073 15.33 1.67 -11.81
C SER A 1073 14.19 1.71 -10.82
N ARG A 1074 14.51 1.87 -9.54
CA ARG A 1074 13.51 1.83 -8.46
C ARG A 1074 12.58 3.02 -8.45
N ASP A 1075 12.84 4.06 -9.22
CA ASP A 1075 11.94 5.18 -9.30
C ASP A 1075 11.03 5.11 -10.52
N CYS A 1076 11.16 4.04 -11.35
CA CYS A 1076 10.29 3.84 -12.50
C CYS A 1076 9.14 2.93 -12.12
N PRO A 1077 7.89 3.33 -12.39
CA PRO A 1077 6.78 2.39 -12.24
C PRO A 1077 6.87 1.19 -13.16
N ILE A 1078 7.52 1.36 -14.32
CA ILE A 1078 7.76 0.30 -15.31
C ILE A 1078 8.39 -0.93 -14.67
N PHE A 1079 9.45 -0.74 -13.91
CA PHE A 1079 10.05 -1.84 -13.15
C PHE A 1079 9.07 -2.26 -12.07
N TYR A 1080 8.99 -3.57 -11.83
CA TYR A 1080 8.14 -4.35 -10.91
C TYR A 1080 6.64 -4.29 -11.23
N MET A 1081 6.21 -3.48 -12.18
CA MET A 1081 4.93 -3.66 -12.84
C MET A 1081 5.08 -4.57 -14.06
N ARG A 1082 6.31 -4.69 -14.57
CA ARG A 1082 6.58 -5.65 -15.63
C ARG A 1082 6.92 -7.01 -15.05
N LYS A 1083 7.03 -7.10 -13.72
CA LYS A 1083 7.41 -8.36 -13.09
C LYS A 1083 6.20 -9.17 -12.66
N LYS A 1084 5.10 -8.51 -12.27
CA LYS A 1084 3.94 -9.21 -11.74
C LYS A 1084 3.02 -9.76 -12.82
N VAL A 1085 3.03 -9.16 -14.02
CA VAL A 1085 2.15 -9.64 -15.09
C VAL A 1085 2.66 -10.96 -15.65
N ARG A 1086 3.96 -11.23 -15.55
CA ARG A 1086 4.49 -12.55 -15.88
C ARG A 1086 3.87 -13.62 -15.00
N LYS A 1087 3.68 -13.33 -13.71
CA LYS A 1087 3.12 -14.31 -12.78
C LYS A 1087 1.60 -14.42 -12.86
N ASP A 1088 0.91 -13.29 -13.07
CA ASP A 1088 -0.52 -13.33 -13.37
C ASP A 1088 -0.81 -14.18 -14.60
N LEU A 1089 -0.02 -13.99 -15.66
CA LEU A 1089 -0.19 -14.77 -16.87
C LEU A 1089 0.20 -16.22 -16.66
N GLU A 1090 1.23 -16.49 -15.86
CA GLU A 1090 1.65 -17.84 -15.51
C GLU A 1090 0.54 -18.62 -14.81
N ASP A 1091 -0.12 -17.97 -13.86
CA ASP A 1091 -1.28 -18.53 -13.13
C ASP A 1091 -2.60 -18.71 -13.92
N GLN A 1092 -2.96 -17.71 -14.72
CA GLN A 1092 -4.18 -17.71 -15.51
C GLN A 1092 -4.08 -18.59 -16.74
N GLU A 1093 -2.87 -18.84 -17.24
CA GLU A 1093 -2.69 -19.80 -18.31
C GLU A 1093 -2.85 -21.23 -17.81
N GLN A 1094 -2.40 -21.51 -16.59
CA GLN A 1094 -2.50 -22.85 -16.03
C GLN A 1094 -3.90 -23.18 -15.52
N LEU A 1095 -4.71 -22.16 -15.22
CA LEU A 1095 -6.08 -22.46 -14.80
C LEU A 1095 -6.94 -22.91 -15.98
N LEU A 1096 -6.60 -22.52 -17.20
CA LEU A 1096 -7.39 -22.90 -18.37
C LEU A 1096 -6.94 -24.23 -18.98
N ARG A 1097 -5.85 -24.80 -18.49
CA ARG A 1097 -5.45 -26.14 -18.88
C ARG A 1097 -6.10 -27.22 -18.02
N ARG A 1098 -6.99 -26.77 -17.12
CA ARG A 1098 -7.84 -27.66 -16.34
C ARG A 1098 -8.80 -28.25 -17.39
N PHE A 1099 -9.27 -27.37 -18.28
CA PHE A 1099 -10.12 -27.71 -19.42
C PHE A 1099 -9.16 -28.41 -20.38
N GLY A 1100 -9.67 -29.24 -21.27
N GLY A 1100 -9.67 -29.24 -21.27
CA GLY A 1100 -8.78 -29.92 -22.16
CA GLY A 1100 -8.78 -29.92 -22.16
C GLY A 1100 -8.16 -29.00 -23.20
C GLY A 1100 -8.16 -29.00 -23.20
N PRO A 1101 -7.45 -29.57 -24.17
CA PRO A 1101 -6.96 -28.78 -25.29
C PRO A 1101 -8.03 -28.63 -26.35
N PRO A 1102 -8.05 -27.52 -27.08
CA PRO A 1102 -9.06 -27.35 -28.14
C PRO A 1102 -8.73 -28.10 -29.43
N GLY A 1103 -7.72 -28.96 -29.45
CA GLY A 1103 -7.41 -29.76 -30.61
C GLY A 1103 -6.10 -30.50 -30.44
N PRO A 1104 -5.72 -31.27 -31.44
CA PRO A 1104 -4.40 -31.93 -31.42
C PRO A 1104 -3.30 -30.95 -31.81
N GLU A 1105 -2.06 -31.40 -31.64
CA GLU A 1105 -0.91 -30.58 -32.01
C GLU A 1105 0.23 -31.34 -32.69
N ALA A 1106 0.13 -32.65 -32.87
CA ALA A 1106 1.22 -33.44 -33.45
C ALA A 1106 0.92 -33.89 -34.88
N TRP A 1107 -0.13 -33.37 -35.49
CA TRP A 1107 -0.56 -33.76 -36.82
C TRP A 1107 0.36 -33.18 -37.88
N MET B 1 -18.87 -18.08 -65.33
CA MET B 1 -18.55 -18.81 -64.12
C MET B 1 -19.78 -19.54 -63.56
N PHE B 2 -20.42 -18.91 -62.57
CA PHE B 2 -21.48 -19.50 -61.75
C PHE B 2 -22.86 -19.10 -62.25
N SER B 3 -23.11 -17.78 -62.36
CA SER B 3 -24.40 -17.31 -62.79
C SER B 3 -24.63 -17.51 -64.28
N GLU B 4 -23.56 -17.73 -65.04
CA GLU B 4 -23.69 -18.16 -66.43
C GLU B 4 -24.29 -19.56 -66.50
N GLN B 5 -23.77 -20.48 -65.70
CA GLN B 5 -24.24 -21.85 -65.70
C GLN B 5 -25.61 -21.99 -65.02
N ALA B 6 -25.97 -21.03 -64.17
CA ALA B 6 -27.24 -21.13 -63.44
C ALA B 6 -28.47 -20.89 -64.30
N ALA B 7 -28.30 -20.46 -65.55
CA ALA B 7 -29.42 -20.30 -66.47
C ALA B 7 -29.41 -21.31 -67.59
N GLN B 8 -28.53 -22.30 -67.54
CA GLN B 8 -28.25 -23.22 -68.63
C GLN B 8 -29.29 -24.31 -68.82
N ARG B 9 -30.47 -24.20 -68.20
CA ARG B 9 -31.45 -25.28 -68.23
C ARG B 9 -32.87 -24.74 -68.41
N ALA B 10 -33.87 -25.57 -68.18
CA ALA B 10 -35.26 -25.17 -68.26
C ALA B 10 -35.82 -24.86 -66.88
N HIS B 11 -36.88 -24.05 -66.85
CA HIS B 11 -37.44 -23.54 -65.61
C HIS B 11 -38.80 -24.19 -65.37
N THR B 12 -38.95 -24.81 -64.20
CA THR B 12 -40.10 -25.66 -63.91
C THR B 12 -41.02 -25.11 -62.83
N LEU B 13 -40.67 -24.01 -62.18
CA LEU B 13 -41.22 -23.76 -60.87
C LEU B 13 -42.41 -22.80 -60.86
N LEU B 14 -42.76 -22.21 -61.99
CA LEU B 14 -44.04 -21.50 -62.10
C LEU B 14 -45.11 -22.40 -62.71
N SER B 15 -45.34 -23.55 -62.08
CA SER B 15 -46.16 -24.62 -62.65
C SER B 15 -46.92 -25.32 -61.53
N PRO B 16 -48.05 -25.95 -61.83
CA PRO B 16 -48.74 -26.81 -60.84
C PRO B 16 -47.89 -28.02 -60.46
N PRO B 17 -48.22 -28.73 -59.37
CA PRO B 17 -47.36 -29.83 -58.88
C PRO B 17 -47.14 -30.94 -59.88
N SER B 18 -46.07 -31.70 -59.62
CA SER B 18 -45.58 -32.71 -60.52
C SER B 18 -45.36 -34.01 -59.76
N ALA B 19 -44.98 -35.05 -60.51
CA ALA B 19 -44.74 -36.34 -59.88
C ALA B 19 -43.40 -36.37 -59.19
N ASN B 20 -42.33 -35.96 -59.88
CA ASN B 20 -40.99 -35.95 -59.33
C ASN B 20 -40.43 -34.54 -59.34
N ASN B 21 -39.52 -34.27 -58.41
CA ASN B 21 -38.66 -33.11 -58.43
C ASN B 21 -37.23 -33.59 -58.27
N ALA B 22 -36.30 -32.94 -58.97
CA ALA B 22 -34.94 -33.42 -59.05
C ALA B 22 -34.19 -33.21 -57.73
N THR B 23 -33.22 -34.10 -57.49
CA THR B 23 -32.25 -33.97 -56.40
C THR B 23 -30.86 -34.12 -56.97
N PHE B 24 -29.86 -33.87 -56.14
CA PHE B 24 -28.47 -33.79 -56.59
C PHE B 24 -27.57 -34.40 -55.52
N ALA B 25 -26.27 -34.19 -55.68
CA ALA B 25 -25.32 -34.64 -54.67
C ALA B 25 -24.16 -33.65 -54.55
N ARG B 26 -23.63 -33.54 -53.34
CA ARG B 26 -22.51 -32.65 -53.07
C ARG B 26 -21.23 -33.24 -53.64
N VAL B 27 -20.41 -32.40 -54.25
CA VAL B 27 -19.22 -32.86 -54.95
C VAL B 27 -18.15 -33.25 -53.93
N PRO B 28 -17.35 -34.28 -54.20
CA PRO B 28 -16.38 -34.75 -53.22
C PRO B 28 -15.17 -33.83 -53.10
N VAL B 29 -14.54 -33.92 -51.93
CA VAL B 29 -13.49 -33.01 -51.46
C VAL B 29 -12.25 -33.90 -51.31
N ALA B 30 -11.99 -34.73 -52.32
CA ALA B 30 -11.05 -35.85 -52.28
C ALA B 30 -9.58 -35.47 -52.05
N THR B 31 -9.20 -34.21 -51.84
CA THR B 31 -7.88 -33.87 -51.34
C THR B 31 -7.96 -32.62 -50.48
N TYR B 32 -7.36 -32.69 -49.29
CA TYR B 32 -7.27 -31.56 -48.37
C TYR B 32 -6.10 -31.84 -47.44
N THR B 33 -5.40 -30.78 -47.06
CA THR B 33 -4.25 -30.91 -46.16
C THR B 33 -4.05 -29.60 -45.42
N ASN B 34 -4.17 -29.63 -44.10
CA ASN B 34 -3.86 -28.47 -43.29
C ASN B 34 -2.36 -28.43 -43.03
N SER B 35 -1.75 -27.29 -43.32
CA SER B 35 -0.32 -27.09 -43.15
C SER B 35 -0.07 -25.80 -42.39
N SER B 36 -0.88 -25.55 -41.37
CA SER B 36 -0.74 -24.40 -40.50
C SER B 36 -0.17 -24.78 -39.15
N GLN B 37 0.77 -25.71 -39.14
CA GLN B 37 1.37 -26.22 -37.91
C GLN B 37 2.30 -25.24 -37.18
N PRO B 38 3.07 -24.35 -37.84
CA PRO B 38 3.79 -23.32 -37.07
C PRO B 38 2.93 -22.31 -36.33
N PHE B 39 1.61 -22.29 -36.50
CA PHE B 39 0.78 -21.37 -35.75
C PHE B 39 0.05 -22.05 -34.60
N ARG B 40 0.03 -23.38 -34.55
CA ARG B 40 -0.58 -24.11 -33.45
C ARG B 40 0.46 -24.31 -32.35
N LEU B 41 0.23 -23.69 -31.19
CA LEU B 41 1.22 -23.54 -30.14
C LEU B 41 0.90 -24.47 -28.98
N GLY B 42 1.71 -25.51 -28.80
CA GLY B 42 1.43 -26.54 -27.83
C GLY B 42 2.00 -26.32 -26.44
N GLU B 43 3.15 -25.66 -26.34
CA GLU B 43 3.84 -25.47 -25.07
C GLU B 43 3.45 -24.16 -24.37
N ARG B 44 3.64 -23.02 -25.05
CA ARG B 44 3.17 -21.69 -24.64
C ARG B 44 3.75 -21.27 -23.28
N SER B 45 5.06 -21.10 -23.28
CA SER B 45 5.78 -20.50 -22.17
C SER B 45 6.01 -19.02 -22.47
N PHE B 46 5.53 -18.16 -21.60
CA PHE B 46 5.93 -16.76 -21.59
C PHE B 46 7.26 -16.65 -20.84
N SER B 47 7.55 -15.45 -20.35
CA SER B 47 8.77 -15.13 -19.58
C SER B 47 10.01 -15.16 -20.45
N ARG B 48 9.90 -14.61 -21.65
CA ARG B 48 11.03 -14.16 -22.43
C ARG B 48 10.84 -12.68 -22.72
N GLN B 49 11.77 -12.12 -23.46
CA GLN B 49 11.73 -10.73 -23.87
C GLN B 49 11.76 -10.63 -25.38
N TYR B 50 11.29 -9.51 -25.91
CA TYR B 50 11.01 -9.36 -27.33
C TYR B 50 12.24 -9.13 -28.19
N ALA B 51 13.43 -9.33 -27.67
CA ALA B 51 14.64 -9.11 -28.45
C ALA B 51 15.09 -10.33 -29.20
N HIS B 52 14.57 -11.52 -28.88
CA HIS B 52 14.94 -12.70 -29.64
C HIS B 52 14.28 -12.75 -31.02
N ILE B 53 13.21 -12.00 -31.21
CA ILE B 53 12.46 -12.03 -32.46
C ILE B 53 13.13 -11.16 -33.54
N TYR B 54 13.55 -9.94 -33.20
CA TYR B 54 14.21 -9.05 -34.14
C TYR B 54 15.54 -9.61 -34.63
N ALA B 55 16.29 -10.28 -33.75
CA ALA B 55 17.57 -10.83 -34.12
C ALA B 55 17.45 -11.95 -35.14
N THR B 56 16.49 -12.87 -34.94
CA THR B 56 16.32 -13.95 -35.89
C THR B 56 15.66 -13.45 -37.18
N ARG B 57 14.85 -12.40 -37.11
CA ARG B 57 14.33 -11.76 -38.32
C ARG B 57 15.44 -11.21 -39.20
N LEU B 58 16.40 -10.49 -38.62
CA LEU B 58 17.53 -9.97 -39.39
C LEU B 58 18.42 -11.08 -39.93
N ILE B 59 18.73 -12.06 -39.10
CA ILE B 59 19.63 -13.14 -39.50
C ILE B 59 19.02 -13.98 -40.62
N GLN B 60 17.70 -14.15 -40.63
CA GLN B 60 17.09 -14.91 -41.71
C GLN B 60 16.89 -14.06 -42.96
N MET B 61 16.53 -12.78 -42.82
CA MET B 61 16.24 -11.95 -43.98
C MET B 61 17.47 -11.34 -44.64
N ARG B 62 18.68 -11.52 -44.10
CA ARG B 62 19.84 -10.84 -44.69
C ARG B 62 20.29 -11.39 -46.05
N PRO B 63 20.44 -12.71 -46.28
CA PRO B 63 20.91 -13.15 -47.61
C PRO B 63 19.98 -12.84 -48.78
N PHE B 64 18.67 -12.77 -48.54
CA PHE B 64 17.74 -12.36 -49.60
C PHE B 64 18.04 -10.95 -50.07
N LEU B 65 18.30 -10.05 -49.14
CA LEU B 65 18.54 -8.67 -49.51
C LEU B 65 19.91 -8.45 -50.10
N GLU B 66 20.91 -9.21 -49.67
CA GLU B 66 22.22 -9.15 -50.33
C GLU B 66 22.12 -9.64 -51.77
N ASN B 67 21.44 -10.77 -51.98
CA ASN B 67 21.30 -11.34 -53.31
C ASN B 67 20.42 -10.51 -54.22
N ARG B 68 19.53 -9.68 -53.68
CA ARG B 68 18.80 -8.79 -54.55
C ARG B 68 19.52 -7.48 -54.83
N ALA B 69 20.31 -6.97 -53.87
CA ALA B 69 21.05 -5.75 -54.15
C ALA B 69 22.21 -5.96 -55.12
N GLN B 70 22.76 -7.19 -55.18
CA GLN B 70 23.74 -7.52 -56.21
C GLN B 70 23.17 -7.34 -57.61
N GLN B 71 22.06 -8.01 -57.90
CA GLN B 71 21.49 -7.94 -59.24
C GLN B 71 20.61 -6.72 -59.44
N HIS B 72 20.47 -5.85 -58.44
CA HIS B 72 19.72 -4.64 -58.65
C HIS B 72 20.61 -3.40 -58.76
N TRP B 73 21.87 -3.49 -58.29
CA TRP B 73 22.81 -2.37 -58.39
C TRP B 73 24.17 -2.76 -58.97
N GLY B 74 24.33 -3.98 -59.44
CA GLY B 74 25.59 -4.36 -60.04
C GLY B 74 26.46 -5.17 -59.10
N SER B 75 27.14 -6.18 -59.64
CA SER B 75 27.95 -7.10 -58.85
C SER B 75 29.29 -6.52 -58.41
N GLY B 76 29.58 -5.27 -58.73
CA GLY B 76 30.65 -4.54 -58.10
C GLY B 76 30.21 -4.06 -56.73
N VAL B 77 30.13 -4.98 -55.79
CA VAL B 77 29.31 -4.78 -54.60
C VAL B 77 30.08 -4.01 -53.53
N GLY B 78 29.32 -3.23 -52.76
CA GLY B 78 29.87 -2.44 -51.68
C GLY B 78 29.10 -2.61 -50.40
N VAL B 79 28.63 -3.83 -50.11
CA VAL B 79 27.83 -4.07 -48.92
C VAL B 79 28.73 -4.06 -47.69
N LYS B 80 28.31 -3.33 -46.67
CA LYS B 80 29.16 -3.08 -45.51
C LYS B 80 28.36 -2.92 -44.25
N LYS B 81 28.96 -3.33 -43.14
CA LYS B 81 28.38 -3.19 -41.80
C LYS B 81 28.32 -1.70 -41.43
N LEU B 82 27.43 -1.38 -40.50
CA LEU B 82 27.14 0.02 -40.17
C LEU B 82 28.29 0.70 -39.43
N CYS B 83 29.22 -0.06 -38.85
CA CYS B 83 30.34 0.55 -38.13
C CYS B 83 31.57 0.78 -39.00
N GLU B 84 31.72 0.04 -40.09
CA GLU B 84 32.92 0.12 -40.92
C GLU B 84 32.79 1.13 -42.05
N LEU B 85 31.92 2.12 -41.89
CA LEU B 85 31.74 3.13 -42.93
C LEU B 85 32.69 4.29 -42.72
N GLN B 86 33.30 4.71 -43.78
CA GLN B 86 34.17 5.86 -43.94
C GLN B 86 33.37 7.04 -44.46
N PRO B 87 33.76 8.27 -44.12
CA PRO B 87 32.98 9.44 -44.54
C PRO B 87 33.01 9.64 -46.05
N GLU B 88 31.81 9.85 -46.61
CA GLU B 88 31.55 10.12 -48.03
C GLU B 88 32.15 9.03 -48.94
N GLU B 89 31.56 7.85 -48.84
CA GLU B 89 31.94 6.71 -49.66
C GLU B 89 30.68 5.90 -49.99
N LYS B 90 30.61 5.41 -51.24
CA LYS B 90 29.40 4.78 -51.75
C LYS B 90 29.29 3.34 -51.28
N CYS B 91 28.21 3.01 -50.58
CA CYS B 91 28.06 1.66 -50.04
C CYS B 91 26.59 1.30 -49.93
N CYS B 92 26.35 0.02 -49.65
CA CYS B 92 25.01 -0.53 -49.45
C CYS B 92 24.90 -1.11 -48.04
N VAL B 93 23.82 -0.76 -47.35
CA VAL B 93 23.57 -1.15 -45.96
C VAL B 93 22.27 -1.93 -45.87
N VAL B 94 22.27 -3.02 -45.09
CA VAL B 94 21.09 -3.86 -44.89
C VAL B 94 20.69 -3.81 -43.43
N GLY B 95 19.50 -3.29 -43.13
CA GLY B 95 19.11 -3.07 -41.74
C GLY B 95 17.61 -3.11 -41.50
N THR B 96 17.20 -2.66 -40.31
CA THR B 96 15.80 -2.68 -39.88
C THR B 96 15.34 -1.26 -39.61
N LEU B 97 14.16 -0.91 -40.10
CA LEU B 97 13.67 0.44 -39.86
C LEU B 97 13.17 0.58 -38.43
N PHE B 98 13.15 1.82 -37.98
CA PHE B 98 12.40 2.20 -36.79
C PHE B 98 11.88 3.61 -37.06
N LYS B 99 10.57 3.77 -37.05
CA LYS B 99 9.97 5.07 -37.28
C LYS B 99 9.72 5.72 -35.93
N ALA B 100 10.24 6.93 -35.77
CA ALA B 100 10.19 7.63 -34.48
C ALA B 100 9.04 8.63 -34.51
N MET B 101 7.85 8.13 -34.26
CA MET B 101 6.72 9.03 -34.33
C MET B 101 6.26 9.47 -32.96
N PRO B 102 6.10 10.77 -32.74
CA PRO B 102 5.22 11.24 -31.67
C PRO B 102 3.76 11.05 -32.11
N LEU B 103 2.87 11.25 -31.14
CA LEU B 103 1.42 11.03 -31.11
C LEU B 103 1.07 9.54 -31.01
N GLN B 104 2.06 8.63 -31.07
CA GLN B 104 1.84 7.22 -30.72
C GLN B 104 1.71 7.10 -29.21
N PRO B 105 0.62 6.52 -28.69
CA PRO B 105 0.39 6.56 -27.25
C PRO B 105 1.30 5.63 -26.48
N SER B 106 1.76 6.13 -25.33
CA SER B 106 2.52 5.35 -24.36
C SER B 106 1.62 5.04 -23.19
N ILE B 107 2.14 4.25 -22.24
CA ILE B 107 1.28 3.66 -21.22
C ILE B 107 0.82 4.72 -20.21
N LEU B 108 1.67 5.69 -19.94
CA LEU B 108 1.35 6.75 -18.98
C LEU B 108 2.22 7.96 -19.24
N SER B 124 -9.50 6.92 -37.84
CA SER B 124 -8.46 7.69 -37.15
C SER B 124 -7.09 7.15 -37.51
N LYS B 125 -6.24 8.02 -38.03
CA LYS B 125 -4.85 7.73 -38.31
C LYS B 125 -3.96 8.41 -37.27
N TYR B 126 -2.71 7.97 -37.22
CA TYR B 126 -1.78 8.50 -36.23
C TYR B 126 -0.51 9.08 -36.84
N ILE B 127 -0.48 9.27 -38.16
CA ILE B 127 0.69 9.87 -38.81
C ILE B 127 0.71 11.37 -38.53
N HIS B 128 1.90 11.92 -38.33
CA HIS B 128 2.09 13.33 -38.05
C HIS B 128 3.05 13.92 -39.08
N PRO B 129 2.90 15.22 -39.41
CA PRO B 129 3.77 15.85 -40.41
C PRO B 129 5.27 15.82 -40.15
N ASP B 130 5.73 15.65 -38.91
CA ASP B 130 7.13 15.40 -38.67
C ASP B 130 7.30 14.11 -37.90
N ASP B 131 8.17 13.24 -38.43
CA ASP B 131 8.55 11.96 -37.85
C ASP B 131 9.74 11.43 -38.64
N GLU B 132 10.68 10.85 -37.93
CA GLU B 132 11.96 10.48 -38.50
C GLU B 132 12.01 8.98 -38.77
N LEU B 133 12.89 8.58 -39.68
CA LEU B 133 13.20 7.18 -39.87
C LEU B 133 14.62 6.93 -39.37
N VAL B 134 14.86 5.76 -38.81
CA VAL B 134 16.17 5.41 -38.28
C VAL B 134 16.50 4.01 -38.76
N LEU B 135 17.66 3.84 -39.38
CA LEU B 135 18.12 2.51 -39.77
C LEU B 135 18.92 1.94 -38.61
N GLU B 136 18.56 0.75 -38.18
CA GLU B 136 19.12 0.14 -36.98
C GLU B 136 19.64 -1.23 -37.33
N ASP B 137 20.80 -1.55 -36.81
CA ASP B 137 21.34 -2.89 -36.82
C ASP B 137 21.51 -3.33 -35.36
N GLU B 138 22.16 -4.47 -35.16
CA GLU B 138 22.27 -5.05 -33.84
C GLU B 138 23.14 -4.22 -32.90
N LEU B 139 24.11 -3.47 -33.43
CA LEU B 139 25.05 -2.74 -32.58
C LEU B 139 24.74 -1.26 -32.43
N GLN B 140 24.34 -0.56 -33.50
CA GLN B 140 24.04 0.87 -33.38
C GLN B 140 23.04 1.28 -34.44
N ARG B 141 22.68 2.57 -34.39
CA ARG B 141 21.66 3.17 -35.25
C ARG B 141 22.28 4.24 -36.12
N ILE B 142 21.48 4.78 -37.05
CA ILE B 142 21.83 5.99 -37.79
C ILE B 142 20.56 6.62 -38.34
N LYS B 143 20.55 7.95 -38.40
CA LYS B 143 19.44 8.67 -38.97
C LYS B 143 19.50 8.63 -40.49
N LEU B 144 18.39 9.00 -41.13
CA LEU B 144 18.26 8.85 -42.56
C LEU B 144 17.51 10.05 -43.13
N LYS B 145 18.06 10.65 -44.18
CA LYS B 145 17.32 11.62 -44.97
C LYS B 145 17.78 11.52 -46.41
N GLY B 146 17.06 12.20 -47.29
CA GLY B 146 17.31 12.10 -48.71
C GLY B 146 16.07 11.80 -49.50
N THR B 147 16.17 10.93 -50.50
CA THR B 147 15.04 10.57 -51.35
C THR B 147 14.47 9.26 -50.82
N ILE B 148 13.51 9.39 -49.90
CA ILE B 148 12.85 8.25 -49.28
C ILE B 148 11.48 8.74 -48.80
N ASP B 149 10.52 7.83 -48.75
CA ASP B 149 9.16 8.20 -48.37
C ASP B 149 9.04 8.16 -46.85
N VAL B 150 8.47 9.22 -46.28
CA VAL B 150 8.51 9.34 -44.84
C VAL B 150 7.27 8.70 -44.20
N SER B 151 6.16 8.62 -44.93
CA SER B 151 4.89 8.22 -44.35
C SER B 151 4.32 6.96 -44.96
N LYS B 152 4.93 6.42 -46.01
CA LYS B 152 4.50 5.15 -46.56
C LYS B 152 5.10 3.96 -45.81
N LEU B 153 6.19 4.16 -45.09
CA LEU B 153 6.89 3.05 -44.46
C LEU B 153 6.63 3.01 -42.95
N VAL B 154 6.76 1.82 -42.38
CA VAL B 154 6.37 1.54 -41.01
C VAL B 154 7.55 0.87 -40.30
N THR B 155 7.53 0.93 -38.97
CA THR B 155 8.60 0.32 -38.18
C THR B 155 8.52 -1.20 -38.23
N GLY B 156 9.63 -1.83 -38.57
CA GLY B 156 9.73 -3.28 -38.63
C GLY B 156 10.08 -3.85 -39.99
N THR B 157 10.21 -3.04 -41.04
CA THR B 157 10.57 -3.53 -42.37
C THR B 157 12.09 -3.66 -42.49
N VAL B 158 12.54 -4.75 -43.08
CA VAL B 158 13.97 -4.98 -43.31
C VAL B 158 14.28 -4.74 -44.79
N LEU B 159 15.31 -3.95 -45.07
CA LEU B 159 15.57 -3.47 -46.43
C LEU B 159 17.04 -3.16 -46.61
N ALA B 160 17.44 -3.07 -47.89
CA ALA B 160 18.78 -2.65 -48.29
C ALA B 160 18.72 -1.24 -48.85
N VAL B 161 19.83 -0.49 -48.73
CA VAL B 161 19.82 0.93 -49.03
C VAL B 161 21.20 1.34 -49.56
N PHE B 162 21.25 2.42 -50.34
CA PHE B 162 22.44 2.84 -51.08
C PHE B 162 22.79 4.28 -50.77
N GLY B 163 24.03 4.54 -50.35
CA GLY B 163 24.42 5.92 -50.11
C GLY B 163 25.74 6.07 -49.37
N SER B 164 25.84 7.16 -48.61
CA SER B 164 27.10 7.62 -48.03
C SER B 164 26.87 8.28 -46.68
N VAL B 165 27.85 8.16 -45.79
CA VAL B 165 27.83 8.85 -44.50
C VAL B 165 28.33 10.27 -44.68
N ARG B 166 27.50 11.24 -44.31
CA ARG B 166 27.82 12.64 -44.46
C ARG B 166 28.53 13.15 -43.21
N ASP B 167 28.63 14.47 -43.08
CA ASP B 167 29.46 15.08 -42.06
C ASP B 167 28.77 15.25 -40.72
N ASP B 168 27.45 15.39 -40.70
CA ASP B 168 26.70 15.56 -39.47
C ASP B 168 26.29 14.23 -38.83
N GLY B 169 26.92 13.13 -39.23
CA GLY B 169 26.57 11.82 -38.73
C GLY B 169 25.39 11.16 -39.41
N LYS B 170 24.62 11.90 -40.21
CA LYS B 170 23.46 11.34 -40.89
C LYS B 170 23.90 10.60 -42.15
N PHE B 171 22.91 10.10 -42.87
CA PHE B 171 23.10 9.21 -44.00
C PHE B 171 22.23 9.73 -45.13
N LEU B 172 22.79 9.77 -46.33
CA LEU B 172 22.10 10.30 -47.51
C LEU B 172 21.76 9.14 -48.44
N VAL B 173 20.48 8.99 -48.76
CA VAL B 173 19.95 7.81 -49.43
C VAL B 173 19.65 8.17 -50.88
N GLU B 174 20.13 7.36 -51.81
CA GLU B 174 19.80 7.49 -53.21
C GLU B 174 18.67 6.56 -53.64
N ASP B 175 18.82 5.25 -53.39
CA ASP B 175 17.74 4.31 -53.65
C ASP B 175 17.89 3.10 -52.74
N TYR B 176 16.79 2.36 -52.61
CA TYR B 176 16.60 1.32 -51.62
C TYR B 176 15.73 0.23 -52.19
N CYS B 177 15.91 -1.00 -51.71
CA CYS B 177 15.15 -2.12 -52.23
C CYS B 177 14.68 -3.05 -51.11
N PHE B 178 13.51 -3.63 -51.36
CA PHE B 178 12.82 -4.61 -50.51
C PHE B 178 13.16 -6.05 -50.91
N ALA B 179 12.79 -7.01 -50.05
CA ALA B 179 13.06 -8.43 -50.25
C ALA B 179 12.41 -9.17 -51.44
N ASP B 180 11.13 -8.84 -51.74
CA ASP B 180 10.29 -9.39 -52.84
C ASP B 180 9.64 -10.78 -52.65
N LEU B 181 8.97 -11.26 -53.70
CA LEU B 181 8.25 -12.53 -53.69
C LEU B 181 9.18 -13.74 -53.62
N ALA B 182 8.67 -14.79 -53.00
CA ALA B 182 9.34 -16.07 -52.83
C ALA B 182 9.00 -16.99 -53.99
N PRO B 183 9.71 -18.11 -54.17
CA PRO B 183 9.35 -19.04 -55.26
C PRO B 183 7.98 -19.68 -55.11
N GLN B 184 7.47 -20.18 -56.24
CA GLN B 184 6.11 -20.68 -56.35
C GLN B 184 6.09 -21.81 -57.35
N LYS B 185 5.77 -23.01 -56.90
CA LYS B 185 5.61 -24.15 -57.78
C LYS B 185 4.24 -24.11 -58.45
N PRO B 186 4.13 -24.65 -59.67
CA PRO B 186 2.84 -24.58 -60.35
C PRO B 186 1.88 -25.67 -59.89
N ALA B 187 0.60 -25.36 -59.99
CA ALA B 187 -0.55 -26.17 -59.59
C ALA B 187 -1.03 -27.02 -60.75
N PRO B 188 -1.60 -28.19 -60.48
CA PRO B 188 -2.20 -28.98 -61.56
C PRO B 188 -3.51 -28.38 -62.00
N PRO B 189 -3.85 -28.49 -63.29
CA PRO B 189 -5.14 -27.98 -63.75
C PRO B 189 -6.27 -28.95 -63.42
N LEU B 190 -7.48 -28.41 -63.37
CA LEU B 190 -8.66 -29.15 -62.92
C LEU B 190 -9.54 -29.50 -64.10
N ASP B 191 -10.39 -30.52 -63.92
CA ASP B 191 -11.28 -30.99 -64.98
C ASP B 191 -12.63 -30.27 -64.98
N THR B 192 -13.37 -30.37 -63.88
CA THR B 192 -14.64 -29.69 -63.71
C THR B 192 -14.49 -28.63 -62.64
N ASP B 193 -15.08 -27.46 -62.87
CA ASP B 193 -14.87 -26.32 -61.98
C ASP B 193 -15.56 -26.53 -60.63
N ARG B 194 -14.78 -26.38 -59.56
CA ARG B 194 -15.28 -26.36 -58.19
C ARG B 194 -15.14 -24.95 -57.63
N PHE B 195 -16.10 -24.55 -56.81
CA PHE B 195 -16.13 -23.21 -56.26
C PHE B 195 -15.86 -23.27 -54.76
N VAL B 196 -15.49 -22.11 -54.21
CA VAL B 196 -15.25 -21.94 -52.78
C VAL B 196 -15.87 -20.61 -52.36
N LEU B 197 -16.64 -20.62 -51.28
CA LEU B 197 -17.32 -19.43 -50.78
C LEU B 197 -16.58 -18.85 -49.58
N LEU B 198 -16.45 -17.51 -49.57
CA LEU B 198 -15.75 -16.79 -48.50
C LEU B 198 -16.68 -15.73 -47.93
N VAL B 199 -16.86 -15.77 -46.61
CA VAL B 199 -17.72 -14.85 -45.86
C VAL B 199 -16.89 -14.36 -44.68
N SER B 200 -17.21 -13.17 -44.19
CA SER B 200 -16.58 -12.69 -42.97
C SER B 200 -17.53 -11.75 -42.25
N GLY B 201 -17.47 -11.78 -40.92
CA GLY B 201 -18.11 -10.77 -40.10
C GLY B 201 -19.62 -10.74 -40.08
N LEU B 202 -20.25 -11.83 -39.63
CA LEU B 202 -21.70 -11.89 -39.55
C LEU B 202 -22.25 -10.91 -38.52
N GLY B 203 -21.55 -10.74 -37.41
CA GLY B 203 -21.95 -9.77 -36.43
C GLY B 203 -23.16 -10.18 -35.60
N LEU B 204 -23.18 -11.42 -35.14
CA LEU B 204 -24.30 -11.93 -34.36
C LEU B 204 -24.22 -11.39 -32.94
N GLY B 205 -25.18 -10.55 -32.57
CA GLY B 205 -25.16 -9.88 -31.29
C GLY B 205 -25.64 -8.44 -31.42
N GLY B 206 -25.61 -7.93 -32.65
CA GLY B 206 -26.08 -6.60 -32.95
C GLY B 206 -25.70 -6.17 -34.35
N GLY B 207 -26.55 -5.37 -35.01
CA GLY B 207 -26.24 -4.95 -36.36
C GLY B 207 -27.36 -5.01 -37.38
N GLY B 208 -28.59 -5.24 -36.95
CA GLY B 208 -29.75 -5.07 -37.82
C GLY B 208 -30.63 -6.29 -37.89
N GLY B 209 -31.67 -6.16 -38.72
CA GLY B 209 -32.60 -7.25 -38.99
C GLY B 209 -32.57 -7.64 -40.45
N GLU B 210 -32.14 -6.71 -41.30
CA GLU B 210 -31.86 -7.05 -42.68
C GLU B 210 -30.65 -7.97 -42.79
N SER B 211 -29.73 -7.87 -41.81
CA SER B 211 -28.64 -8.83 -41.73
C SER B 211 -29.15 -10.22 -41.37
N LEU B 212 -30.27 -10.30 -40.64
CA LEU B 212 -30.83 -11.59 -40.28
C LEU B 212 -31.42 -12.31 -41.50
N LEU B 213 -32.24 -11.60 -42.27
CA LEU B 213 -32.76 -12.17 -43.51
C LEU B 213 -31.67 -12.39 -44.54
N GLY B 214 -30.62 -11.56 -44.53
CA GLY B 214 -29.48 -11.82 -45.40
C GLY B 214 -28.74 -13.09 -45.05
N THR B 215 -28.53 -13.33 -43.75
CA THR B 215 -27.87 -14.56 -43.32
C THR B 215 -28.74 -15.78 -43.62
N GLN B 216 -30.06 -15.62 -43.46
CA GLN B 216 -30.99 -16.71 -43.76
C GLN B 216 -31.01 -17.05 -45.24
N LEU B 217 -31.04 -16.03 -46.11
CA LEU B 217 -31.03 -16.27 -47.54
C LEU B 217 -29.70 -16.86 -48.01
N LEU B 218 -28.58 -16.47 -47.37
CA LEU B 218 -27.28 -17.03 -47.73
C LEU B 218 -27.20 -18.52 -47.38
N VAL B 219 -27.60 -18.90 -46.16
CA VAL B 219 -27.52 -20.31 -45.78
C VAL B 219 -28.57 -21.13 -46.54
N ASP B 220 -29.70 -20.51 -46.92
CA ASP B 220 -30.72 -21.21 -47.67
C ASP B 220 -30.29 -21.47 -49.11
N VAL B 221 -29.47 -20.58 -49.68
CA VAL B 221 -28.96 -20.81 -51.02
C VAL B 221 -27.89 -21.90 -51.00
N VAL B 222 -26.95 -21.82 -50.05
CA VAL B 222 -25.83 -22.77 -50.08
C VAL B 222 -26.28 -24.17 -49.63
N THR B 223 -27.31 -24.29 -48.80
CA THR B 223 -27.72 -25.62 -48.35
C THR B 223 -28.58 -26.35 -49.36
N GLY B 224 -29.26 -25.63 -50.26
CA GLY B 224 -30.00 -26.29 -51.31
C GLY B 224 -31.49 -26.23 -51.08
N GLN B 225 -31.95 -25.14 -50.50
CA GLN B 225 -33.36 -24.96 -50.23
C GLN B 225 -34.01 -23.97 -51.16
N LEU B 226 -33.23 -23.17 -51.89
CA LEU B 226 -33.76 -22.01 -52.56
C LEU B 226 -33.42 -22.04 -54.04
N GLY B 227 -34.35 -21.56 -54.85
CA GLY B 227 -34.14 -21.42 -56.28
C GLY B 227 -34.42 -22.69 -57.06
N ASP B 228 -34.37 -22.56 -58.37
CA ASP B 228 -34.73 -23.62 -59.31
C ASP B 228 -33.61 -24.65 -59.40
N GLU B 229 -33.72 -25.56 -60.37
CA GLU B 229 -32.69 -26.55 -60.63
C GLU B 229 -31.40 -25.93 -61.16
N GLY B 230 -31.46 -24.70 -61.69
CA GLY B 230 -30.23 -24.00 -62.03
C GLY B 230 -29.42 -23.66 -60.80
N GLU B 231 -30.04 -22.96 -59.85
CA GLU B 231 -29.38 -22.61 -58.59
C GLU B 231 -29.01 -23.83 -57.78
N GLN B 232 -29.84 -24.87 -57.83
CA GLN B 232 -29.56 -26.06 -57.04
C GLN B 232 -28.48 -26.91 -57.69
N CYS B 233 -28.34 -26.82 -59.01
CA CYS B 233 -27.22 -27.48 -59.66
C CYS B 233 -25.93 -26.71 -59.44
N SER B 234 -26.02 -25.40 -59.31
CA SER B 234 -24.80 -24.61 -59.22
C SER B 234 -24.31 -24.46 -57.77
N ALA B 235 -25.21 -24.49 -56.80
CA ALA B 235 -24.80 -24.49 -55.41
C ALA B 235 -24.37 -25.86 -54.93
N ALA B 236 -24.66 -26.91 -55.70
CA ALA B 236 -24.16 -28.23 -55.36
C ALA B 236 -22.69 -28.38 -55.70
N HIS B 237 -22.14 -27.47 -56.51
CA HIS B 237 -20.76 -27.57 -56.93
C HIS B 237 -19.81 -26.83 -56.01
N VAL B 238 -20.34 -25.97 -55.13
CA VAL B 238 -19.57 -25.30 -54.08
C VAL B 238 -19.02 -26.35 -53.14
N SER B 239 -17.70 -26.48 -53.10
CA SER B 239 -17.09 -27.60 -52.41
C SER B 239 -16.87 -27.33 -50.92
N ARG B 240 -16.53 -26.10 -50.55
CA ARG B 240 -16.15 -25.76 -49.19
C ARG B 240 -16.84 -24.47 -48.78
N VAL B 241 -16.72 -24.15 -47.48
CA VAL B 241 -17.16 -22.88 -46.91
C VAL B 241 -16.09 -22.45 -45.91
N ILE B 242 -15.62 -21.20 -46.00
CA ILE B 242 -14.64 -20.64 -45.07
C ILE B 242 -15.23 -19.39 -44.43
N LEU B 243 -15.36 -19.42 -43.12
CA LEU B 243 -15.80 -18.27 -42.33
C LEU B 243 -14.59 -17.66 -41.66
N ALA B 244 -14.37 -16.37 -41.86
CA ALA B 244 -13.08 -15.77 -41.50
C ALA B 244 -13.30 -14.62 -40.53
N GLY B 245 -13.35 -14.97 -39.26
CA GLY B 245 -13.18 -14.03 -38.16
C GLY B 245 -14.34 -13.10 -37.90
N ASN B 246 -14.36 -12.58 -36.67
CA ASN B 246 -15.30 -11.54 -36.23
C ASN B 246 -16.74 -12.02 -36.33
N LEU B 247 -16.98 -13.24 -35.84
CA LEU B 247 -18.30 -13.86 -35.91
C LEU B 247 -19.30 -13.17 -34.99
N LEU B 248 -18.87 -12.72 -33.81
CA LEU B 248 -19.75 -12.01 -32.87
C LEU B 248 -19.26 -10.58 -32.76
N SER B 249 -19.89 -9.65 -33.45
CA SER B 249 -19.51 -8.26 -33.25
C SER B 249 -20.09 -7.77 -31.94
N HIS B 250 -19.27 -7.14 -31.11
CA HIS B 250 -19.68 -6.78 -29.77
C HIS B 250 -19.76 -5.26 -29.62
N SER B 251 -20.83 -4.82 -28.96
CA SER B 251 -21.10 -3.40 -28.80
C SER B 251 -20.33 -2.81 -27.62
N THR B 252 -20.25 -3.55 -26.52
CA THR B 252 -19.50 -3.16 -25.34
C THR B 252 -19.24 -4.40 -24.49
N GLN B 253 -18.01 -4.54 -24.00
CA GLN B 253 -17.71 -5.66 -23.11
C GLN B 253 -18.14 -5.35 -21.68
N SER B 254 -17.57 -4.31 -21.08
CA SER B 254 -17.86 -3.97 -19.69
C SER B 254 -17.90 -2.46 -19.47
N ALA B 271 -25.57 -11.10 -23.42
CA ALA B 271 -24.76 -10.47 -24.44
C ALA B 271 -23.91 -11.50 -25.17
N SER B 272 -22.83 -11.94 -24.54
CA SER B 272 -21.91 -12.88 -25.17
C SER B 272 -22.30 -14.33 -24.95
N VAL B 273 -23.13 -14.63 -23.95
CA VAL B 273 -23.53 -16.01 -23.69
C VAL B 273 -24.64 -16.47 -24.62
N GLU B 274 -25.62 -15.61 -24.91
CA GLU B 274 -26.72 -15.98 -25.79
C GLU B 274 -26.31 -16.01 -27.26
N ALA B 275 -25.17 -15.42 -27.62
CA ALA B 275 -24.74 -15.38 -29.02
C ALA B 275 -24.10 -16.69 -29.46
N VAL B 276 -23.44 -17.40 -28.53
CA VAL B 276 -22.82 -18.67 -28.86
C VAL B 276 -23.87 -19.75 -29.10
N LYS B 277 -25.07 -19.60 -28.53
CA LYS B 277 -26.17 -20.52 -28.83
C LYS B 277 -26.61 -20.37 -30.28
N MET B 278 -26.79 -19.14 -30.75
CA MET B 278 -27.23 -18.92 -32.12
C MET B 278 -26.13 -19.27 -33.12
N LEU B 279 -24.87 -19.02 -32.76
CA LEU B 279 -23.77 -19.43 -33.62
C LEU B 279 -23.68 -20.95 -33.70
N ASP B 280 -24.00 -21.64 -32.61
CA ASP B 280 -24.05 -23.09 -32.62
C ASP B 280 -25.16 -23.60 -33.53
N GLU B 281 -26.32 -22.94 -33.52
CA GLU B 281 -27.41 -23.35 -34.40
C GLU B 281 -27.07 -23.14 -35.87
N ILE B 282 -26.46 -22.00 -36.20
CA ILE B 282 -26.07 -21.71 -37.58
C ILE B 282 -25.00 -22.69 -38.07
N LEU B 283 -24.02 -23.01 -37.22
CA LEU B 283 -23.01 -23.98 -37.60
C LEU B 283 -23.58 -25.39 -37.69
N LEU B 284 -24.68 -25.66 -36.97
CA LEU B 284 -25.38 -26.93 -37.16
C LEU B 284 -26.06 -26.99 -38.52
N GLN B 285 -26.77 -25.92 -38.89
CA GLN B 285 -27.47 -25.88 -40.17
C GLN B 285 -26.52 -25.86 -41.36
N LEU B 286 -25.29 -25.39 -41.18
CA LEU B 286 -24.29 -25.50 -42.23
C LEU B 286 -23.51 -26.81 -42.19
N SER B 287 -23.32 -27.41 -41.01
CA SER B 287 -22.58 -28.66 -40.94
C SER B 287 -23.37 -29.84 -41.47
N ALA B 288 -24.67 -29.66 -41.71
CA ALA B 288 -25.50 -30.70 -42.27
C ALA B 288 -25.11 -31.04 -43.70
N SER B 289 -24.86 -30.03 -44.55
CA SER B 289 -24.54 -30.25 -45.96
C SER B 289 -23.07 -30.07 -46.30
N VAL B 290 -22.48 -28.90 -46.04
CA VAL B 290 -21.12 -28.59 -46.48
C VAL B 290 -20.07 -28.85 -45.40
N PRO B 291 -18.80 -29.01 -45.77
CA PRO B 291 -17.71 -28.82 -44.81
C PRO B 291 -17.42 -27.34 -44.56
N VAL B 292 -17.16 -27.00 -43.28
CA VAL B 292 -17.02 -25.61 -42.82
C VAL B 292 -15.70 -25.49 -42.05
N ASP B 293 -15.03 -24.33 -42.19
CA ASP B 293 -13.83 -23.97 -41.43
C ASP B 293 -14.05 -22.63 -40.74
N VAL B 294 -13.86 -22.61 -39.42
CA VAL B 294 -14.21 -21.44 -38.60
C VAL B 294 -12.95 -20.87 -37.97
N MET B 295 -12.76 -19.55 -38.08
CA MET B 295 -11.58 -18.86 -37.62
C MET B 295 -11.91 -17.78 -36.60
N PRO B 296 -11.09 -17.63 -35.56
CA PRO B 296 -11.32 -16.57 -34.57
C PRO B 296 -10.94 -15.20 -35.10
N GLY B 297 -11.53 -14.18 -34.53
CA GLY B 297 -11.31 -12.84 -35.03
C GLY B 297 -10.95 -11.83 -33.97
N GLU B 298 -11.26 -10.57 -34.23
CA GLU B 298 -10.91 -9.49 -33.32
C GLU B 298 -11.70 -9.58 -32.02
N PHE B 299 -13.02 -9.76 -32.10
CA PHE B 299 -13.77 -10.19 -30.93
C PHE B 299 -14.25 -11.62 -31.19
N ASP B 300 -13.67 -12.55 -30.45
CA ASP B 300 -14.03 -13.96 -30.40
C ASP B 300 -13.37 -14.53 -29.15
N PRO B 301 -14.01 -15.49 -28.48
CA PRO B 301 -13.42 -15.99 -27.21
C PRO B 301 -12.14 -16.80 -27.36
N THR B 302 -11.03 -16.11 -27.64
CA THR B 302 -9.70 -16.69 -27.68
C THR B 302 -8.73 -15.70 -27.06
N ASN B 303 -7.43 -15.97 -27.24
CA ASN B 303 -6.36 -15.11 -26.75
C ASN B 303 -6.26 -13.84 -27.58
N TYR B 304 -5.27 -13.01 -27.25
CA TYR B 304 -5.07 -11.74 -27.92
C TYR B 304 -3.88 -11.73 -28.87
N THR B 305 -2.82 -12.47 -28.56
CA THR B 305 -1.61 -12.44 -29.38
C THR B 305 -1.86 -13.11 -30.72
N LEU B 306 -0.90 -12.95 -31.65
CA LEU B 306 -1.27 -13.11 -33.05
C LEU B 306 -1.42 -14.55 -33.56
N PRO B 307 -0.62 -15.55 -33.19
CA PRO B 307 -1.05 -16.90 -33.56
C PRO B 307 -2.18 -17.34 -32.66
N GLN B 308 -3.39 -16.92 -33.01
CA GLN B 308 -4.58 -17.24 -32.23
C GLN B 308 -4.95 -18.70 -32.37
N GLN B 309 -5.19 -19.34 -31.24
CA GLN B 309 -5.43 -20.76 -31.13
C GLN B 309 -6.91 -21.07 -31.40
N PRO B 310 -7.25 -22.31 -31.75
CA PRO B 310 -8.63 -22.61 -32.11
C PRO B 310 -9.59 -22.50 -30.95
N LEU B 311 -10.86 -22.30 -31.29
CA LEU B 311 -11.94 -22.19 -30.33
C LEU B 311 -12.16 -23.52 -29.60
N HIS B 312 -12.48 -23.43 -28.33
CA HIS B 312 -12.70 -24.64 -27.52
C HIS B 312 -14.05 -25.24 -27.87
N PRO B 313 -14.12 -26.58 -28.04
CA PRO B 313 -15.38 -27.20 -28.48
C PRO B 313 -16.49 -27.22 -27.44
N CYS B 314 -16.25 -26.79 -26.20
CA CYS B 314 -17.26 -26.88 -25.16
C CYS B 314 -18.31 -25.78 -25.25
N MET B 315 -18.19 -24.86 -26.20
CA MET B 315 -19.20 -23.84 -26.41
C MET B 315 -20.17 -24.20 -27.53
N PHE B 316 -19.97 -25.34 -28.19
CA PHE B 316 -20.79 -25.78 -29.31
C PHE B 316 -21.26 -27.20 -29.04
N PRO B 317 -22.39 -27.37 -28.33
CA PRO B 317 -22.91 -28.72 -28.09
C PRO B 317 -23.48 -29.39 -29.33
N LEU B 318 -24.27 -28.65 -30.11
CA LEU B 318 -25.01 -29.26 -31.21
C LEU B 318 -24.13 -29.59 -32.40
N ALA B 319 -23.24 -28.68 -32.79
CA ALA B 319 -22.54 -28.77 -34.06
C ALA B 319 -21.36 -29.71 -34.04
N THR B 320 -20.97 -30.23 -32.89
CA THR B 320 -19.86 -31.14 -32.80
C THR B 320 -20.32 -32.60 -32.96
N ALA B 321 -21.59 -32.80 -33.32
CA ALA B 321 -22.06 -34.13 -33.71
C ALA B 321 -21.45 -34.59 -35.03
N TYR B 322 -21.24 -33.66 -35.96
CA TYR B 322 -20.80 -33.95 -37.31
C TYR B 322 -19.30 -33.73 -37.46
N SER B 323 -18.67 -34.55 -38.30
CA SER B 323 -17.27 -34.40 -38.61
C SER B 323 -17.01 -33.54 -39.85
N THR B 324 -17.98 -32.71 -40.25
CA THR B 324 -17.75 -31.75 -41.32
C THR B 324 -17.41 -30.36 -40.79
N LEU B 325 -17.57 -30.10 -39.50
CA LEU B 325 -17.20 -28.82 -38.93
C LEU B 325 -15.75 -28.84 -38.44
N GLN B 326 -14.97 -27.82 -38.77
CA GLN B 326 -13.60 -27.73 -38.28
C GLN B 326 -13.30 -26.33 -37.76
N LEU B 327 -12.57 -26.26 -36.66
CA LEU B 327 -12.21 -25.02 -35.99
C LEU B 327 -10.70 -24.85 -36.13
N VAL B 328 -10.29 -23.69 -36.64
CA VAL B 328 -8.85 -23.32 -36.84
C VAL B 328 -8.49 -22.13 -35.93
N THR B 329 -7.79 -21.12 -36.48
CA THR B 329 -7.38 -19.94 -35.69
C THR B 329 -7.14 -18.72 -36.60
N ASN B 330 -6.05 -17.98 -36.35
CA ASN B 330 -5.74 -16.70 -37.05
C ASN B 330 -5.10 -17.01 -38.40
N PRO B 331 -3.76 -16.91 -38.58
CA PRO B 331 -3.11 -17.26 -39.84
C PRO B 331 -3.46 -18.70 -40.23
N TYR B 332 -4.20 -18.85 -41.32
CA TYR B 332 -4.66 -20.16 -41.76
C TYR B 332 -4.04 -20.44 -43.12
N GLN B 333 -3.33 -21.55 -43.22
CA GLN B 333 -2.90 -22.12 -44.49
C GLN B 333 -3.72 -23.36 -44.79
N ALA B 334 -3.87 -23.67 -46.08
CA ALA B 334 -4.44 -24.95 -46.49
C ALA B 334 -4.05 -25.24 -47.93
N THR B 335 -4.28 -26.49 -48.33
CA THR B 335 -4.12 -26.94 -49.72
C THR B 335 -5.46 -27.53 -50.18
N ILE B 336 -6.33 -26.70 -50.72
CA ILE B 336 -7.69 -27.10 -51.09
C ILE B 336 -7.66 -27.44 -52.57
N ASP B 337 -7.55 -28.73 -52.87
CA ASP B 337 -7.67 -29.32 -54.22
C ASP B 337 -6.50 -28.89 -55.10
N GLY B 338 -5.32 -28.81 -54.49
CA GLY B 338 -4.12 -28.43 -55.21
C GLY B 338 -3.76 -26.97 -55.08
N VAL B 339 -4.78 -26.11 -55.08
CA VAL B 339 -4.61 -24.69 -54.88
C VAL B 339 -4.35 -24.42 -53.40
N ARG B 340 -3.26 -23.72 -53.10
CA ARG B 340 -2.92 -23.43 -51.70
C ARG B 340 -3.35 -22.03 -51.29
N PHE B 341 -3.98 -21.96 -50.12
CA PHE B 341 -4.59 -20.76 -49.57
C PHE B 341 -3.81 -20.32 -48.34
N LEU B 342 -3.81 -19.01 -48.09
CA LEU B 342 -3.27 -18.46 -46.84
C LEU B 342 -4.04 -17.18 -46.56
N GLY B 343 -4.46 -17.00 -45.31
CA GLY B 343 -5.26 -15.83 -45.00
C GLY B 343 -5.29 -15.52 -43.53
N THR B 344 -5.75 -14.31 -43.23
CA THR B 344 -5.96 -13.81 -41.89
C THR B 344 -7.35 -13.21 -41.79
N SER B 345 -7.72 -12.78 -40.58
CA SER B 345 -8.97 -12.09 -40.33
C SER B 345 -8.79 -10.58 -40.28
N GLY B 346 -7.77 -10.05 -40.94
CA GLY B 346 -7.70 -8.63 -41.19
C GLY B 346 -7.25 -7.80 -40.01
N GLN B 347 -6.18 -8.26 -39.36
CA GLN B 347 -5.60 -7.60 -38.21
C GLN B 347 -4.24 -7.00 -38.51
N ASN B 348 -3.51 -7.57 -39.48
CA ASN B 348 -2.29 -6.96 -39.97
C ASN B 348 -2.57 -5.75 -40.86
N VAL B 349 -3.59 -5.85 -41.72
CA VAL B 349 -3.85 -4.83 -42.72
C VAL B 349 -4.38 -3.56 -42.09
N SER B 350 -5.24 -3.68 -41.09
CA SER B 350 -5.73 -2.49 -40.41
C SER B 350 -4.67 -1.88 -39.49
N ASP B 351 -3.74 -2.70 -38.99
CA ASP B 351 -2.65 -2.19 -38.20
C ASP B 351 -1.69 -1.35 -39.04
N ILE B 352 -1.38 -1.82 -40.24
CA ILE B 352 -0.60 -1.02 -41.19
C ILE B 352 -1.37 0.23 -41.59
N PHE B 353 -2.70 0.12 -41.72
CA PHE B 353 -3.54 1.28 -42.05
C PHE B 353 -3.51 2.34 -40.95
N ARG B 354 -3.27 1.95 -39.70
CA ARG B 354 -3.23 2.93 -38.63
C ARG B 354 -2.00 3.83 -38.73
N TYR B 355 -0.83 3.23 -38.93
CA TYR B 355 0.45 3.93 -38.83
C TYR B 355 1.13 4.11 -40.19
N SER B 356 0.37 4.40 -41.23
CA SER B 356 0.92 4.68 -42.55
C SER B 356 -0.02 5.65 -43.24
N SER B 357 0.19 5.84 -44.54
CA SER B 357 -0.60 6.78 -45.30
C SER B 357 -1.40 6.15 -46.42
N MET B 358 -1.16 4.88 -46.72
CA MET B 358 -1.94 4.17 -47.74
C MET B 358 -3.37 3.95 -47.27
N GLU B 359 -4.32 4.06 -48.20
CA GLU B 359 -5.74 3.89 -47.92
C GLU B 359 -6.33 2.62 -48.53
N ASP B 360 -5.92 2.28 -49.74
CA ASP B 360 -6.47 1.14 -50.46
C ASP B 360 -6.03 -0.17 -49.80
N HIS B 361 -7.00 -0.94 -49.32
CA HIS B 361 -6.71 -2.17 -48.58
C HIS B 361 -6.11 -3.25 -49.48
N LEU B 362 -6.49 -3.26 -50.76
CA LEU B 362 -5.88 -4.19 -51.71
C LEU B 362 -4.41 -3.84 -51.95
N GLU B 363 -4.10 -2.54 -51.95
CA GLU B 363 -2.72 -2.08 -52.10
C GLU B 363 -1.88 -2.45 -50.88
N ILE B 364 -2.45 -2.30 -49.68
CA ILE B 364 -1.76 -2.64 -48.45
C ILE B 364 -1.51 -4.14 -48.38
N LEU B 365 -2.45 -4.93 -48.88
CA LEU B 365 -2.26 -6.38 -48.94
C LEU B 365 -1.12 -6.76 -49.89
N GLU B 366 -1.06 -6.09 -51.05
CA GLU B 366 0.02 -6.36 -51.99
C GLU B 366 1.37 -5.86 -51.48
N TRP B 367 1.39 -4.74 -50.74
CA TRP B 367 2.63 -4.25 -50.15
C TRP B 367 3.17 -5.21 -49.12
N THR B 368 2.29 -5.70 -48.23
CA THR B 368 2.61 -6.80 -47.31
C THR B 368 3.19 -8.00 -48.04
N LEU B 369 2.67 -8.30 -49.22
CA LEU B 369 3.29 -9.34 -50.02
C LEU B 369 4.68 -8.95 -50.54
N ARG B 370 4.92 -7.65 -50.77
CA ARG B 370 6.16 -7.24 -51.43
C ARG B 370 7.38 -7.27 -50.51
N VAL B 371 7.19 -7.10 -49.20
CA VAL B 371 8.29 -7.06 -48.24
C VAL B 371 8.54 -8.41 -47.59
N ARG B 372 7.87 -9.46 -48.05
CA ARG B 372 8.05 -10.85 -47.61
C ARG B 372 7.75 -11.04 -46.12
N HIS B 373 6.69 -10.41 -45.64
CA HIS B 373 6.33 -10.54 -44.23
C HIS B 373 4.84 -10.28 -44.08
N ILE B 374 4.13 -11.20 -43.42
CA ILE B 374 2.68 -11.09 -43.23
C ILE B 374 2.33 -9.89 -42.37
N SER B 375 3.10 -9.67 -41.31
CA SER B 375 2.80 -8.59 -40.36
C SER B 375 4.11 -7.99 -39.88
N PRO B 376 4.64 -6.98 -40.59
CA PRO B 376 5.91 -6.40 -40.17
C PRO B 376 5.82 -5.53 -38.93
N THR B 377 4.63 -5.03 -38.58
CA THR B 377 4.48 -4.19 -37.38
C THR B 377 4.20 -5.03 -36.14
N ALA B 378 5.03 -6.05 -35.89
CA ALA B 378 4.84 -6.93 -34.76
C ALA B 378 6.18 -7.48 -34.29
N PRO B 379 6.54 -7.33 -33.00
CA PRO B 379 5.77 -6.58 -32.02
C PRO B 379 6.20 -5.13 -31.84
N ASP B 380 5.45 -4.18 -32.33
CA ASP B 380 5.63 -2.84 -31.81
C ASP B 380 4.31 -2.13 -31.56
N THR B 381 3.30 -2.43 -32.37
CA THR B 381 1.95 -1.91 -32.19
C THR B 381 0.90 -2.99 -32.37
N LEU B 382 1.31 -4.23 -32.64
CA LEU B 382 0.41 -5.38 -32.73
C LEU B 382 1.07 -6.52 -31.99
N GLY B 383 0.41 -7.03 -30.95
CA GLY B 383 1.04 -7.96 -30.04
C GLY B 383 1.17 -9.36 -30.61
N CYS B 384 2.26 -10.03 -30.26
CA CYS B 384 2.46 -11.40 -30.68
C CYS B 384 3.05 -12.18 -29.51
N TYR B 385 3.16 -13.44 -29.69
CA TYR B 385 3.86 -14.28 -28.75
C TYR B 385 5.36 -14.03 -28.86
N PRO B 386 6.10 -14.09 -27.75
CA PRO B 386 7.56 -13.97 -27.82
C PRO B 386 8.26 -15.23 -28.27
N PHE B 387 8.36 -15.47 -29.57
CA PHE B 387 9.09 -16.61 -30.10
C PHE B 387 10.58 -16.43 -29.85
N TYR B 388 11.33 -17.52 -29.96
CA TYR B 388 12.78 -17.37 -29.89
C TYR B 388 13.56 -18.21 -30.88
N LYS B 389 12.97 -19.19 -31.55
CA LYS B 389 13.78 -20.03 -32.43
C LYS B 389 13.79 -19.53 -33.86
N THR B 390 12.64 -19.12 -34.37
CA THR B 390 12.45 -18.71 -35.76
C THR B 390 11.19 -17.85 -35.82
N ASP B 391 11.27 -16.75 -36.55
CA ASP B 391 10.10 -15.91 -36.78
C ASP B 391 9.22 -16.58 -37.83
N PRO B 392 7.96 -16.89 -37.54
CA PRO B 392 7.12 -17.62 -38.50
C PRO B 392 6.31 -16.75 -39.47
N PHE B 393 6.46 -15.44 -39.45
CA PHE B 393 5.67 -14.59 -40.34
C PHE B 393 6.39 -14.28 -41.64
N ILE B 394 7.62 -14.73 -41.80
CA ILE B 394 8.32 -14.67 -43.07
C ILE B 394 7.72 -15.72 -44.01
N PHE B 395 7.36 -15.30 -45.22
CA PHE B 395 6.87 -16.23 -46.26
C PHE B 395 7.98 -17.19 -46.67
N PRO B 396 7.80 -18.50 -46.54
CA PRO B 396 8.83 -19.42 -47.04
C PRO B 396 8.56 -19.92 -48.47
N GLU B 397 7.38 -19.60 -48.99
CA GLU B 397 6.95 -20.02 -50.32
C GLU B 397 5.93 -19.00 -50.78
N CYS B 398 5.45 -19.15 -52.00
CA CYS B 398 4.47 -18.19 -52.45
C CYS B 398 3.10 -18.86 -52.59
N PRO B 399 2.05 -18.31 -51.98
CA PRO B 399 0.73 -18.91 -52.12
C PRO B 399 0.06 -18.53 -53.44
N HIS B 400 -0.82 -19.42 -53.90
CA HIS B 400 -1.56 -19.13 -55.12
C HIS B 400 -2.68 -18.13 -54.87
N VAL B 401 -3.37 -18.24 -53.74
CA VAL B 401 -4.39 -17.29 -53.32
C VAL B 401 -3.97 -16.71 -51.98
N TYR B 402 -4.29 -15.43 -51.77
CA TYR B 402 -3.90 -14.72 -50.55
C TYR B 402 -4.98 -13.71 -50.24
N PHE B 403 -5.79 -13.97 -49.22
CA PHE B 403 -6.95 -13.14 -48.91
C PHE B 403 -6.76 -12.43 -47.58
N CYS B 404 -7.69 -11.52 -47.31
CA CYS B 404 -7.69 -10.73 -46.10
C CYS B 404 -9.04 -10.92 -45.42
N GLY B 405 -9.32 -10.08 -44.44
CA GLY B 405 -10.42 -10.36 -43.56
C GLY B 405 -11.55 -9.37 -43.67
N ASN B 406 -11.78 -8.59 -42.64
CA ASN B 406 -12.95 -7.74 -42.54
C ASN B 406 -12.79 -6.36 -43.16
N THR B 407 -12.60 -6.28 -44.54
CA THR B 407 -12.37 -5.04 -45.28
C THR B 407 -13.70 -4.38 -45.66
N PRO B 408 -13.76 -3.05 -45.71
CA PRO B 408 -15.06 -2.38 -45.85
C PRO B 408 -15.71 -2.49 -47.23
N SER B 409 -15.02 -3.00 -48.24
CA SER B 409 -15.61 -3.12 -49.57
C SER B 409 -14.88 -4.21 -50.33
N PHE B 410 -15.57 -4.75 -51.33
CA PHE B 410 -15.03 -5.83 -52.13
C PHE B 410 -13.90 -5.32 -53.03
N GLY B 411 -12.93 -6.18 -53.29
CA GLY B 411 -11.87 -5.91 -54.24
C GLY B 411 -11.15 -7.19 -54.56
N SER B 412 -10.64 -7.26 -55.80
CA SER B 412 -9.83 -8.40 -56.20
C SER B 412 -8.91 -7.96 -57.33
N LYS B 413 -7.83 -8.72 -57.51
CA LYS B 413 -6.76 -8.32 -58.43
C LYS B 413 -5.88 -9.51 -58.71
N ILE B 414 -5.11 -9.43 -59.79
CA ILE B 414 -4.09 -10.41 -60.12
C ILE B 414 -2.76 -9.69 -60.25
N ILE B 415 -1.72 -10.21 -59.60
CA ILE B 415 -0.39 -9.60 -59.70
C ILE B 415 0.63 -10.63 -60.14
N ARG B 416 1.71 -10.13 -60.74
CA ARG B 416 2.77 -10.96 -61.29
C ARG B 416 4.05 -10.76 -60.50
N GLY B 417 4.89 -11.79 -60.53
CA GLY B 417 6.19 -11.71 -59.92
C GLY B 417 7.25 -11.37 -60.96
N PRO B 418 8.49 -11.25 -60.52
CA PRO B 418 9.61 -11.17 -61.47
C PRO B 418 9.79 -12.45 -62.25
N GLU B 419 9.82 -13.58 -61.55
CA GLU B 419 9.83 -14.89 -62.19
C GLU B 419 8.40 -15.25 -62.60
N ASP B 420 8.18 -16.51 -62.97
CA ASP B 420 6.83 -16.95 -63.23
C ASP B 420 6.09 -17.15 -61.91
N GLN B 421 5.57 -16.08 -61.34
CA GLN B 421 4.80 -16.12 -60.10
C GLN B 421 3.59 -15.24 -60.29
N THR B 422 2.39 -15.83 -60.22
CA THR B 422 1.14 -15.10 -60.27
C THR B 422 0.36 -15.36 -58.99
N VAL B 423 -0.30 -14.32 -58.48
CA VAL B 423 -1.01 -14.40 -57.21
C VAL B 423 -2.33 -13.67 -57.36
N LEU B 424 -3.43 -14.31 -56.96
CA LEU B 424 -4.73 -13.66 -56.88
C LEU B 424 -4.92 -13.08 -55.49
N LEU B 425 -5.34 -11.81 -55.41
CA LEU B 425 -5.53 -11.10 -54.16
C LEU B 425 -6.98 -10.72 -54.01
N VAL B 426 -7.62 -11.17 -52.93
CA VAL B 426 -9.02 -10.89 -52.64
C VAL B 426 -9.13 -10.19 -51.30
N THR B 427 -9.96 -9.16 -51.23
CA THR B 427 -10.36 -8.63 -49.94
C THR B 427 -11.83 -8.97 -49.72
N VAL B 428 -12.11 -9.63 -48.60
CA VAL B 428 -13.45 -10.12 -48.29
C VAL B 428 -14.23 -8.98 -47.66
N PRO B 429 -15.44 -8.70 -48.09
CA PRO B 429 -16.20 -7.62 -47.45
C PRO B 429 -16.77 -8.03 -46.10
N ASP B 430 -17.48 -7.12 -45.46
CA ASP B 430 -18.05 -7.33 -44.14
C ASP B 430 -19.56 -7.49 -44.29
N PHE B 431 -20.10 -8.63 -43.82
CA PHE B 431 -21.47 -9.00 -44.15
C PHE B 431 -22.51 -8.10 -43.48
N SER B 432 -22.17 -7.48 -42.35
CA SER B 432 -23.17 -6.75 -41.60
C SER B 432 -23.61 -5.46 -42.26
N ALA B 433 -22.77 -4.86 -43.11
CA ALA B 433 -23.16 -3.66 -43.83
C ALA B 433 -23.50 -3.92 -45.29
N THR B 434 -22.60 -4.59 -46.02
CA THR B 434 -22.78 -4.77 -47.45
C THR B 434 -23.64 -5.96 -47.82
N GLN B 435 -23.61 -7.01 -47.00
CA GLN B 435 -24.26 -8.31 -47.24
C GLN B 435 -23.76 -8.94 -48.54
N THR B 436 -22.44 -9.11 -48.61
CA THR B 436 -21.74 -9.58 -49.82
C THR B 436 -20.75 -10.66 -49.44
N ALA B 437 -20.73 -11.76 -50.18
CA ALA B 437 -19.73 -12.82 -50.05
C ALA B 437 -18.98 -12.99 -51.37
N CYS B 438 -17.99 -13.88 -51.41
CA CYS B 438 -17.18 -14.05 -52.61
C CYS B 438 -17.12 -15.51 -53.03
N LEU B 439 -17.26 -15.76 -54.34
CA LEU B 439 -17.06 -17.08 -54.93
C LEU B 439 -15.74 -17.11 -55.69
N VAL B 440 -14.89 -18.07 -55.36
CA VAL B 440 -13.62 -18.25 -56.03
C VAL B 440 -13.71 -19.54 -56.83
N ASN B 441 -13.52 -19.43 -58.14
CA ASN B 441 -13.40 -20.59 -59.02
C ASN B 441 -12.02 -21.20 -58.85
N LEU B 442 -11.93 -22.52 -58.87
CA LEU B 442 -10.67 -23.21 -58.66
C LEU B 442 -10.02 -23.69 -59.95
N ARG B 443 -10.63 -23.43 -61.11
CA ARG B 443 -10.03 -23.80 -62.37
C ARG B 443 -9.70 -22.59 -63.24
N SER B 444 -10.53 -21.56 -63.23
CA SER B 444 -10.22 -20.32 -63.93
C SER B 444 -9.55 -19.30 -63.03
N LEU B 445 -9.64 -19.50 -61.72
CA LEU B 445 -9.07 -18.63 -60.68
C LEU B 445 -9.55 -17.20 -60.82
N ALA B 446 -10.85 -17.03 -60.71
CA ALA B 446 -11.47 -15.73 -60.71
C ALA B 446 -12.39 -15.63 -59.51
N CYS B 447 -12.76 -14.41 -59.15
CA CYS B 447 -13.59 -14.18 -57.98
C CYS B 447 -14.79 -13.33 -58.37
N GLN B 448 -15.98 -13.78 -58.00
CA GLN B 448 -17.22 -13.06 -58.27
C GLN B 448 -17.95 -12.75 -56.98
N PRO B 449 -18.46 -11.53 -56.82
CA PRO B 449 -19.27 -11.21 -55.64
C PRO B 449 -20.67 -11.79 -55.72
N ILE B 450 -21.26 -12.03 -54.55
CA ILE B 450 -22.65 -12.44 -54.41
C ILE B 450 -23.28 -11.52 -53.38
N SER B 451 -24.45 -10.98 -53.68
CA SER B 451 -25.07 -10.03 -52.77
C SER B 451 -26.51 -10.45 -52.51
N PHE B 452 -26.98 -10.20 -51.29
CA PHE B 452 -28.29 -10.62 -50.82
C PHE B 452 -29.01 -9.39 -50.29
N SER B 453 -30.26 -9.21 -50.68
CA SER B 453 -31.03 -8.04 -50.25
C SER B 453 -32.51 -8.36 -50.33
N GLY B 454 -33.13 -8.58 -49.17
CA GLY B 454 -34.57 -8.62 -49.12
C GLY B 454 -35.14 -7.23 -49.20
N PHE B 455 -36.43 -7.15 -49.52
CA PHE B 455 -37.06 -5.84 -49.59
C PHE B 455 -37.27 -5.30 -48.19
N GLY B 456 -37.14 -3.98 -48.06
CA GLY B 456 -37.24 -3.34 -46.76
C GLY B 456 -38.58 -2.68 -46.60
N ALA B 457 -38.65 -1.64 -45.78
CA ALA B 457 -39.89 -0.88 -45.63
C ALA B 457 -40.03 0.07 -46.81
N GLU B 458 -40.28 -0.47 -48.00
CA GLU B 458 -40.18 0.32 -49.21
C GLU B 458 -41.54 0.47 -49.86
N ASP B 459 -41.93 1.72 -50.08
CA ASP B 459 -43.22 2.06 -50.65
C ASP B 459 -42.98 3.20 -51.62
N ASP B 460 -43.20 2.94 -52.91
CA ASP B 460 -42.86 3.87 -53.96
C ASP B 460 -44.02 4.76 -54.36
N ASP B 461 -44.89 5.13 -53.41
CA ASP B 461 -46.01 6.02 -53.70
C ASP B 461 -46.02 7.25 -52.80
N LEU B 462 -44.92 7.53 -52.10
CA LEU B 462 -44.87 8.67 -51.18
C LEU B 462 -44.34 9.91 -51.87
N ALA C 10 -56.65 -35.35 -53.30
CA ALA C 10 -55.37 -34.95 -53.88
C ALA C 10 -55.23 -33.44 -53.87
N ASP C 11 -55.84 -32.77 -54.86
CA ASP C 11 -55.73 -31.32 -54.98
C ASP C 11 -56.56 -30.65 -53.90
N GLN C 12 -57.75 -31.18 -53.62
CA GLN C 12 -58.63 -30.60 -52.61
C GLN C 12 -58.03 -30.70 -51.22
N LEU C 13 -57.15 -31.68 -50.99
CA LEU C 13 -56.47 -31.84 -49.70
C LEU C 13 -55.65 -30.60 -49.35
N TYR C 14 -54.63 -30.30 -50.16
CA TYR C 14 -53.81 -29.13 -49.87
C TYR C 14 -54.52 -27.84 -50.18
N LEU C 15 -55.50 -27.84 -51.08
CA LEU C 15 -56.27 -26.62 -51.35
C LEU C 15 -57.09 -26.22 -50.14
N GLU C 16 -57.74 -27.18 -49.48
CA GLU C 16 -58.47 -26.85 -48.27
C GLU C 16 -57.55 -26.59 -47.09
N ASN C 17 -56.41 -27.27 -47.02
CA ASN C 17 -55.45 -26.99 -45.96
C ASN C 17 -54.90 -25.57 -46.06
N ILE C 18 -54.57 -25.11 -47.27
CA ILE C 18 -54.11 -23.74 -47.44
C ILE C 18 -55.25 -22.75 -47.18
N ASP C 19 -56.47 -23.09 -47.61
CA ASP C 19 -57.59 -22.17 -47.37
C ASP C 19 -57.98 -22.07 -45.91
N GLU C 20 -57.62 -23.06 -45.08
CA GLU C 20 -57.87 -22.85 -43.65
C GLU C 20 -56.66 -22.25 -42.95
N PHE C 21 -55.45 -22.47 -43.48
CA PHE C 21 -54.27 -21.85 -42.88
C PHE C 21 -54.22 -20.35 -43.13
N VAL C 22 -54.67 -19.92 -44.30
CA VAL C 22 -54.47 -18.53 -44.71
C VAL C 22 -55.60 -17.65 -44.22
N THR C 23 -56.83 -18.00 -44.59
CA THR C 23 -57.96 -17.09 -44.44
C THR C 23 -58.70 -17.24 -43.12
N ASP C 24 -58.50 -18.35 -42.41
CA ASP C 24 -59.20 -18.58 -41.15
C ASP C 24 -58.35 -18.31 -39.93
N GLN C 25 -57.19 -18.95 -39.83
CA GLN C 25 -56.31 -18.72 -38.68
C GLN C 25 -55.50 -17.44 -38.80
N ASN C 26 -55.51 -16.80 -39.97
CA ASN C 26 -54.89 -15.50 -40.25
C ASN C 26 -53.38 -15.55 -40.00
N LYS C 27 -52.73 -16.46 -40.69
CA LYS C 27 -51.31 -16.73 -40.51
C LYS C 27 -50.54 -16.28 -41.74
N ILE C 28 -49.23 -16.49 -41.69
CA ILE C 28 -48.31 -16.14 -42.77
C ILE C 28 -47.59 -17.41 -43.18
N VAL C 29 -47.75 -17.80 -44.45
CA VAL C 29 -47.33 -19.11 -44.94
C VAL C 29 -46.15 -18.91 -45.87
N THR C 30 -44.96 -19.30 -45.44
CA THR C 30 -43.84 -19.40 -46.35
C THR C 30 -43.84 -20.81 -46.94
N TYR C 31 -42.90 -21.07 -47.85
CA TYR C 31 -42.83 -22.39 -48.47
C TYR C 31 -42.22 -23.40 -47.50
N LYS C 32 -41.31 -22.96 -46.63
CA LYS C 32 -40.68 -23.88 -45.69
C LYS C 32 -41.63 -24.28 -44.57
N TRP C 33 -42.52 -23.37 -44.15
CA TRP C 33 -43.56 -23.73 -43.20
C TRP C 33 -44.56 -24.71 -43.82
N LEU C 34 -44.89 -24.51 -45.10
CA LEU C 34 -45.85 -25.39 -45.77
C LEU C 34 -45.17 -26.67 -46.25
N SER C 35 -43.86 -26.77 -46.08
CA SER C 35 -43.20 -28.05 -46.32
C SER C 35 -42.86 -28.79 -45.04
N TYR C 36 -42.77 -28.10 -43.90
CA TYR C 36 -42.67 -28.76 -42.61
C TYR C 36 -44.04 -29.14 -42.03
N THR C 37 -45.11 -28.48 -42.43
CA THR C 37 -46.43 -28.93 -42.03
C THR C 37 -46.81 -30.22 -42.76
N LEU C 38 -46.82 -30.18 -44.09
CA LEU C 38 -47.35 -31.27 -44.88
C LEU C 38 -46.32 -32.30 -45.30
N GLY C 39 -45.07 -32.18 -44.87
CA GLY C 39 -44.05 -33.16 -45.17
C GLY C 39 -43.65 -33.28 -46.62
N VAL C 40 -43.51 -32.17 -47.32
CA VAL C 40 -43.36 -32.14 -48.77
C VAL C 40 -41.95 -31.63 -49.10
N HIS C 41 -41.46 -32.05 -50.28
CA HIS C 41 -40.31 -31.44 -50.94
C HIS C 41 -40.50 -29.93 -51.11
N VAL C 42 -39.39 -29.20 -51.24
CA VAL C 42 -39.41 -27.74 -51.25
C VAL C 42 -39.94 -27.20 -52.57
N ASN C 43 -39.47 -27.77 -53.69
CA ASN C 43 -39.93 -27.32 -55.01
C ASN C 43 -41.40 -27.65 -55.23
N GLN C 44 -41.83 -28.82 -54.77
CA GLN C 44 -43.25 -29.17 -54.83
C GLN C 44 -44.11 -28.25 -53.97
N ALA C 45 -43.54 -27.72 -52.89
CA ALA C 45 -44.29 -26.78 -52.06
C ALA C 45 -44.45 -25.43 -52.76
N LYS C 46 -43.41 -24.99 -53.49
CA LYS C 46 -43.54 -23.77 -54.29
C LYS C 46 -44.58 -23.95 -55.39
N GLN C 47 -44.60 -25.14 -56.01
CA GLN C 47 -45.60 -25.43 -57.04
C GLN C 47 -47.01 -25.47 -56.45
N MET C 48 -47.16 -25.99 -55.22
CA MET C 48 -48.44 -25.98 -54.53
C MET C 48 -48.94 -24.56 -54.30
N LEU C 49 -48.06 -23.67 -53.85
CA LEU C 49 -48.47 -22.29 -53.59
C LEU C 49 -48.83 -21.56 -54.87
N TYR C 50 -48.12 -21.86 -55.97
CA TYR C 50 -48.47 -21.24 -57.25
C TYR C 50 -49.81 -21.76 -57.77
N ASP C 51 -50.09 -23.05 -57.53
CA ASP C 51 -51.38 -23.63 -57.89
C ASP C 51 -52.53 -22.94 -57.15
N TYR C 52 -52.37 -22.77 -55.83
CA TYR C 52 -53.40 -22.12 -55.02
C TYR C 52 -53.63 -20.68 -55.45
N VAL C 53 -52.55 -19.93 -55.70
CA VAL C 53 -52.75 -18.53 -56.05
C VAL C 53 -53.33 -18.40 -57.45
N GLU C 54 -53.01 -19.34 -58.36
CA GLU C 54 -53.56 -19.24 -59.71
C GLU C 54 -55.04 -19.58 -59.73
N ARG C 55 -55.45 -20.60 -58.95
CA ARG C 55 -56.86 -20.96 -58.86
C ARG C 55 -57.68 -19.83 -58.25
N LYS C 56 -57.24 -19.31 -57.10
CA LYS C 56 -58.04 -18.30 -56.44
C LYS C 56 -57.90 -16.91 -57.05
N ARG C 57 -56.92 -16.68 -57.93
CA ARG C 57 -56.84 -15.43 -58.65
C ARG C 57 -57.53 -15.48 -60.00
N LYS C 58 -57.76 -16.68 -60.54
CA LYS C 58 -58.57 -16.85 -61.73
C LYS C 58 -60.05 -16.93 -61.40
N GLU C 59 -60.38 -17.43 -60.21
CA GLU C 59 -61.79 -17.53 -59.80
C GLU C 59 -62.44 -16.16 -59.63
N ASN C 60 -61.78 -15.24 -58.91
CA ASN C 60 -62.48 -14.12 -58.32
C ASN C 60 -61.93 -12.76 -58.70
N SER C 61 -60.60 -12.62 -58.76
CA SER C 61 -59.78 -11.45 -59.10
C SER C 61 -59.78 -10.37 -58.01
N GLY C 62 -60.58 -10.50 -56.96
CA GLY C 62 -60.67 -9.49 -55.94
C GLY C 62 -60.52 -10.01 -54.52
N ALA C 63 -59.68 -11.02 -54.33
CA ALA C 63 -59.54 -11.65 -53.03
C ALA C 63 -58.73 -10.76 -52.10
N GLN C 64 -58.62 -11.19 -50.84
CA GLN C 64 -57.79 -10.53 -49.85
C GLN C 64 -56.46 -11.26 -49.77
N LEU C 65 -55.72 -11.16 -50.87
CA LEU C 65 -54.58 -12.02 -51.11
C LEU C 65 -53.42 -11.17 -51.59
N HIS C 66 -52.27 -11.31 -50.94
CA HIS C 66 -51.05 -10.59 -51.25
C HIS C 66 -49.92 -11.60 -51.44
N VAL C 67 -49.10 -11.39 -52.47
CA VAL C 67 -48.02 -12.31 -52.79
C VAL C 67 -46.68 -11.61 -52.65
N THR C 68 -45.63 -12.41 -52.44
CA THR C 68 -44.23 -11.98 -52.50
C THR C 68 -43.42 -13.08 -53.19
N TYR C 69 -42.59 -12.68 -54.16
CA TYR C 69 -41.84 -13.58 -55.01
C TYR C 69 -40.35 -13.47 -54.71
N LEU C 70 -39.55 -14.25 -55.42
CA LEU C 70 -38.10 -14.16 -55.37
C LEU C 70 -37.56 -14.11 -56.78
N VAL C 71 -36.64 -13.18 -57.04
CA VAL C 71 -35.98 -13.05 -58.34
C VAL C 71 -34.47 -13.10 -58.11
N SER C 72 -33.78 -13.92 -58.91
CA SER C 72 -32.34 -14.03 -58.85
C SER C 72 -31.75 -13.97 -60.25
N GLY C 73 -30.51 -13.51 -60.35
CA GLY C 73 -29.82 -13.54 -61.62
C GLY C 73 -28.63 -12.63 -61.66
N SER C 74 -27.93 -12.66 -62.79
CA SER C 74 -26.71 -11.90 -62.98
C SER C 74 -26.98 -10.40 -63.11
N LEU C 75 -25.91 -9.62 -63.01
CA LEU C 75 -25.95 -8.18 -63.23
C LEU C 75 -24.53 -7.69 -63.47
N ILE C 76 -24.43 -6.53 -64.14
CA ILE C 76 -23.18 -5.77 -64.23
C ILE C 76 -23.45 -4.35 -63.79
N GLN C 77 -22.75 -3.92 -62.74
CA GLN C 77 -22.88 -2.55 -62.23
C GLN C 77 -21.83 -1.66 -62.89
N ASN C 78 -20.56 -1.93 -62.64
CA ASN C 78 -19.44 -1.22 -63.25
C ASN C 78 -18.45 -2.28 -63.74
N GLY C 79 -18.69 -2.82 -64.93
CA GLY C 79 -17.82 -3.83 -65.51
C GLY C 79 -18.00 -5.23 -64.95
N HIS C 80 -17.88 -5.37 -63.63
CA HIS C 80 -17.85 -6.65 -62.96
C HIS C 80 -19.21 -7.36 -63.00
N SER C 81 -19.17 -8.69 -63.05
CA SER C 81 -20.37 -9.51 -63.05
C SER C 81 -20.70 -9.93 -61.62
N CYS C 82 -21.76 -9.38 -61.07
CA CYS C 82 -22.26 -9.82 -59.77
C CYS C 82 -23.51 -10.67 -59.96
N HIS C 83 -24.00 -11.24 -58.86
CA HIS C 83 -25.16 -12.11 -58.85
C HIS C 83 -26.10 -11.64 -57.76
N LYS C 84 -27.23 -11.06 -58.16
CA LYS C 84 -28.15 -10.40 -57.25
C LYS C 84 -29.36 -11.28 -57.00
N VAL C 85 -29.70 -11.46 -55.72
CA VAL C 85 -30.81 -12.30 -55.26
C VAL C 85 -31.71 -11.44 -54.38
N ALA C 86 -33.00 -11.37 -54.71
CA ALA C 86 -33.89 -10.45 -54.01
C ALA C 86 -35.26 -11.08 -53.76
N VAL C 87 -35.81 -10.78 -52.58
CA VAL C 87 -37.19 -11.13 -52.24
C VAL C 87 -38.03 -9.87 -52.44
N VAL C 88 -39.00 -9.96 -53.35
CA VAL C 88 -39.63 -8.78 -53.94
C VAL C 88 -41.13 -8.85 -53.67
N ARG C 89 -41.77 -7.68 -53.60
CA ARG C 89 -43.21 -7.54 -53.41
C ARG C 89 -43.96 -7.80 -54.71
N GLU C 90 -45.25 -7.46 -54.72
CA GLU C 90 -46.14 -7.77 -55.83
C GLU C 90 -46.29 -6.64 -56.83
N ASP C 91 -45.82 -5.44 -56.53
CA ASP C 91 -45.94 -4.34 -57.46
C ASP C 91 -44.72 -4.18 -58.34
N LYS C 92 -43.53 -4.46 -57.79
CA LYS C 92 -42.26 -4.00 -58.35
C LYS C 92 -41.51 -5.10 -59.08
N LEU C 93 -42.20 -6.16 -59.50
CA LEU C 93 -41.53 -7.34 -60.04
C LEU C 93 -40.91 -7.07 -61.41
N GLU C 94 -41.68 -6.46 -62.32
CA GLU C 94 -41.25 -6.38 -63.72
C GLU C 94 -40.10 -5.39 -63.90
N ALA C 95 -40.07 -4.32 -63.10
CA ALA C 95 -38.95 -3.37 -63.17
C ALA C 95 -37.65 -4.01 -62.71
N VAL C 96 -37.73 -4.80 -61.63
CA VAL C 96 -36.57 -5.56 -61.15
C VAL C 96 -36.16 -6.61 -62.17
N LYS C 97 -37.14 -7.16 -62.90
CA LYS C 97 -36.80 -8.13 -63.93
C LYS C 97 -36.12 -7.49 -65.13
N SER C 98 -36.48 -6.24 -65.45
CA SER C 98 -35.88 -5.54 -66.58
C SER C 98 -34.55 -4.88 -66.25
N LYS C 99 -34.24 -4.66 -64.97
CA LYS C 99 -32.91 -4.15 -64.62
C LYS C 99 -31.83 -5.22 -64.81
N LEU C 100 -32.19 -6.49 -64.66
CA LEU C 100 -31.22 -7.57 -64.66
C LEU C 100 -30.74 -7.87 -66.06
N ALA C 101 -29.60 -8.56 -66.15
CA ALA C 101 -29.08 -8.97 -67.45
C ALA C 101 -29.56 -10.37 -67.79
N VAL C 102 -29.22 -11.35 -66.96
CA VAL C 102 -29.59 -12.75 -67.16
C VAL C 102 -30.53 -13.13 -66.02
N THR C 103 -31.51 -13.97 -66.33
CA THR C 103 -32.48 -14.45 -65.36
C THR C 103 -32.22 -15.92 -65.06
N ALA C 104 -32.27 -16.28 -63.77
CA ALA C 104 -31.85 -17.61 -63.35
C ALA C 104 -32.80 -18.31 -62.39
N SER C 105 -33.71 -17.62 -61.71
CA SER C 105 -34.61 -18.26 -60.76
C SER C 105 -35.82 -17.38 -60.52
N ILE C 106 -37.01 -17.93 -60.75
CA ILE C 106 -38.27 -17.31 -60.33
C ILE C 106 -39.12 -18.39 -59.67
N HIS C 107 -39.56 -18.12 -58.45
CA HIS C 107 -40.66 -18.88 -57.84
C HIS C 107 -41.40 -17.97 -56.88
N VAL C 108 -42.21 -18.56 -56.03
CA VAL C 108 -43.06 -17.84 -55.09
C VAL C 108 -42.48 -18.01 -53.69
N TYR C 109 -42.57 -16.97 -52.87
CA TYR C 109 -42.04 -17.01 -51.53
C TYR C 109 -43.12 -17.01 -50.46
N SER C 110 -44.10 -16.12 -50.53
CA SER C 110 -45.09 -16.08 -49.46
C SER C 110 -46.39 -15.47 -49.93
N ILE C 111 -47.45 -15.72 -49.16
CA ILE C 111 -48.75 -15.08 -49.33
C ILE C 111 -49.25 -14.59 -47.97
N GLN C 112 -50.15 -13.60 -48.02
CA GLN C 112 -50.57 -12.89 -46.82
C GLN C 112 -52.06 -12.59 -46.90
N LYS C 113 -52.64 -12.24 -45.75
CA LYS C 113 -53.99 -11.70 -45.69
C LYS C 113 -53.98 -10.17 -45.64
N ALA C 114 -53.35 -9.58 -44.62
CA ALA C 114 -53.31 -8.13 -44.46
C ALA C 114 -51.87 -7.64 -44.47
N MET C 115 -51.64 -6.59 -45.27
CA MET C 115 -50.29 -6.22 -45.73
C MET C 115 -49.36 -5.78 -44.60
N LEU C 116 -48.13 -6.32 -44.63
CA LEU C 116 -47.05 -5.98 -43.72
C LEU C 116 -46.34 -4.70 -44.15
N LYS C 117 -45.39 -4.26 -43.33
CA LYS C 117 -44.66 -3.03 -43.58
C LYS C 117 -43.20 -3.24 -43.99
N ASP C 118 -42.56 -4.28 -43.51
CA ASP C 118 -41.21 -4.61 -43.94
C ASP C 118 -41.05 -6.12 -43.85
N SER C 119 -39.81 -6.60 -43.99
CA SER C 119 -39.52 -8.02 -44.02
C SER C 119 -39.29 -8.59 -42.63
N GLY C 120 -39.93 -8.02 -41.62
CA GLY C 120 -39.80 -8.44 -40.25
C GLY C 120 -40.23 -9.85 -39.94
N PRO C 121 -41.54 -10.16 -40.02
CA PRO C 121 -42.02 -11.46 -39.54
C PRO C 121 -41.67 -12.65 -40.44
N LEU C 122 -41.22 -12.40 -41.68
CA LEU C 122 -40.82 -13.49 -42.55
C LEU C 122 -39.54 -14.19 -42.10
N PHE C 123 -38.81 -13.60 -41.15
CA PHE C 123 -37.71 -14.31 -40.49
C PHE C 123 -38.18 -14.98 -39.21
N ASN C 124 -39.11 -14.34 -38.48
CA ASN C 124 -39.68 -14.93 -37.27
C ASN C 124 -40.37 -16.26 -37.55
N THR C 125 -41.10 -16.35 -38.66
CA THR C 125 -41.80 -17.58 -39.01
C THR C 125 -40.84 -18.74 -39.26
N ASP C 126 -39.87 -18.52 -40.16
CA ASP C 126 -38.88 -19.55 -40.49
C ASP C 126 -38.02 -19.93 -39.30
N TYR C 127 -37.68 -18.95 -38.46
CA TYR C 127 -36.89 -19.22 -37.27
C TYR C 127 -37.66 -20.08 -36.27
N ASP C 128 -38.94 -19.76 -36.04
CA ASP C 128 -39.72 -20.52 -35.05
C ASP C 128 -40.03 -21.93 -35.53
N ILE C 129 -40.33 -22.10 -36.82
CA ILE C 129 -40.58 -23.44 -37.32
C ILE C 129 -39.29 -24.26 -37.42
N LEU C 130 -38.13 -23.59 -37.49
CA LEU C 130 -36.86 -24.30 -37.33
C LEU C 130 -36.64 -24.72 -35.88
N LYS C 131 -37.10 -23.90 -34.92
CA LYS C 131 -36.72 -24.03 -33.52
C LYS C 131 -37.20 -25.34 -32.90
N SER C 132 -38.33 -25.84 -33.34
CA SER C 132 -38.88 -27.08 -32.80
C SER C 132 -38.54 -28.29 -33.67
N ASN C 133 -37.92 -28.07 -34.82
CA ASN C 133 -37.78 -29.13 -35.81
C ASN C 133 -36.30 -29.36 -36.13
N LEU C 134 -35.51 -29.56 -35.09
CA LEU C 134 -34.07 -29.33 -35.16
C LEU C 134 -33.26 -30.54 -35.61
N GLN C 135 -33.80 -31.74 -35.56
CA GLN C 135 -33.06 -32.92 -36.01
C GLN C 135 -33.18 -33.14 -37.52
N ASN C 136 -33.98 -32.34 -38.22
CA ASN C 136 -34.04 -32.42 -39.66
C ASN C 136 -34.03 -31.02 -40.28
N CYS C 137 -33.00 -30.75 -41.08
CA CYS C 137 -33.00 -29.65 -42.04
C CYS C 137 -32.54 -30.08 -43.42
N SER C 138 -31.71 -31.11 -43.55
CA SER C 138 -31.36 -31.72 -44.82
C SER C 138 -32.34 -32.81 -45.24
N LYS C 139 -33.48 -32.90 -44.57
CA LYS C 139 -34.46 -33.94 -44.86
C LYS C 139 -35.19 -33.67 -46.16
N PHE C 140 -35.63 -32.44 -46.39
CA PHE C 140 -36.27 -32.07 -47.65
C PHE C 140 -35.36 -31.24 -48.55
N SER C 141 -34.04 -31.40 -48.43
CA SER C 141 -33.09 -30.62 -49.22
C SER C 141 -32.74 -31.32 -50.53
N ALA C 142 -32.60 -30.51 -51.58
CA ALA C 142 -32.26 -31.00 -52.90
C ALA C 142 -30.85 -31.58 -52.99
N ILE C 143 -29.96 -31.26 -52.06
CA ILE C 143 -28.60 -31.77 -52.07
C ILE C 143 -28.39 -32.67 -50.87
N GLN C 144 -27.96 -33.90 -51.11
CA GLN C 144 -27.75 -34.90 -50.07
C GLN C 144 -26.28 -35.32 -50.11
N CYS C 145 -25.48 -34.72 -49.26
CA CYS C 145 -24.08 -35.10 -49.10
C CYS C 145 -23.98 -36.45 -48.39
N ALA C 146 -22.76 -36.99 -48.35
CA ALA C 146 -22.56 -38.34 -47.85
C ALA C 146 -21.70 -38.44 -46.61
N ALA C 147 -20.68 -37.60 -46.46
CA ALA C 147 -19.76 -37.68 -45.34
C ALA C 147 -20.29 -37.01 -44.07
N ALA C 148 -21.44 -36.34 -44.14
CA ALA C 148 -22.00 -35.64 -43.00
C ALA C 148 -23.09 -36.50 -42.36
N VAL C 149 -22.67 -37.35 -41.44
CA VAL C 149 -23.57 -38.18 -40.64
C VAL C 149 -23.06 -38.08 -39.20
N PRO C 150 -23.93 -38.02 -38.16
CA PRO C 150 -23.44 -37.82 -36.79
C PRO C 150 -22.54 -38.92 -36.25
N ARG C 151 -21.27 -38.58 -36.06
CA ARG C 151 -20.21 -39.50 -35.68
C ARG C 151 -19.55 -39.17 -34.36
N ALA C 152 -19.26 -37.89 -34.12
CA ALA C 152 -18.57 -37.48 -32.90
C ALA C 152 -19.56 -36.91 -31.89
N GLU D 72 37.74 -26.73 -14.12
CA GLU D 72 36.95 -25.77 -13.35
C GLU D 72 37.83 -24.56 -13.02
N GLU D 73 37.18 -23.37 -12.97
CA GLU D 73 37.69 -22.00 -12.84
C GLU D 73 38.35 -21.51 -14.13
N ALA D 74 38.54 -22.39 -15.10
CA ALA D 74 38.85 -22.02 -16.47
C ALA D 74 37.70 -22.35 -17.40
N GLU D 75 36.90 -23.36 -17.05
CA GLU D 75 35.66 -23.64 -17.74
C GLU D 75 34.56 -22.65 -17.40
N LEU D 76 34.69 -21.91 -16.31
CA LEU D 76 33.68 -20.91 -15.97
C LEU D 76 33.94 -19.56 -16.61
N GLU D 77 35.04 -19.38 -17.32
CA GLU D 77 35.24 -18.16 -18.09
C GLU D 77 34.97 -18.35 -19.57
N LEU D 78 35.14 -19.57 -20.09
CA LEU D 78 34.74 -19.89 -21.45
C LEU D 78 33.24 -19.73 -21.67
N LEU D 79 32.44 -20.17 -20.70
CA LEU D 79 31.00 -20.02 -20.81
C LEU D 79 30.58 -18.57 -20.63
N ARG D 80 31.27 -17.84 -19.76
CA ARG D 80 31.02 -16.42 -19.60
C ARG D 80 31.46 -15.62 -20.81
N GLN D 81 32.38 -16.16 -21.62
CA GLN D 81 32.76 -15.54 -22.89
C GLN D 81 31.83 -15.90 -24.03
N PHE D 82 31.28 -17.12 -24.04
CA PHE D 82 30.25 -17.50 -25.00
C PHE D 82 28.96 -16.71 -24.78
N ASP D 83 28.71 -16.26 -23.56
CA ASP D 83 27.44 -15.63 -23.23
C ASP D 83 27.35 -14.16 -23.63
N LEU D 84 28.45 -13.53 -24.02
CA LEU D 84 28.43 -12.11 -24.33
C LEU D 84 28.91 -11.80 -25.73
N ALA D 85 29.20 -12.82 -26.53
CA ALA D 85 29.54 -12.62 -27.93
C ALA D 85 28.27 -12.34 -28.71
N TRP D 86 28.21 -11.19 -29.37
CA TRP D 86 26.99 -10.71 -30.00
C TRP D 86 26.64 -11.44 -31.29
N GLN D 87 27.52 -12.25 -31.84
CA GLN D 87 27.25 -12.90 -33.11
C GLN D 87 26.52 -14.23 -32.94
N TYR D 88 26.09 -14.58 -31.74
CA TYR D 88 25.27 -15.77 -31.52
C TYR D 88 23.87 -15.46 -31.02
N GLY D 89 23.57 -14.21 -30.67
CA GLY D 89 22.22 -13.86 -30.29
C GLY D 89 22.08 -13.14 -28.96
N PRO D 90 20.87 -12.56 -28.71
CA PRO D 90 20.62 -11.69 -27.56
C PRO D 90 20.11 -12.41 -26.32
N CYS D 91 20.92 -13.27 -25.74
CA CYS D 91 20.37 -14.35 -24.93
C CYS D 91 20.51 -14.13 -23.43
N THR D 92 19.45 -13.59 -22.83
CA THR D 92 19.17 -13.59 -21.40
C THR D 92 17.71 -13.92 -21.11
N GLY D 93 17.15 -14.92 -21.77
CA GLY D 93 15.87 -15.38 -21.29
C GLY D 93 15.73 -16.88 -21.30
N ILE D 94 16.73 -17.56 -21.88
CA ILE D 94 16.64 -18.96 -22.23
C ILE D 94 17.83 -19.67 -21.63
N THR D 95 17.98 -20.95 -21.92
CA THR D 95 19.06 -21.74 -21.36
C THR D 95 20.33 -21.49 -22.20
N ARG D 96 21.40 -22.20 -21.87
CA ARG D 96 22.66 -22.07 -22.57
C ARG D 96 22.75 -23.04 -23.75
N LEU D 97 22.26 -24.26 -23.57
CA LEU D 97 22.32 -25.25 -24.64
C LEU D 97 21.28 -24.99 -25.71
N GLN D 98 20.16 -24.37 -25.36
CA GLN D 98 19.19 -23.95 -26.37
C GLN D 98 19.78 -22.90 -27.29
N ARG D 99 20.51 -21.92 -26.75
CA ARG D 99 21.17 -20.92 -27.59
C ARG D 99 22.29 -21.53 -28.42
N TRP D 100 23.01 -22.52 -27.87
CA TRP D 100 24.02 -23.23 -28.66
C TRP D 100 23.41 -23.98 -29.84
N CYS D 101 22.25 -24.61 -29.65
CA CYS D 101 21.62 -25.30 -30.78
C CYS D 101 20.91 -24.36 -31.74
N ARG D 102 20.41 -23.21 -31.25
CA ARG D 102 19.82 -22.21 -32.14
C ARG D 102 20.84 -21.66 -33.11
N ALA D 103 22.05 -21.38 -32.63
CA ALA D 103 23.08 -20.88 -33.53
C ALA D 103 23.55 -21.96 -34.49
N LYS D 104 23.54 -23.23 -34.06
CA LYS D 104 23.98 -24.33 -34.92
C LYS D 104 23.00 -24.61 -36.05
N GLN D 105 21.69 -24.43 -35.79
CA GLN D 105 20.68 -24.59 -36.84
C GLN D 105 20.89 -23.61 -37.97
N MET D 106 21.02 -22.34 -37.61
CA MET D 106 21.34 -21.27 -38.54
C MET D 106 22.81 -21.40 -38.96
N GLY D 107 23.57 -22.19 -38.20
CA GLY D 107 24.99 -22.45 -38.45
C GLY D 107 25.87 -21.22 -38.52
N LEU D 108 25.71 -20.29 -37.57
CA LEU D 108 26.50 -19.08 -37.62
C LEU D 108 28.01 -19.33 -37.52
N GLU D 109 28.39 -20.19 -36.54
CA GLU D 109 29.76 -20.73 -36.13
C GLU D 109 29.88 -21.13 -34.64
N PRO D 110 28.98 -22.00 -34.13
CA PRO D 110 29.18 -22.37 -32.73
C PRO D 110 30.49 -23.15 -32.58
N PRO D 111 31.27 -22.89 -31.51
CA PRO D 111 32.54 -23.62 -31.40
C PRO D 111 32.36 -24.93 -30.64
N PRO D 112 33.10 -25.98 -31.01
CA PRO D 112 32.92 -27.29 -30.38
C PRO D 112 33.71 -27.47 -29.08
N GLU D 113 33.63 -26.48 -28.22
CA GLU D 113 34.16 -26.57 -26.86
C GLU D 113 33.16 -26.11 -25.83
N VAL D 114 32.28 -25.17 -26.17
CA VAL D 114 31.15 -24.80 -25.32
C VAL D 114 30.08 -25.88 -25.35
N TRP D 115 30.20 -26.85 -26.27
CA TRP D 115 29.43 -28.08 -26.20
C TRP D 115 30.09 -29.12 -25.29
N GLN D 116 31.41 -29.24 -25.33
CA GLN D 116 32.10 -30.33 -24.67
C GLN D 116 32.32 -30.09 -23.18
N VAL D 117 31.78 -29.02 -22.62
CA VAL D 117 31.63 -28.92 -21.18
C VAL D 117 30.19 -29.01 -20.72
N LEU D 118 29.22 -28.91 -21.62
CA LEU D 118 27.83 -29.13 -21.30
C LEU D 118 27.41 -30.58 -21.49
N LYS D 119 28.37 -31.48 -21.62
CA LYS D 119 28.13 -32.91 -21.70
C LYS D 119 28.79 -33.68 -20.58
N THR D 120 29.94 -33.22 -20.09
CA THR D 120 30.62 -33.85 -18.98
C THR D 120 30.17 -33.30 -17.64
N HIS D 121 28.94 -32.80 -17.55
CA HIS D 121 28.36 -32.34 -16.30
C HIS D 121 26.90 -32.78 -16.24
N PRO D 122 26.35 -32.91 -15.05
CA PRO D 122 24.90 -33.05 -14.90
C PRO D 122 24.19 -31.71 -14.88
N GLY D 123 22.93 -31.71 -14.49
CA GLY D 123 22.14 -30.50 -14.38
C GLY D 123 22.54 -29.59 -13.23
N ASP D 124 23.71 -28.97 -13.36
CA ASP D 124 24.21 -27.96 -12.43
C ASP D 124 23.71 -26.59 -12.84
N PRO D 125 23.17 -25.78 -11.93
CA PRO D 125 22.69 -24.45 -12.29
C PRO D 125 23.77 -23.40 -12.49
N ARG D 126 25.05 -23.71 -12.33
CA ARG D 126 26.09 -22.75 -12.61
C ARG D 126 26.89 -23.09 -13.87
N PHE D 127 26.52 -24.16 -14.55
CA PHE D 127 26.91 -24.39 -15.93
C PHE D 127 25.76 -24.20 -16.89
N GLN D 128 24.60 -24.79 -16.63
CA GLN D 128 23.51 -24.80 -17.58
C GLN D 128 22.52 -23.65 -17.33
N CYS D 129 23.05 -22.44 -17.19
CA CYS D 129 22.20 -21.26 -17.00
C CYS D 129 22.91 -20.00 -17.47
N SER D 130 22.16 -19.02 -17.96
CA SER D 130 22.71 -17.74 -18.36
C SER D 130 23.22 -16.98 -17.15
N LEU D 131 24.21 -16.12 -17.39
CA LEU D 131 24.89 -15.27 -16.42
C LEU D 131 24.00 -14.50 -15.46
N TRP D 132 22.89 -13.97 -15.95
CA TRP D 132 22.01 -13.17 -15.12
C TRP D 132 20.69 -13.89 -14.87
N HIS D 133 20.73 -15.18 -14.55
CA HIS D 133 19.49 -15.94 -14.37
C HIS D 133 18.90 -15.73 -12.99
N LEU D 134 19.63 -15.04 -12.11
CA LEU D 134 19.11 -14.28 -10.99
C LEU D 134 18.62 -12.94 -11.53
N TYR D 135 18.67 -11.86 -10.71
CA TYR D 135 18.62 -10.48 -11.23
C TYR D 135 17.30 -10.08 -11.88
N PRO D 136 16.37 -9.51 -11.12
CA PRO D 136 14.94 -9.43 -11.53
C PRO D 136 14.59 -8.80 -12.89
N LEU D 137 15.56 -8.41 -13.72
CA LEU D 137 15.31 -8.10 -15.12
C LEU D 137 14.67 -9.27 -15.87
N MET E 4 26.23 -35.09 52.20
CA MET E 4 25.25 -35.42 51.17
C MET E 4 23.86 -35.47 51.77
N PHE E 5 23.03 -34.49 51.45
CA PHE E 5 21.69 -34.42 52.01
C PHE E 5 20.70 -35.11 51.09
N GLU E 6 19.94 -36.06 51.65
CA GLU E 6 18.98 -36.83 50.86
C GLU E 6 17.85 -37.27 51.78
N ALA E 7 16.66 -36.68 51.59
CA ALA E 7 15.55 -36.88 52.52
C ALA E 7 14.24 -37.11 51.78
N ARG E 8 13.32 -37.82 52.43
CA ARG E 8 12.07 -38.29 51.84
C ARG E 8 10.89 -37.86 52.71
N LEU E 9 9.72 -37.74 52.08
CA LEU E 9 8.49 -37.41 52.81
C LEU E 9 7.31 -37.97 52.03
N VAL E 10 6.61 -38.95 52.61
CA VAL E 10 5.59 -39.68 51.87
C VAL E 10 4.26 -38.91 51.85
N GLN E 11 3.71 -38.62 53.02
CA GLN E 11 2.62 -37.63 53.11
C GLN E 11 3.27 -36.25 52.95
N GLY E 12 3.40 -35.85 51.70
CA GLY E 12 4.24 -34.72 51.36
C GLY E 12 3.49 -33.46 51.02
N SER E 13 2.16 -33.47 51.22
CA SER E 13 1.34 -32.30 50.92
C SER E 13 1.64 -31.14 51.86
N ILE E 14 2.23 -31.45 53.02
CA ILE E 14 2.55 -30.45 54.03
C ILE E 14 3.57 -29.43 53.52
N LEU E 15 4.45 -29.83 52.60
CA LEU E 15 5.44 -28.87 52.10
C LEU E 15 4.79 -27.84 51.17
N LYS E 16 3.91 -28.32 50.28
CA LYS E 16 3.02 -27.44 49.51
C LYS E 16 2.24 -26.52 50.44
N LYS E 17 1.74 -27.08 51.53
CA LYS E 17 0.90 -26.33 52.46
C LYS E 17 1.69 -25.26 53.22
N VAL E 18 2.95 -25.54 53.59
CA VAL E 18 3.72 -24.52 54.32
C VAL E 18 4.22 -23.44 53.37
N LEU E 19 4.68 -23.81 52.17
CA LEU E 19 5.20 -22.77 51.29
C LEU E 19 4.08 -21.97 50.63
N GLU E 20 2.88 -22.52 50.57
CA GLU E 20 1.73 -21.69 50.21
C GLU E 20 1.41 -20.64 51.28
N ALA E 21 1.69 -20.94 52.55
CA ALA E 21 1.52 -19.98 53.63
C ALA E 21 2.81 -19.26 53.97
N LEU E 22 3.80 -19.30 53.08
CA LEU E 22 5.09 -18.67 53.33
C LEU E 22 5.38 -17.58 52.33
N LYS E 23 4.89 -17.74 51.11
CA LYS E 23 5.35 -16.92 50.00
C LYS E 23 4.68 -15.56 49.98
N ASP E 24 3.46 -15.43 50.49
CA ASP E 24 2.82 -14.13 50.52
C ASP E 24 3.39 -13.23 51.61
N LEU E 25 3.93 -13.83 52.67
CA LEU E 25 4.57 -13.09 53.75
C LEU E 25 5.91 -12.54 53.32
N ILE E 26 6.84 -13.43 52.99
CA ILE E 26 8.25 -13.11 52.82
C ILE E 26 8.71 -13.59 51.45
N ASN E 27 9.76 -12.95 50.93
CA ASN E 27 10.28 -13.27 49.62
C ASN E 27 11.44 -14.26 49.66
N GLU E 28 12.06 -14.47 50.81
CA GLU E 28 13.23 -15.32 50.90
C GLU E 28 13.17 -16.12 52.20
N ALA E 29 14.03 -17.14 52.29
CA ALA E 29 14.13 -17.92 53.52
C ALA E 29 15.55 -18.43 53.74
N CYS E 30 15.94 -18.49 55.02
CA CYS E 30 17.23 -19.01 55.47
C CYS E 30 17.05 -20.44 55.95
N TRP E 31 17.30 -21.40 55.07
CA TRP E 31 17.07 -22.81 55.38
C TRP E 31 18.28 -23.35 56.12
N ASP E 32 18.10 -23.65 57.41
CA ASP E 32 19.15 -24.19 58.26
C ASP E 32 18.90 -25.69 58.39
N ILE E 33 19.67 -26.49 57.66
CA ILE E 33 19.60 -27.94 57.72
C ILE E 33 20.62 -28.41 58.74
N SER E 34 20.14 -28.94 59.86
CA SER E 34 21.00 -29.51 60.87
C SER E 34 20.72 -30.99 60.98
N SER E 35 21.44 -31.70 61.84
CA SER E 35 21.12 -33.11 62.08
C SER E 35 19.83 -33.27 62.88
N SER E 36 19.35 -32.20 63.52
CA SER E 36 18.00 -32.20 64.07
C SER E 36 16.93 -32.13 62.98
N GLY E 37 17.30 -31.77 61.75
CA GLY E 37 16.36 -31.78 60.64
C GLY E 37 16.39 -30.54 59.79
N VAL E 38 15.20 -30.04 59.45
CA VAL E 38 15.06 -28.84 58.62
C VAL E 38 14.50 -27.72 59.49
N ASN E 39 15.21 -26.60 59.56
CA ASN E 39 14.76 -25.49 60.37
C ASN E 39 14.79 -24.21 59.55
N LEU E 40 14.01 -23.23 60.00
CA LEU E 40 13.94 -21.93 59.35
C LEU E 40 13.53 -20.87 60.37
N GLN E 41 14.49 -20.07 60.78
CA GLN E 41 14.19 -18.80 61.44
C GLN E 41 14.38 -17.70 60.40
N SER E 42 13.39 -16.83 60.29
CA SER E 42 13.48 -15.73 59.35
C SER E 42 12.55 -14.61 59.78
N MET E 43 13.01 -13.37 59.65
CA MET E 43 12.19 -12.20 59.91
C MET E 43 11.12 -12.02 58.82
N ASP E 44 10.30 -10.99 58.98
CA ASP E 44 9.41 -10.58 57.90
C ASP E 44 10.09 -9.47 57.10
N SER E 45 9.35 -8.89 56.15
CA SER E 45 9.90 -7.81 55.34
C SER E 45 9.54 -6.44 55.90
N SER E 46 8.46 -6.37 56.70
CA SER E 46 7.99 -5.12 57.25
C SER E 46 8.53 -4.82 58.64
N HIS E 47 9.41 -5.70 59.17
CA HIS E 47 10.02 -5.61 60.51
C HIS E 47 8.93 -5.61 61.59
N VAL E 48 7.95 -6.49 61.43
CA VAL E 48 6.92 -6.69 62.46
C VAL E 48 6.80 -8.14 62.90
N SER E 49 7.26 -9.13 62.13
CA SER E 49 6.90 -10.53 62.34
C SER E 49 8.06 -11.47 62.02
N LEU E 50 7.82 -12.76 62.24
CA LEU E 50 8.89 -13.76 62.11
C LEU E 50 8.28 -15.15 61.94
N VAL E 51 9.02 -16.02 61.26
CA VAL E 51 8.65 -17.42 61.07
C VAL E 51 9.75 -18.32 61.65
N GLN E 52 9.35 -19.27 62.50
CA GLN E 52 10.22 -20.36 62.93
C GLN E 52 9.54 -21.66 62.51
N LEU E 53 10.16 -22.35 61.58
CA LEU E 53 9.74 -23.67 61.14
C LEU E 53 10.71 -24.68 61.73
N THR E 54 10.21 -25.68 62.44
CA THR E 54 11.06 -26.77 62.88
C THR E 54 10.48 -28.10 62.40
N LEU E 55 11.35 -28.89 61.78
CA LEU E 55 11.04 -30.20 61.21
C LEU E 55 12.07 -31.15 61.79
N ARG E 56 11.65 -31.94 62.78
CA ARG E 56 12.53 -32.94 63.36
C ARG E 56 12.77 -34.08 62.37
N SER E 57 13.83 -34.83 62.62
CA SER E 57 14.15 -35.99 61.78
C SER E 57 13.17 -37.13 62.00
N GLU E 58 12.63 -37.27 63.22
CA GLU E 58 11.71 -38.34 63.55
C GLU E 58 10.34 -38.16 62.92
N GLY E 59 10.04 -36.98 62.40
CA GLY E 59 8.87 -36.77 61.57
C GLY E 59 9.07 -37.05 60.10
N PHE E 60 10.25 -37.52 59.70
CA PHE E 60 10.53 -37.90 58.34
C PHE E 60 10.47 -39.41 58.16
N ASP E 61 10.78 -39.86 56.96
CA ASP E 61 10.82 -41.29 56.67
C ASP E 61 12.25 -41.83 56.62
N THR E 62 13.05 -41.28 55.70
CA THR E 62 14.38 -41.81 55.39
C THR E 62 15.33 -40.63 55.27
N TYR E 63 16.50 -40.73 55.91
CA TYR E 63 17.28 -39.55 56.22
C TYR E 63 18.77 -39.81 56.08
N ARG E 64 19.47 -38.86 55.45
CA ARG E 64 20.93 -38.85 55.44
C ARG E 64 21.38 -37.39 55.46
N CYS E 65 21.89 -36.94 56.59
CA CYS E 65 22.43 -35.60 56.74
C CYS E 65 23.89 -35.73 57.17
N ASP E 66 24.80 -35.19 56.37
CA ASP E 66 26.24 -35.23 56.64
C ASP E 66 26.83 -33.84 56.87
N ARG E 67 26.04 -32.78 56.80
CA ARG E 67 26.52 -31.42 56.84
C ARG E 67 25.50 -30.55 57.57
N ASN E 68 25.99 -29.55 58.30
CA ASN E 68 25.11 -28.48 58.80
C ASN E 68 24.99 -27.46 57.69
N LEU E 69 24.08 -27.73 56.75
CA LEU E 69 23.88 -26.84 55.62
C LEU E 69 23.15 -25.58 56.05
N ALA E 70 23.55 -24.45 55.46
CA ALA E 70 22.90 -23.18 55.75
C ALA E 70 22.72 -22.46 54.42
N MET E 71 21.58 -22.69 53.77
CA MET E 71 21.32 -22.21 52.42
C MET E 71 20.21 -21.17 52.42
N GLY E 72 19.94 -20.63 51.24
CA GLY E 72 18.90 -19.65 51.08
C GLY E 72 18.01 -19.92 49.88
N VAL E 73 16.70 -19.81 50.05
CA VAL E 73 15.74 -20.11 48.99
C VAL E 73 14.92 -18.86 48.68
N ASN E 74 14.89 -18.49 47.40
CA ASN E 74 13.87 -17.56 46.90
C ASN E 74 12.52 -18.28 46.88
N LEU E 75 11.55 -17.79 47.65
CA LEU E 75 10.42 -18.66 48.00
C LEU E 75 9.41 -18.81 46.89
N THR E 76 9.05 -17.73 46.20
CA THR E 76 7.89 -17.80 45.31
C THR E 76 8.17 -18.61 44.04
N SER E 77 9.42 -18.61 43.55
CA SER E 77 9.75 -19.48 42.43
C SER E 77 9.75 -20.94 42.84
N MET E 78 10.22 -21.22 44.06
CA MET E 78 10.13 -22.56 44.62
C MET E 78 8.68 -23.00 44.79
N SER E 79 7.79 -22.07 45.17
CA SER E 79 6.36 -22.37 45.26
C SER E 79 5.74 -22.62 43.89
N LYS E 80 6.22 -21.88 42.88
CA LYS E 80 5.74 -22.11 41.51
C LYS E 80 6.19 -23.46 41.00
N ILE E 81 7.36 -23.93 41.45
CA ILE E 81 7.78 -25.29 41.11
C ILE E 81 6.98 -26.31 41.92
N LEU E 82 6.68 -26.01 43.18
CA LEU E 82 5.89 -26.92 44.02
C LEU E 82 4.44 -27.00 43.57
N LYS E 83 3.97 -26.03 42.79
CA LYS E 83 2.63 -26.10 42.19
C LYS E 83 2.52 -27.13 41.07
N CYS E 84 3.61 -27.81 40.69
CA CYS E 84 3.62 -28.75 39.59
C CYS E 84 3.57 -30.20 40.07
N ALA E 85 3.21 -30.43 41.33
CA ALA E 85 3.10 -31.78 41.87
C ALA E 85 1.86 -31.87 42.74
N GLY E 86 1.20 -33.02 42.69
CA GLY E 86 0.03 -33.24 43.50
C GLY E 86 0.37 -33.40 44.98
N ASN E 87 -0.69 -33.68 45.74
CA ASN E 87 -0.58 -33.70 47.19
C ASN E 87 -0.39 -35.11 47.75
N GLU E 88 -0.84 -36.13 47.02
CA GLU E 88 -0.55 -37.51 47.35
C GLU E 88 0.87 -37.89 46.94
N ASP E 89 1.51 -37.09 46.08
CA ASP E 89 2.82 -37.40 45.56
C ASP E 89 3.92 -37.25 46.62
N ILE E 90 4.90 -38.14 46.54
CA ILE E 90 5.99 -38.19 47.52
C ILE E 90 7.01 -37.10 47.18
N ILE E 91 7.45 -36.35 48.19
CA ILE E 91 8.42 -35.28 48.00
C ILE E 91 9.79 -35.73 48.51
N THR E 92 10.80 -35.63 47.66
CA THR E 92 12.16 -36.04 47.98
C THR E 92 13.09 -34.88 47.68
N LEU E 93 14.03 -34.61 48.57
CA LEU E 93 15.02 -33.57 48.34
C LEU E 93 16.41 -34.17 48.33
N ARG E 94 17.25 -33.68 47.41
CA ARG E 94 18.63 -34.08 47.28
C ARG E 94 19.51 -32.85 47.11
N ALA E 95 20.69 -32.91 47.74
CA ALA E 95 21.56 -31.75 47.86
C ALA E 95 23.00 -32.21 48.04
N GLU E 96 23.88 -31.62 47.24
CA GLU E 96 25.32 -31.81 47.35
C GLU E 96 25.92 -30.56 47.96
N ASP E 97 26.88 -30.73 48.86
CA ASP E 97 27.44 -29.64 49.64
C ASP E 97 28.41 -28.78 48.82
N ASN E 98 28.75 -29.20 47.62
CA ASN E 98 29.53 -28.40 46.68
C ASN E 98 28.70 -27.86 45.52
N ALA E 99 27.67 -28.59 45.09
CA ALA E 99 26.83 -28.18 43.98
C ALA E 99 25.66 -27.36 44.52
N ASP E 100 25.72 -26.03 44.32
CA ASP E 100 24.74 -25.10 44.88
C ASP E 100 23.43 -25.13 44.09
N THR E 101 22.70 -26.23 44.25
CA THR E 101 21.41 -26.41 43.64
C THR E 101 20.57 -27.30 44.54
N LEU E 102 19.26 -27.30 44.30
CA LEU E 102 18.34 -28.20 44.96
C LEU E 102 17.75 -29.12 43.90
N ALA E 103 17.85 -30.43 44.14
CA ALA E 103 17.25 -31.44 43.26
C ALA E 103 16.01 -31.98 43.95
N LEU E 104 14.84 -31.60 43.46
CA LEU E 104 13.56 -32.08 43.96
C LEU E 104 13.14 -33.27 43.12
N VAL E 105 12.66 -34.31 43.80
CA VAL E 105 12.19 -35.54 43.15
C VAL E 105 10.76 -35.78 43.62
N PHE E 106 9.80 -35.66 42.71
CA PHE E 106 8.41 -35.95 43.00
C PHE E 106 8.09 -37.35 42.49
N GLU E 107 7.93 -38.28 43.43
CA GLU E 107 7.46 -39.62 43.11
C GLU E 107 5.93 -39.62 43.06
N ALA E 108 5.39 -40.56 42.31
CA ALA E 108 3.94 -40.70 42.29
C ALA E 108 3.52 -41.82 43.23
N PRO E 109 2.29 -41.77 43.76
CA PRO E 109 1.79 -42.91 44.54
C PRO E 109 1.58 -44.16 43.69
N ASN E 110 1.28 -43.99 42.41
CA ASN E 110 1.29 -45.10 41.47
C ASN E 110 2.63 -45.25 40.75
N GLN E 111 3.59 -44.38 41.06
CA GLN E 111 4.99 -44.39 40.64
C GLN E 111 5.20 -44.24 39.13
N GLU E 112 4.16 -43.98 38.35
CA GLU E 112 4.30 -43.92 36.90
C GLU E 112 4.78 -42.56 36.41
N LYS E 113 4.33 -41.47 37.03
CA LYS E 113 4.84 -40.14 36.70
C LYS E 113 5.98 -39.80 37.65
N VAL E 114 7.16 -39.56 37.10
CA VAL E 114 8.34 -39.15 37.85
C VAL E 114 8.64 -37.70 37.50
N SER E 115 8.90 -36.88 38.51
CA SER E 115 9.34 -35.51 38.30
C SER E 115 10.69 -35.29 38.97
N ASP E 116 11.55 -34.48 38.33
CA ASP E 116 12.89 -34.24 38.84
C ASP E 116 13.30 -32.82 38.47
N TYR E 117 13.04 -31.89 39.38
CA TYR E 117 13.23 -30.46 39.15
C TYR E 117 14.47 -29.97 39.88
N GLU E 118 14.96 -28.81 39.46
CA GLU E 118 16.22 -28.29 39.97
C GLU E 118 16.09 -26.77 40.08
N MET E 119 16.32 -26.23 41.27
CA MET E 119 16.35 -24.79 41.45
C MET E 119 17.73 -24.35 41.91
N LYS E 120 18.24 -23.29 41.30
CA LYS E 120 19.58 -22.80 41.59
C LYS E 120 19.61 -22.04 42.91
N LEU E 121 20.81 -21.77 43.39
CA LEU E 121 21.01 -21.11 44.68
C LEU E 121 21.41 -19.65 44.51
N MET E 122 21.08 -18.87 45.54
CA MET E 122 21.56 -17.49 45.67
C MET E 122 22.05 -17.27 47.09
N ASP E 123 23.03 -16.38 47.22
CA ASP E 123 23.70 -16.17 48.51
C ASP E 123 22.80 -15.39 49.45
N LEU E 124 23.08 -15.52 50.75
CA LEU E 124 22.27 -14.93 51.79
C LEU E 124 23.13 -14.46 52.95
N ASP E 125 22.81 -13.29 53.49
CA ASP E 125 23.42 -12.73 54.69
C ASP E 125 22.34 -12.18 55.59
N VAL E 126 21.34 -13.02 55.86
CA VAL E 126 20.10 -12.59 56.49
C VAL E 126 20.33 -12.31 57.97
N GLU E 127 19.65 -11.29 58.49
CA GLU E 127 19.67 -11.00 59.92
C GLU E 127 19.01 -12.12 60.72
N GLN E 128 19.37 -12.23 61.98
CA GLN E 128 18.90 -13.30 62.83
C GLN E 128 18.87 -12.83 64.28
N LEU E 129 17.68 -12.81 64.87
CA LEU E 129 17.51 -12.48 66.29
C LEU E 129 16.84 -13.64 67.01
N GLY E 130 17.09 -13.72 68.32
CA GLY E 130 16.54 -14.78 69.14
C GLY E 130 15.24 -14.38 69.80
N ILE E 131 14.31 -15.32 69.87
CA ILE E 131 13.04 -15.08 70.55
C ILE E 131 13.28 -15.18 72.06
N PRO E 132 12.58 -14.40 72.89
CA PRO E 132 12.62 -14.63 74.35
C PRO E 132 11.71 -15.79 74.72
N GLU E 133 12.05 -16.47 75.82
CA GLU E 133 11.15 -17.46 76.40
C GLU E 133 10.63 -16.93 77.73
N GLN E 134 9.32 -17.04 77.94
CA GLN E 134 8.67 -16.29 79.01
C GLN E 134 7.35 -16.97 79.35
N GLU E 135 6.52 -16.27 80.13
CA GLU E 135 5.19 -16.73 80.48
C GLU E 135 4.18 -16.03 79.58
N TYR E 136 3.32 -16.83 78.95
CA TYR E 136 2.27 -16.30 78.08
C TYR E 136 0.96 -16.38 78.84
N SER E 137 0.44 -15.22 79.25
CA SER E 137 -0.70 -15.10 80.14
C SER E 137 -2.00 -15.65 79.55
N CYS E 138 -2.06 -15.84 78.24
CA CYS E 138 -3.22 -16.45 77.61
C CYS E 138 -2.78 -17.38 76.51
N VAL E 139 -3.06 -18.68 76.67
CA VAL E 139 -2.85 -19.66 75.61
C VAL E 139 -4.20 -20.29 75.26
N VAL E 140 -4.58 -20.15 73.99
CA VAL E 140 -5.91 -20.55 73.52
C VAL E 140 -5.73 -21.63 72.46
N LYS E 141 -6.39 -22.77 72.65
CA LYS E 141 -6.49 -23.81 71.63
C LYS E 141 -7.84 -23.66 70.93
N MET E 142 -7.80 -23.63 69.60
CA MET E 142 -8.94 -23.24 68.77
C MET E 142 -8.91 -24.09 67.51
N PRO E 143 -10.07 -24.32 66.88
CA PRO E 143 -10.07 -24.78 65.49
C PRO E 143 -9.52 -23.71 64.56
N SER E 144 -8.71 -24.14 63.58
CA SER E 144 -8.08 -23.20 62.66
C SER E 144 -9.09 -22.60 61.69
N GLY E 145 -10.01 -23.44 61.19
CA GLY E 145 -11.01 -22.94 60.26
C GLY E 145 -11.96 -21.92 60.86
N GLU E 146 -12.41 -22.17 62.09
CA GLU E 146 -13.23 -21.19 62.81
C GLU E 146 -12.45 -19.92 63.09
N PHE E 147 -11.16 -20.03 63.42
CA PHE E 147 -10.35 -18.85 63.68
C PHE E 147 -10.20 -17.98 62.43
N ALA E 148 -9.91 -18.62 61.30
CA ALA E 148 -9.81 -17.91 60.02
C ALA E 148 -11.14 -17.28 59.63
N ARG E 149 -12.23 -18.00 59.89
CA ARG E 149 -13.57 -17.50 59.62
C ARG E 149 -13.88 -16.26 60.43
N ILE E 150 -13.49 -16.27 61.70
CA ILE E 150 -13.76 -15.13 62.60
C ILE E 150 -12.94 -13.91 62.20
N CYS E 151 -11.63 -14.09 61.96
CA CYS E 151 -10.81 -12.91 61.65
C CYS E 151 -11.12 -12.36 60.27
N ARG E 152 -11.54 -13.21 59.33
CA ARG E 152 -12.00 -12.72 58.04
C ARG E 152 -13.36 -12.04 58.17
N ASP E 153 -14.21 -12.49 59.09
CA ASP E 153 -15.45 -11.81 59.38
C ASP E 153 -15.21 -10.44 59.99
N LEU E 154 -14.09 -10.27 60.70
CA LEU E 154 -13.69 -8.97 61.22
C LEU E 154 -12.98 -8.11 60.18
N SER E 155 -12.42 -8.73 59.14
CA SER E 155 -11.70 -7.98 58.11
C SER E 155 -12.58 -7.03 57.32
N HIS E 156 -13.88 -7.28 57.27
CA HIS E 156 -14.81 -6.44 56.54
C HIS E 156 -15.43 -5.36 57.42
N ILE E 157 -14.86 -5.10 58.58
CA ILE E 157 -15.31 -4.02 59.46
C ILE E 157 -14.22 -2.95 59.47
N GLY E 158 -13.02 -3.31 59.91
CA GLY E 158 -11.91 -2.40 60.00
C GLY E 158 -10.60 -3.08 59.69
N ASP E 159 -9.51 -2.51 60.20
CA ASP E 159 -8.16 -2.88 59.79
C ASP E 159 -7.34 -3.50 60.91
N ALA E 160 -7.34 -2.92 62.10
CA ALA E 160 -6.57 -3.43 63.24
C ALA E 160 -7.53 -3.86 64.34
N VAL E 161 -7.14 -4.89 65.08
CA VAL E 161 -8.02 -5.55 66.04
C VAL E 161 -7.51 -5.24 67.45
N VAL E 162 -8.43 -5.14 68.40
CA VAL E 162 -8.10 -5.06 69.82
C VAL E 162 -8.64 -6.32 70.48
N ILE E 163 -7.82 -6.93 71.33
CA ILE E 163 -8.14 -8.19 71.97
C ILE E 163 -8.19 -7.98 73.48
N SER E 164 -9.15 -8.64 74.13
CA SER E 164 -9.28 -8.64 75.58
C SER E 164 -9.38 -10.09 76.04
N CYS E 165 -8.36 -10.56 76.75
CA CYS E 165 -8.23 -11.95 77.15
C CYS E 165 -8.45 -12.09 78.65
N ALA E 166 -9.51 -12.79 79.04
CA ALA E 166 -9.92 -12.86 80.43
C ALA E 166 -10.43 -14.27 80.74
N LYS E 167 -11.07 -14.42 81.90
CA LYS E 167 -11.38 -15.74 82.43
C LYS E 167 -12.58 -16.37 81.73
N ASP E 168 -13.74 -15.70 81.77
CA ASP E 168 -14.95 -16.31 81.24
C ASP E 168 -14.95 -16.34 79.72
N GLY E 169 -14.87 -15.18 79.08
CA GLY E 169 -14.81 -15.14 77.64
C GLY E 169 -13.61 -14.37 77.14
N VAL E 170 -13.38 -14.44 75.83
CA VAL E 170 -12.35 -13.65 75.16
C VAL E 170 -13.07 -12.75 74.17
N LYS E 171 -12.53 -11.53 74.00
CA LYS E 171 -13.26 -10.42 73.38
C LYS E 171 -12.45 -9.92 72.20
N PHE E 172 -12.92 -10.22 70.98
CA PHE E 172 -12.26 -9.73 69.78
C PHE E 172 -13.06 -8.54 69.28
N SER E 173 -12.55 -7.33 69.51
CA SER E 173 -13.26 -6.12 69.15
C SER E 173 -12.51 -5.37 68.05
N ALA E 174 -13.24 -4.51 67.37
CA ALA E 174 -12.70 -3.70 66.29
C ALA E 174 -13.64 -2.54 66.03
N SER E 175 -13.06 -1.47 65.46
CA SER E 175 -13.82 -0.36 64.93
C SER E 175 -13.77 -0.45 63.41
N GLY E 176 -14.51 0.43 62.76
CA GLY E 176 -14.40 0.59 61.33
C GLY E 176 -15.22 1.76 60.85
N GLU E 177 -15.22 1.95 59.53
CA GLU E 177 -15.96 3.02 58.88
C GLU E 177 -17.46 2.85 58.95
N LEU E 178 -17.94 1.68 59.38
CA LEU E 178 -19.35 1.45 59.64
C LEU E 178 -19.67 1.38 61.12
N GLY E 179 -18.70 1.61 62.00
CA GLY E 179 -18.97 1.58 63.42
C GLY E 179 -18.22 0.50 64.17
N ASN E 180 -18.71 0.14 65.36
CA ASN E 180 -17.99 -0.75 66.26
C ASN E 180 -18.61 -2.14 66.26
N GLY E 181 -17.76 -3.13 66.52
CA GLY E 181 -18.24 -4.49 66.63
C GLY E 181 -17.25 -5.30 67.45
N ASN E 182 -17.75 -6.42 67.97
CA ASN E 182 -16.97 -7.33 68.78
C ASN E 182 -17.67 -8.66 68.87
N ILE E 183 -16.89 -9.74 68.88
CA ILE E 183 -17.43 -11.08 69.10
C ILE E 183 -16.79 -11.65 70.37
N LYS E 184 -17.61 -12.36 71.15
CA LYS E 184 -17.19 -12.96 72.39
C LYS E 184 -17.13 -14.48 72.23
N LEU E 185 -16.13 -15.09 72.87
CA LEU E 185 -15.99 -16.53 72.88
C LEU E 185 -15.86 -17.03 74.32
N SER E 186 -16.08 -18.32 74.50
CA SER E 186 -15.91 -18.98 75.79
C SER E 186 -15.30 -20.35 75.56
N GLN E 187 -14.85 -20.97 76.66
CA GLN E 187 -14.51 -22.38 76.61
C GLN E 187 -15.75 -23.22 76.33
N THR E 188 -15.55 -24.37 75.70
CA THR E 188 -16.64 -25.29 75.38
C THR E 188 -16.53 -26.51 76.28
N SER E 189 -17.51 -26.68 77.14
CA SER E 189 -17.51 -27.77 78.11
C SER E 189 -17.89 -29.09 77.47
N GLU E 194 -11.28 -32.58 70.81
CA GLU E 194 -9.95 -33.08 70.50
C GLU E 194 -9.33 -32.30 69.33
N GLU E 195 -10.19 -31.82 68.43
CA GLU E 195 -9.77 -30.89 67.39
C GLU E 195 -10.69 -29.69 67.40
N GLU E 196 -11.97 -29.93 67.67
CA GLU E 196 -12.98 -28.89 67.71
C GLU E 196 -13.19 -28.33 69.11
N ALA E 197 -12.52 -28.90 70.11
CA ALA E 197 -12.53 -28.34 71.44
C ALA E 197 -11.66 -27.08 71.50
N VAL E 198 -12.09 -26.14 72.33
CA VAL E 198 -11.34 -24.91 72.56
C VAL E 198 -10.90 -24.91 74.01
N THR E 199 -9.90 -24.09 74.34
CA THR E 199 -9.50 -23.88 75.73
C THR E 199 -8.78 -22.55 75.82
N ILE E 200 -9.29 -21.64 76.66
CA ILE E 200 -8.61 -20.38 76.98
C ILE E 200 -7.97 -20.57 78.36
N GLU E 201 -6.71 -20.98 78.40
CA GLU E 201 -5.97 -21.09 79.64
C GLU E 201 -5.41 -19.71 79.99
N MET E 202 -5.76 -19.22 81.17
CA MET E 202 -5.59 -17.84 81.58
C MET E 202 -5.15 -17.78 83.04
N ASN E 203 -4.21 -16.88 83.32
CA ASN E 203 -3.88 -16.51 84.70
C ASN E 203 -4.38 -15.11 85.06
N GLU E 204 -4.11 -14.13 84.20
CA GLU E 204 -4.41 -12.74 84.50
C GLU E 204 -4.91 -12.07 83.22
N PRO E 205 -6.04 -11.37 83.28
CA PRO E 205 -6.62 -10.81 82.06
C PRO E 205 -5.82 -9.63 81.51
N VAL E 206 -5.79 -9.51 80.19
CA VAL E 206 -5.00 -8.51 79.50
C VAL E 206 -5.83 -7.89 78.38
N GLN E 207 -5.29 -6.82 77.82
CA GLN E 207 -5.81 -6.17 76.62
C GLN E 207 -4.62 -5.79 75.74
N LEU E 208 -4.74 -6.05 74.44
CA LEU E 208 -3.64 -5.76 73.52
C LEU E 208 -4.19 -5.29 72.19
N THR E 209 -3.32 -4.68 71.41
CA THR E 209 -3.63 -4.29 70.04
C THR E 209 -2.80 -5.12 69.07
N PHE E 210 -3.43 -5.60 68.01
CA PHE E 210 -2.73 -6.34 66.97
C PHE E 210 -3.28 -5.94 65.62
N ALA E 211 -2.58 -6.38 64.57
CA ALA E 211 -3.02 -6.08 63.21
C ALA E 211 -3.78 -7.27 62.66
N LEU E 212 -5.03 -7.02 62.25
CA LEU E 212 -5.89 -8.06 61.70
C LEU E 212 -5.43 -8.53 60.33
N ARG E 213 -4.75 -7.67 59.57
CA ARG E 213 -4.21 -8.08 58.27
C ARG E 213 -3.09 -9.08 58.44
N TYR E 214 -2.30 -8.94 59.51
CA TYR E 214 -1.32 -9.97 59.81
C TYR E 214 -1.95 -11.22 60.38
N LEU E 215 -3.18 -11.12 60.92
CA LEU E 215 -3.91 -12.34 61.25
C LEU E 215 -4.41 -13.06 60.01
N ASN E 216 -4.80 -12.30 58.97
CA ASN E 216 -5.12 -12.94 57.70
C ASN E 216 -3.88 -13.57 57.08
N PHE E 217 -2.73 -12.92 57.25
CA PHE E 217 -1.46 -13.51 56.80
C PHE E 217 -1.09 -14.76 57.60
N PHE E 218 -1.46 -14.79 58.88
CA PHE E 218 -1.10 -15.93 59.73
C PHE E 218 -2.07 -17.09 59.54
N THR E 219 -3.32 -16.81 59.17
CA THR E 219 -4.31 -17.84 58.90
C THR E 219 -4.19 -18.45 57.53
N LYS E 220 -3.15 -18.08 56.77
CA LYS E 220 -2.83 -18.78 55.53
C LYS E 220 -2.45 -20.22 55.79
N ALA E 221 -2.00 -20.53 57.02
CA ALA E 221 -1.75 -21.88 57.48
C ALA E 221 -2.98 -22.50 58.15
N THR E 222 -4.18 -22.15 57.72
CA THR E 222 -5.39 -22.79 58.24
C THR E 222 -5.44 -24.32 58.07
N PRO E 223 -5.12 -24.93 56.87
CA PRO E 223 -5.20 -26.40 56.82
C PRO E 223 -3.96 -27.11 57.35
N LEU E 224 -3.13 -26.43 58.15
CA LEU E 224 -1.79 -26.93 58.46
C LEU E 224 -1.68 -27.70 59.76
N SER E 225 -2.77 -27.92 60.50
CA SER E 225 -2.69 -28.59 61.78
C SER E 225 -4.04 -29.16 62.15
N SER E 226 -4.06 -29.93 63.25
CA SER E 226 -5.33 -30.21 63.91
C SER E 226 -5.92 -28.93 64.46
N THR E 227 -5.26 -28.32 65.44
CA THR E 227 -5.73 -27.12 66.12
C THR E 227 -4.68 -26.02 66.00
N VAL E 228 -5.16 -24.78 66.07
CA VAL E 228 -4.31 -23.60 66.15
C VAL E 228 -4.16 -23.22 67.63
N THR E 229 -2.95 -22.79 68.00
CA THR E 229 -2.70 -22.26 69.33
C THR E 229 -2.37 -20.78 69.22
N LEU E 230 -2.93 -19.99 70.12
CA LEU E 230 -2.74 -18.54 70.17
C LEU E 230 -2.13 -18.22 71.53
N SER E 231 -0.86 -17.81 71.54
CA SER E 231 -0.17 -17.54 72.81
C SER E 231 0.18 -16.06 72.86
N MET E 232 -0.28 -15.39 73.92
CA MET E 232 -0.01 -13.97 74.13
C MET E 232 0.27 -13.70 75.60
N SER E 233 0.96 -12.59 75.84
CA SER E 233 1.12 -12.00 77.17
C SER E 233 1.21 -10.49 76.99
N ALA E 234 1.68 -9.79 78.01
CA ALA E 234 1.71 -8.34 78.00
C ALA E 234 2.89 -7.81 77.18
N ASP E 235 2.56 -7.04 76.13
CA ASP E 235 3.52 -6.25 75.32
C ASP E 235 4.61 -7.13 74.69
N VAL E 236 4.20 -8.28 74.15
CA VAL E 236 5.17 -9.24 73.61
C VAL E 236 4.64 -9.76 72.28
N PRO E 237 5.50 -10.35 71.45
CA PRO E 237 5.02 -10.99 70.20
C PRO E 237 4.04 -12.12 70.46
N LEU E 238 2.85 -11.99 69.88
CA LEU E 238 1.92 -13.11 69.75
C LEU E 238 2.57 -14.22 68.95
N VAL E 239 2.52 -15.43 69.47
CA VAL E 239 2.96 -16.60 68.72
C VAL E 239 1.74 -17.42 68.38
N VAL E 240 1.44 -17.51 67.09
CA VAL E 240 0.45 -18.47 66.62
C VAL E 240 1.21 -19.75 66.28
N GLU E 241 0.63 -20.87 66.67
CA GLU E 241 1.25 -22.18 66.55
C GLU E 241 0.38 -23.06 65.68
N TYR E 242 0.98 -23.65 64.65
CA TYR E 242 0.37 -24.73 63.90
C TYR E 242 1.26 -25.94 64.06
N LYS E 243 0.76 -26.94 64.78
CA LYS E 243 1.53 -28.13 65.09
C LYS E 243 1.50 -29.06 63.89
N ILE E 244 2.59 -29.09 63.14
CA ILE E 244 2.67 -29.89 61.92
C ILE E 244 2.73 -31.35 62.35
N ALA E 245 1.61 -32.07 62.16
CA ALA E 245 1.28 -33.35 62.78
C ALA E 245 2.31 -34.44 62.51
N ASP E 246 2.88 -34.96 63.61
CA ASP E 246 3.90 -36.03 63.71
C ASP E 246 5.27 -35.53 63.25
N MET E 247 5.34 -34.30 62.76
CA MET E 247 6.54 -33.76 62.13
C MET E 247 7.30 -32.78 63.01
N GLY E 248 6.62 -31.82 63.60
CA GLY E 248 7.28 -30.71 64.26
C GLY E 248 6.30 -29.56 64.33
N HIS E 249 6.76 -28.31 64.23
CA HIS E 249 5.77 -27.24 64.36
C HIS E 249 6.25 -25.97 63.68
N LEU E 250 5.26 -25.16 63.29
CA LEU E 250 5.49 -23.86 62.69
C LEU E 250 4.92 -22.81 63.62
N LYS E 251 5.76 -21.84 63.97
CA LYS E 251 5.37 -20.78 64.88
C LYS E 251 5.61 -19.44 64.22
N TYR E 252 4.56 -18.64 64.16
CA TYR E 252 4.63 -17.29 63.61
C TYR E 252 4.61 -16.31 64.77
N TYR E 253 5.66 -15.51 64.89
CA TYR E 253 5.75 -14.44 65.88
C TYR E 253 5.28 -13.13 65.25
N LEU E 254 4.52 -12.35 66.02
CA LEU E 254 4.12 -11.01 65.63
C LEU E 254 4.47 -10.08 66.78
N ALA E 255 5.44 -9.21 66.56
CA ALA E 255 5.78 -8.17 67.54
C ALA E 255 4.60 -7.22 67.71
N PRO E 256 4.24 -6.86 68.94
CA PRO E 256 2.98 -6.19 69.18
C PRO E 256 3.04 -4.71 68.81
N LYS E 257 1.90 -4.05 68.95
CA LYS E 257 1.72 -2.70 68.45
C LYS E 257 1.70 -1.71 69.61
N ILE E 258 1.90 -0.44 69.28
CA ILE E 258 1.82 0.62 70.28
C ILE E 258 1.03 1.78 69.69
N MET F 4 -30.95 -28.51 -1.23
CA MET F 4 -31.29 -28.25 0.16
C MET F 4 -30.49 -29.16 1.07
N PHE F 5 -29.99 -28.60 2.17
CA PHE F 5 -29.27 -29.36 3.18
C PHE F 5 -30.08 -29.38 4.47
N GLU F 6 -30.16 -30.55 5.10
CA GLU F 6 -30.79 -30.68 6.40
C GLU F 6 -30.20 -31.87 7.14
N ALA F 7 -29.59 -31.60 8.28
CA ALA F 7 -29.07 -32.65 9.14
C ALA F 7 -29.75 -32.59 10.51
N ARG F 8 -29.77 -33.73 11.19
CA ARG F 8 -30.32 -33.84 12.54
C ARG F 8 -29.47 -34.82 13.33
N LEU F 9 -29.03 -34.38 14.51
CA LEU F 9 -28.11 -35.12 15.36
C LEU F 9 -28.64 -35.06 16.79
N VAL F 10 -28.56 -36.19 17.50
CA VAL F 10 -29.21 -36.26 18.81
C VAL F 10 -28.31 -35.71 19.92
N GLN F 11 -26.99 -35.82 19.77
CA GLN F 11 -26.06 -35.38 20.80
C GLN F 11 -25.44 -34.04 20.41
N GLY F 12 -26.10 -32.97 20.83
CA GLY F 12 -25.59 -31.63 20.57
C GLY F 12 -24.34 -31.31 21.36
N SER F 13 -24.06 -32.10 22.40
CA SER F 13 -22.87 -31.92 23.21
C SER F 13 -21.60 -32.11 22.39
N ILE F 14 -21.64 -33.03 21.43
CA ILE F 14 -20.49 -33.26 20.56
C ILE F 14 -20.22 -32.02 19.71
N LEU F 15 -21.30 -31.40 19.23
CA LEU F 15 -21.19 -30.18 18.46
C LEU F 15 -20.63 -29.03 19.30
N LYS F 16 -21.05 -28.93 20.57
CA LYS F 16 -20.54 -27.85 21.41
C LYS F 16 -19.08 -28.07 21.81
N LYS F 17 -18.66 -29.32 22.01
CA LYS F 17 -17.25 -29.58 22.30
C LYS F 17 -16.36 -29.25 21.11
N VAL F 18 -16.79 -29.65 19.90
CA VAL F 18 -15.99 -29.33 18.72
C VAL F 18 -15.99 -27.83 18.44
N LEU F 19 -17.07 -27.12 18.76
CA LEU F 19 -17.00 -25.67 18.51
C LEU F 19 -16.22 -24.95 19.59
N GLU F 20 -16.07 -25.53 20.78
CA GLU F 20 -15.14 -24.92 21.73
C GLU F 20 -13.71 -25.41 21.57
N ALA F 21 -13.46 -26.36 20.67
CA ALA F 21 -12.09 -26.68 20.31
C ALA F 21 -11.41 -25.53 19.57
N LEU F 22 -12.17 -24.73 18.80
CA LEU F 22 -11.60 -23.95 17.71
C LEU F 22 -11.84 -22.45 17.77
N LYS F 23 -12.62 -21.93 18.71
CA LYS F 23 -13.01 -20.53 18.66
C LYS F 23 -11.91 -19.57 19.06
N ASP F 24 -10.76 -20.07 19.53
CA ASP F 24 -9.64 -19.24 19.94
C ASP F 24 -8.51 -19.22 18.93
N LEU F 25 -8.32 -20.31 18.21
CA LEU F 25 -7.26 -20.48 17.22
C LEU F 25 -7.66 -19.97 15.84
N ILE F 26 -8.97 -19.94 15.53
CA ILE F 26 -9.49 -19.66 14.20
C ILE F 26 -10.57 -18.60 14.35
N ASN F 27 -10.66 -17.69 13.37
CA ASN F 27 -11.73 -16.71 13.37
C ASN F 27 -12.72 -16.91 12.23
N GLU F 28 -12.29 -17.49 11.10
CA GLU F 28 -13.12 -17.65 9.91
C GLU F 28 -12.88 -19.03 9.31
N ALA F 29 -13.94 -19.67 8.79
CA ALA F 29 -13.73 -20.94 8.15
C ALA F 29 -14.75 -21.15 7.04
N CYS F 30 -14.50 -22.18 6.22
CA CYS F 30 -15.39 -22.59 5.15
C CYS F 30 -15.73 -24.06 5.32
N TRP F 31 -17.02 -24.36 5.47
CA TRP F 31 -17.53 -25.71 5.62
C TRP F 31 -17.80 -26.31 4.25
N ASP F 32 -17.13 -27.41 3.94
CA ASP F 32 -17.31 -28.15 2.70
C ASP F 32 -18.37 -29.23 2.94
N ILE F 33 -19.62 -28.86 2.73
CA ILE F 33 -20.74 -29.77 2.86
C ILE F 33 -20.80 -30.66 1.64
N SER F 34 -20.81 -31.97 1.84
CA SER F 34 -20.84 -32.90 0.72
C SER F 34 -21.86 -33.99 1.03
N SER F 35 -21.93 -34.98 0.14
CA SER F 35 -22.74 -36.17 0.37
C SER F 35 -21.95 -37.27 1.08
N SER F 36 -20.74 -36.97 1.55
CA SER F 36 -19.99 -37.91 2.35
C SER F 36 -19.87 -37.48 3.82
N GLY F 37 -20.31 -36.27 4.17
CA GLY F 37 -20.25 -35.84 5.56
C GLY F 37 -20.07 -34.33 5.64
N VAL F 38 -19.48 -33.89 6.75
CA VAL F 38 -19.10 -32.49 6.96
C VAL F 38 -17.61 -32.47 7.30
N ASN F 39 -16.80 -31.96 6.39
CA ASN F 39 -15.35 -32.01 6.46
C ASN F 39 -14.80 -30.60 6.42
N LEU F 40 -13.69 -30.37 7.12
CA LEU F 40 -13.10 -29.04 7.21
C LEU F 40 -11.57 -29.14 7.30
N GLN F 41 -10.89 -28.19 6.64
CA GLN F 41 -9.46 -27.95 6.80
C GLN F 41 -9.27 -26.46 7.01
N SER F 42 -8.30 -26.10 7.85
CA SER F 42 -7.99 -24.68 8.00
C SER F 42 -6.57 -24.53 8.54
N MET F 43 -5.96 -23.39 8.24
CA MET F 43 -4.77 -22.94 8.95
C MET F 43 -5.15 -21.98 10.07
N ASP F 44 -4.27 -21.87 11.05
CA ASP F 44 -4.51 -20.93 12.13
C ASP F 44 -4.22 -19.51 11.67
N SER F 45 -4.50 -18.54 12.54
CA SER F 45 -4.28 -17.14 12.19
C SER F 45 -2.79 -16.81 12.10
N SER F 46 -1.96 -17.54 12.84
CA SER F 46 -0.53 -17.27 12.86
C SER F 46 0.22 -17.91 11.70
N HIS F 47 -0.48 -18.68 10.85
CA HIS F 47 0.08 -19.43 9.71
C HIS F 47 1.15 -20.43 10.16
N VAL F 48 0.87 -21.14 11.26
CA VAL F 48 1.80 -22.13 11.80
C VAL F 48 1.22 -23.54 11.80
N SER F 49 -0.04 -23.70 12.18
CA SER F 49 -0.59 -25.02 12.49
C SER F 49 -1.82 -25.33 11.64
N LEU F 50 -2.11 -26.63 11.48
CA LEU F 50 -3.19 -27.08 10.61
C LEU F 50 -4.24 -27.81 11.43
N VAL F 51 -5.51 -27.55 11.12
CA VAL F 51 -6.62 -28.31 11.71
C VAL F 51 -7.37 -29.05 10.61
N GLN F 52 -7.82 -30.26 10.93
CA GLN F 52 -8.52 -31.13 10.00
C GLN F 52 -9.59 -31.87 10.77
N LEU F 53 -10.86 -31.65 10.41
CA LEU F 53 -11.99 -32.14 11.18
C LEU F 53 -12.95 -32.91 10.27
N THR F 54 -13.30 -34.13 10.66
CA THR F 54 -14.16 -34.97 9.84
C THR F 54 -15.33 -35.49 10.67
N LEU F 55 -16.56 -35.12 10.29
CA LEU F 55 -17.78 -35.72 10.83
C LEU F 55 -18.42 -36.53 9.70
N ARG F 56 -18.31 -37.86 9.79
CA ARG F 56 -18.76 -38.76 8.75
C ARG F 56 -20.28 -38.73 8.61
N SER F 57 -20.76 -39.16 7.44
CA SER F 57 -22.16 -38.99 7.09
C SER F 57 -23.11 -39.89 7.86
N GLU F 58 -22.64 -41.07 8.30
CA GLU F 58 -23.53 -42.05 8.94
C GLU F 58 -23.98 -41.57 10.31
N GLY F 59 -23.05 -41.05 11.13
CA GLY F 59 -23.32 -40.70 12.51
C GLY F 59 -24.35 -39.62 12.71
N PHE F 60 -24.61 -38.82 11.69
CA PHE F 60 -25.78 -37.97 11.70
C PHE F 60 -27.04 -38.82 11.53
N ASP F 61 -27.94 -38.74 12.50
CA ASP F 61 -29.03 -39.69 12.58
C ASP F 61 -30.18 -39.34 11.66
N THR F 62 -30.17 -38.16 11.04
CA THR F 62 -31.03 -37.87 9.90
C THR F 62 -30.28 -36.94 8.97
N TYR F 63 -29.77 -37.48 7.86
CA TYR F 63 -28.96 -36.73 6.92
C TYR F 63 -29.75 -36.48 5.64
N ARG F 64 -29.55 -35.31 5.02
CA ARG F 64 -30.07 -35.08 3.66
C ARG F 64 -29.27 -33.94 3.03
N CYS F 65 -28.55 -34.24 1.96
CA CYS F 65 -27.79 -33.24 1.22
C CYS F 65 -27.97 -33.46 -0.27
N ASP F 66 -28.46 -32.44 -0.96
CA ASP F 66 -28.76 -32.56 -2.38
C ASP F 66 -27.53 -32.32 -3.25
N ARG F 67 -26.77 -31.27 -2.94
CA ARG F 67 -25.71 -30.76 -3.80
C ARG F 67 -24.55 -30.29 -2.92
N ASN F 68 -23.32 -30.43 -3.43
CA ASN F 68 -22.12 -30.04 -2.69
C ASN F 68 -22.09 -28.54 -2.44
N LEU F 69 -22.07 -28.15 -1.17
CA LEU F 69 -22.11 -26.76 -0.75
C LEU F 69 -20.75 -26.29 -0.27
N ALA F 70 -20.69 -25.01 0.08
CA ALA F 70 -19.52 -24.40 0.72
C ALA F 70 -20.01 -23.18 1.48
N MET F 71 -19.99 -23.24 2.80
CA MET F 71 -20.51 -22.17 3.64
C MET F 71 -19.37 -21.42 4.30
N GLY F 72 -19.52 -20.09 4.41
CA GLY F 72 -18.53 -19.27 5.06
C GLY F 72 -19.02 -18.78 6.40
N VAL F 73 -18.34 -19.21 7.46
CA VAL F 73 -18.83 -19.03 8.82
C VAL F 73 -17.81 -18.28 9.65
N ASN F 74 -18.27 -17.22 10.30
CA ASN F 74 -17.56 -16.54 11.38
C ASN F 74 -17.75 -17.35 12.66
N LEU F 75 -16.66 -17.91 13.18
CA LEU F 75 -16.76 -18.91 14.24
C LEU F 75 -17.09 -18.32 15.60
N THR F 76 -16.90 -17.02 15.77
CA THR F 76 -17.20 -16.39 17.05
C THR F 76 -18.70 -16.25 17.26
N SER F 77 -19.43 -15.81 16.23
CA SER F 77 -20.88 -15.70 16.32
C SER F 77 -21.55 -17.07 16.43
N MET F 78 -20.99 -18.08 15.76
CA MET F 78 -21.52 -19.43 15.89
C MET F 78 -21.26 -20.01 17.27
N SER F 79 -20.08 -19.71 17.85
CA SER F 79 -19.79 -20.17 19.20
C SER F 79 -20.65 -19.46 20.22
N LYS F 80 -21.06 -18.23 19.93
CA LYS F 80 -22.01 -17.57 20.81
C LYS F 80 -23.41 -18.15 20.66
N ILE F 81 -23.77 -18.64 19.48
CA ILE F 81 -25.11 -19.21 19.30
C ILE F 81 -25.19 -20.58 19.95
N LEU F 82 -24.15 -21.42 19.80
CA LEU F 82 -24.25 -22.76 20.35
C LEU F 82 -24.08 -22.85 21.86
N LYS F 83 -23.97 -21.73 22.57
CA LYS F 83 -24.08 -21.75 24.02
C LYS F 83 -25.42 -21.24 24.50
N CYS F 84 -26.39 -21.08 23.59
CA CYS F 84 -27.79 -20.89 23.93
C CYS F 84 -28.55 -22.19 23.78
N ALA F 85 -27.90 -23.31 24.10
CA ALA F 85 -28.47 -24.64 23.95
C ALA F 85 -27.90 -25.52 25.03
N GLY F 86 -28.78 -26.10 25.86
CA GLY F 86 -28.33 -26.95 26.95
C GLY F 86 -27.72 -28.24 26.48
N ASN F 87 -27.09 -28.97 27.43
CA ASN F 87 -26.25 -30.10 27.09
C ASN F 87 -27.01 -31.36 26.73
N GLU F 88 -28.33 -31.35 26.71
CA GLU F 88 -29.10 -32.53 26.37
C GLU F 88 -29.96 -32.37 25.13
N ASP F 89 -29.91 -31.22 24.46
CA ASP F 89 -30.80 -30.93 23.34
C ASP F 89 -30.40 -31.71 22.09
N ILE F 90 -31.30 -31.68 21.12
CA ILE F 90 -31.15 -32.38 19.84
C ILE F 90 -31.11 -31.32 18.76
N ILE F 91 -30.04 -31.31 17.96
CA ILE F 91 -29.73 -30.17 17.10
C ILE F 91 -29.97 -30.55 15.65
N THR F 92 -30.73 -29.72 14.93
CA THR F 92 -30.87 -29.86 13.48
C THR F 92 -30.40 -28.60 12.76
N LEU F 93 -29.78 -28.81 11.61
CA LEU F 93 -29.23 -27.76 10.76
C LEU F 93 -30.01 -27.71 9.46
N ARG F 94 -30.39 -26.50 9.04
CA ARG F 94 -31.25 -26.30 7.89
C ARG F 94 -30.65 -25.23 6.99
N ALA F 95 -30.35 -25.59 5.75
CA ALA F 95 -29.78 -24.64 4.80
C ALA F 95 -30.39 -24.82 3.43
N GLU F 96 -30.52 -23.70 2.73
CA GLU F 96 -30.92 -23.70 1.33
C GLU F 96 -29.70 -23.84 0.44
N ASP F 97 -29.95 -24.18 -0.83
CA ASP F 97 -28.90 -24.20 -1.83
C ASP F 97 -28.84 -22.91 -2.64
N ASN F 98 -29.62 -21.90 -2.29
CA ASN F 98 -29.57 -20.61 -2.96
C ASN F 98 -29.26 -19.47 -2.02
N ALA F 99 -29.13 -19.74 -0.72
CA ALA F 99 -29.10 -18.70 0.31
C ALA F 99 -27.75 -18.66 1.00
N ASP F 100 -27.52 -17.57 1.72
CA ASP F 100 -26.31 -17.36 2.53
C ASP F 100 -26.66 -17.19 4.01
N THR F 101 -27.66 -17.92 4.48
CA THR F 101 -28.10 -17.80 5.87
C THR F 101 -28.51 -19.18 6.36
N LEU F 102 -27.98 -19.56 7.53
CA LEU F 102 -28.17 -20.89 8.09
C LEU F 102 -29.19 -20.86 9.21
N ALA F 103 -29.90 -21.97 9.39
CA ALA F 103 -30.90 -22.12 10.45
C ALA F 103 -30.47 -23.24 11.38
N LEU F 104 -30.53 -22.98 12.68
CA LEU F 104 -30.24 -23.97 13.69
C LEU F 104 -31.47 -24.11 14.57
N VAL F 105 -31.96 -25.33 14.76
CA VAL F 105 -33.11 -25.56 15.64
C VAL F 105 -32.70 -26.55 16.72
N PHE F 106 -32.86 -26.13 17.97
CA PHE F 106 -32.55 -26.92 19.15
C PHE F 106 -33.84 -27.42 19.76
N GLU F 107 -33.92 -28.74 19.97
CA GLU F 107 -35.10 -29.42 20.45
C GLU F 107 -34.80 -30.02 21.82
N ALA F 108 -35.44 -29.49 22.84
CA ALA F 108 -35.28 -30.01 24.19
C ALA F 108 -35.90 -31.39 24.31
N PRO F 109 -35.35 -32.26 25.15
CA PRO F 109 -35.90 -33.63 25.25
C PRO F 109 -37.18 -33.70 26.08
N ASN F 110 -37.68 -32.57 26.60
CA ASN F 110 -38.93 -32.56 27.33
C ASN F 110 -40.06 -32.03 26.46
N GLU F 112 -41.48 -29.18 25.55
CA GLU F 112 -42.27 -27.98 25.74
C GLU F 112 -41.56 -26.71 25.28
N LYS F 113 -40.28 -26.82 24.93
CA LYS F 113 -39.47 -25.67 24.56
C LYS F 113 -38.63 -26.03 23.34
N VAL F 114 -38.79 -25.28 22.25
CA VAL F 114 -37.98 -25.44 21.06
C VAL F 114 -37.46 -24.07 20.65
N SER F 115 -36.25 -24.02 20.12
CA SER F 115 -35.60 -22.75 19.80
C SER F 115 -35.02 -22.78 18.41
N ASP F 116 -35.02 -21.62 17.74
CA ASP F 116 -34.61 -21.55 16.33
C ASP F 116 -33.91 -20.24 16.03
N TYR F 117 -32.69 -20.33 15.51
CA TYR F 117 -31.86 -19.16 15.21
C TYR F 117 -31.46 -19.15 13.75
N GLU F 118 -31.35 -17.93 13.20
CA GLU F 118 -30.87 -17.70 11.84
C GLU F 118 -29.61 -16.85 11.88
N MET F 119 -28.60 -17.26 11.11
CA MET F 119 -27.29 -16.64 11.16
C MET F 119 -26.81 -16.34 9.75
N LYS F 120 -26.41 -15.08 9.52
CA LYS F 120 -25.93 -14.66 8.21
C LYS F 120 -24.52 -15.15 7.94
N LEU F 121 -24.32 -15.81 6.81
CA LEU F 121 -23.01 -16.27 6.40
C LEU F 121 -22.28 -15.18 5.63
N MET F 122 -21.02 -15.47 5.27
CA MET F 122 -20.15 -14.55 4.57
C MET F 122 -19.46 -15.29 3.44
N ASP F 123 -19.14 -14.57 2.37
CA ASP F 123 -18.35 -15.14 1.29
C ASP F 123 -16.88 -14.80 1.47
N LEU F 124 -16.03 -15.82 1.42
CA LEU F 124 -14.61 -15.69 1.67
C LEU F 124 -13.84 -16.32 0.53
N ASP F 125 -12.59 -15.88 0.38
CA ASP F 125 -11.77 -16.26 -0.76
C ASP F 125 -10.55 -17.05 -0.31
N VAL F 126 -10.75 -18.03 0.55
CA VAL F 126 -9.66 -18.78 1.17
C VAL F 126 -9.21 -19.87 0.22
N GLU F 127 -8.04 -20.44 0.49
CA GLU F 127 -7.52 -21.58 -0.25
C GLU F 127 -7.39 -22.77 0.69
N GLN F 128 -7.76 -23.96 0.20
CA GLN F 128 -7.84 -25.16 1.01
C GLN F 128 -6.59 -26.02 0.80
N LEU F 129 -5.93 -26.38 1.90
CA LEU F 129 -4.73 -27.20 1.88
C LEU F 129 -4.99 -28.51 2.62
N GLY F 130 -4.04 -29.45 2.49
CA GLY F 130 -4.20 -30.77 3.06
C GLY F 130 -2.94 -31.42 3.60
N ILE F 131 -2.90 -32.75 3.65
CA ILE F 131 -1.72 -33.47 4.14
C ILE F 131 -1.53 -34.75 3.33
N PRO F 132 -0.29 -35.21 3.12
CA PRO F 132 -0.09 -36.54 2.55
C PRO F 132 0.12 -37.60 3.61
N GLU F 133 -0.22 -38.85 3.31
CA GLU F 133 -0.17 -39.91 4.31
C GLU F 133 1.16 -40.65 4.27
N GLN F 134 1.92 -40.53 5.34
CA GLN F 134 3.15 -41.29 5.54
C GLN F 134 3.11 -41.93 6.90
N GLU F 135 4.03 -42.85 7.14
CA GLU F 135 4.05 -43.63 8.38
C GLU F 135 4.95 -42.95 9.40
N TYR F 136 4.35 -42.30 10.38
CA TYR F 136 5.09 -41.76 11.50
C TYR F 136 5.58 -42.92 12.37
N SER F 137 6.81 -42.81 12.86
CA SER F 137 7.51 -43.97 13.39
C SER F 137 7.44 -44.09 14.90
N CYS F 138 7.08 -43.02 15.60
CA CYS F 138 6.83 -43.10 17.04
C CYS F 138 5.34 -42.86 17.29
N VAL F 139 4.68 -43.85 17.87
CA VAL F 139 3.23 -43.88 18.02
C VAL F 139 2.91 -43.98 19.51
N VAL F 140 2.40 -42.90 20.08
CA VAL F 140 2.07 -42.83 21.50
C VAL F 140 0.56 -42.74 21.65
N LYS F 141 0.00 -43.54 22.57
CA LYS F 141 -1.40 -43.42 22.95
C LYS F 141 -1.44 -43.26 24.47
N MET F 142 -1.86 -42.08 24.92
CA MET F 142 -1.67 -41.69 26.31
C MET F 142 -2.95 -41.05 26.85
N PRO F 143 -3.09 -40.94 28.18
CA PRO F 143 -4.26 -40.24 28.71
C PRO F 143 -4.20 -38.74 28.47
N SER F 144 -5.36 -38.16 28.20
CA SER F 144 -5.43 -36.75 27.81
C SER F 144 -5.23 -35.83 29.01
N GLY F 145 -5.68 -36.26 30.19
CA GLY F 145 -5.52 -35.43 31.38
C GLY F 145 -4.07 -35.25 31.76
N GLU F 146 -3.29 -36.33 31.68
CA GLU F 146 -1.86 -36.26 31.99
C GLU F 146 -1.12 -35.36 31.01
N PHE F 147 -1.50 -35.40 29.73
CA PHE F 147 -0.87 -34.55 28.72
C PHE F 147 -1.20 -33.08 28.95
N ALA F 148 -2.46 -32.80 29.32
CA ALA F 148 -2.86 -31.43 29.66
C ALA F 148 -2.07 -30.90 30.85
N ARG F 149 -1.95 -31.71 31.92
CA ARG F 149 -1.21 -31.24 33.09
C ARG F 149 0.28 -31.11 32.81
N ILE F 150 0.84 -32.00 31.98
CA ILE F 150 2.27 -31.96 31.68
C ILE F 150 2.63 -30.70 30.91
N CYS F 151 1.83 -30.38 29.87
CA CYS F 151 2.06 -29.15 29.12
C CYS F 151 1.85 -27.92 29.98
N ARG F 152 0.76 -27.89 30.76
CA ARG F 152 0.46 -26.73 31.61
C ARG F 152 1.49 -26.54 32.71
N ASP F 153 2.09 -27.64 33.19
CA ASP F 153 3.06 -27.53 34.28
C ASP F 153 4.44 -27.13 33.78
N LEU F 154 4.85 -27.67 32.63
CA LEU F 154 6.10 -27.20 32.05
C LEU F 154 6.00 -25.77 31.52
N SER F 155 4.78 -25.27 31.30
CA SER F 155 4.61 -23.94 30.68
C SER F 155 5.14 -22.80 31.53
N HIS F 156 5.13 -22.94 32.86
CA HIS F 156 5.54 -21.82 33.71
C HIS F 156 7.05 -21.63 33.72
N ILE F 157 7.80 -22.62 33.26
CA ILE F 157 9.25 -22.59 33.38
C ILE F 157 9.83 -21.87 32.18
N GLY F 158 9.61 -22.44 30.99
CA GLY F 158 10.06 -21.84 29.74
C GLY F 158 9.06 -22.13 28.65
N ASP F 159 9.41 -21.84 27.39
CA ASP F 159 8.42 -21.92 26.32
C ASP F 159 8.62 -23.07 25.34
N ALA F 160 9.81 -23.63 25.23
CA ALA F 160 9.99 -24.80 24.39
C ALA F 160 9.88 -26.07 25.24
N VAL F 161 9.71 -27.20 24.57
CA VAL F 161 9.66 -28.53 25.19
C VAL F 161 10.31 -29.50 24.20
N VAL F 162 11.13 -30.41 24.72
CA VAL F 162 11.72 -31.46 23.89
C VAL F 162 11.08 -32.80 24.24
N ILE F 163 10.58 -33.47 23.21
CA ILE F 163 9.96 -34.79 23.30
C ILE F 163 11.05 -35.81 22.97
N SER F 164 11.19 -36.82 23.82
CA SER F 164 12.28 -37.78 23.73
C SER F 164 11.72 -39.19 23.83
N CYS F 165 11.42 -39.79 22.68
CA CYS F 165 10.83 -41.12 22.62
C CYS F 165 11.93 -42.17 22.45
N ALA F 166 12.06 -43.01 23.48
CA ALA F 166 13.00 -44.12 23.60
C ALA F 166 12.20 -45.42 23.72
N LYS F 167 12.88 -46.52 24.09
CA LYS F 167 12.31 -47.85 23.91
C LYS F 167 11.13 -48.12 24.84
N ASP F 168 11.35 -48.11 26.16
CA ASP F 168 10.28 -48.47 27.07
C ASP F 168 9.25 -47.35 27.19
N GLY F 169 9.68 -46.12 26.97
CA GLY F 169 8.79 -45.00 27.20
C GLY F 169 9.26 -43.74 26.53
N VAL F 170 8.53 -42.67 26.85
CA VAL F 170 8.79 -41.34 26.33
C VAL F 170 9.18 -40.46 27.52
N LYS F 171 9.88 -39.36 27.23
CA LYS F 171 10.36 -38.46 28.28
C LYS F 171 10.29 -37.04 27.74
N PHE F 172 9.60 -36.17 28.47
CA PHE F 172 9.42 -34.77 28.07
C PHE F 172 10.30 -33.91 28.95
N SER F 173 11.13 -33.06 28.34
CA SER F 173 11.98 -32.18 29.13
C SER F 173 11.72 -30.72 28.77
N ALA F 174 11.91 -29.83 29.74
CA ALA F 174 11.71 -28.41 29.53
C ALA F 174 12.55 -27.62 30.51
N SER F 175 13.06 -26.47 30.05
CA SER F 175 13.97 -25.62 30.82
C SER F 175 13.33 -24.26 31.05
N GLY F 176 14.15 -23.38 31.63
CA GLY F 176 13.74 -22.00 31.87
C GLY F 176 14.60 -21.40 32.95
N GLU F 177 14.32 -20.12 33.25
CA GLU F 177 15.17 -19.34 34.16
C GLU F 177 15.09 -19.85 35.60
N LEU F 178 13.96 -20.44 35.99
CA LEU F 178 13.83 -21.08 37.28
C LEU F 178 14.13 -22.59 37.21
N GLY F 179 14.96 -23.01 36.26
CA GLY F 179 15.47 -24.38 36.28
C GLY F 179 14.94 -25.25 35.18
N ASN F 180 14.97 -26.57 35.35
CA ASN F 180 14.47 -27.48 34.34
C ASN F 180 13.93 -28.76 34.96
N GLY F 181 13.21 -29.54 34.16
CA GLY F 181 12.67 -30.79 34.62
C GLY F 181 12.16 -31.66 33.48
N ASN F 182 12.08 -32.96 33.76
CA ASN F 182 11.57 -33.90 32.79
C ASN F 182 10.45 -34.72 33.45
N ILE F 183 9.69 -35.42 32.62
CA ILE F 183 8.71 -36.40 33.08
C ILE F 183 8.86 -37.64 32.19
N LYS F 184 9.02 -38.79 32.82
CA LYS F 184 9.12 -40.08 32.14
C LYS F 184 7.74 -40.72 32.02
N LEU F 185 7.67 -41.71 31.13
CA LEU F 185 6.48 -42.52 30.97
C LEU F 185 6.91 -43.83 30.32
N SER F 186 6.38 -44.95 30.81
CA SER F 186 6.90 -46.26 30.49
C SER F 186 5.79 -47.22 30.06
N GLN F 187 6.18 -48.21 29.26
CA GLN F 187 5.24 -49.26 28.86
C GLN F 187 4.90 -50.14 30.07
N THR F 188 3.65 -50.57 30.15
CA THR F 188 3.19 -51.36 31.27
C THR F 188 2.59 -52.69 30.81
N GLU F 194 -7.85 -49.94 30.94
CA GLU F 194 -7.15 -50.07 29.67
C GLU F 194 -6.68 -48.70 29.16
N GLU F 195 -7.54 -47.69 29.23
CA GLU F 195 -7.25 -46.40 28.63
C GLU F 195 -6.29 -45.55 29.45
N GLU F 196 -6.06 -45.88 30.71
CA GLU F 196 -5.08 -45.20 31.53
C GLU F 196 -3.66 -45.69 31.27
N ALA F 197 -3.49 -46.72 30.45
CA ALA F 197 -2.17 -47.13 30.02
C ALA F 197 -1.63 -46.14 29.00
N VAL F 198 -0.32 -46.25 28.75
CA VAL F 198 0.35 -45.42 27.76
C VAL F 198 1.03 -46.38 26.79
N THR F 199 0.36 -46.70 25.69
CA THR F 199 0.89 -47.65 24.71
C THR F 199 1.88 -46.94 23.80
N ILE F 200 3.07 -47.53 23.66
CA ILE F 200 4.19 -46.90 22.98
C ILE F 200 4.74 -47.85 21.93
N GLU F 201 4.58 -47.51 20.66
CA GLU F 201 5.20 -48.22 19.56
C GLU F 201 6.36 -47.40 19.02
N MET F 202 7.50 -48.06 18.84
CA MET F 202 8.74 -47.40 18.43
C MET F 202 9.47 -48.25 17.40
N ASN F 203 9.88 -47.64 16.30
CA ASN F 203 10.86 -48.23 15.40
C ASN F 203 12.19 -47.49 15.46
N GLU F 204 12.19 -46.17 15.25
CA GLU F 204 13.35 -45.33 15.43
C GLU F 204 13.11 -44.31 16.54
N PRO F 205 14.10 -44.06 17.41
CA PRO F 205 13.89 -43.12 18.51
C PRO F 205 13.79 -41.69 18.00
N VAL F 206 13.12 -40.84 18.78
CA VAL F 206 12.86 -39.48 18.34
C VAL F 206 13.27 -38.51 19.46
N GLN F 207 13.82 -37.37 19.07
CA GLN F 207 13.99 -36.24 19.98
C GLN F 207 13.72 -34.97 19.18
N LEU F 208 12.75 -34.15 19.61
CA LEU F 208 12.40 -32.94 18.86
C LEU F 208 11.93 -31.84 19.81
N THR F 209 11.87 -30.60 19.29
CA THR F 209 11.54 -29.41 20.10
C THR F 209 10.33 -28.70 19.52
N PHE F 210 9.37 -28.35 20.39
CA PHE F 210 8.15 -27.62 20.00
C PHE F 210 7.79 -26.58 21.04
N ALA F 211 7.18 -25.48 20.60
CA ALA F 211 6.81 -24.37 21.47
C ALA F 211 5.50 -24.64 22.20
N LEU F 212 5.34 -24.06 23.38
CA LEU F 212 4.29 -24.47 24.30
C LEU F 212 2.95 -23.79 24.10
N ARG F 213 2.93 -22.59 23.53
CA ARG F 213 1.66 -21.87 23.33
C ARG F 213 0.75 -22.63 22.36
N TYR F 214 1.33 -23.24 21.33
CA TYR F 214 0.56 -24.07 20.42
C TYR F 214 0.06 -25.34 21.10
N LEU F 215 0.86 -25.95 21.98
CA LEU F 215 0.41 -27.17 22.64
C LEU F 215 -0.69 -26.88 23.67
N ASN F 216 -0.60 -25.74 24.34
CA ASN F 216 -1.67 -25.33 25.24
C ASN F 216 -2.90 -24.82 24.50
N PHE F 217 -2.78 -24.51 23.20
CA PHE F 217 -3.97 -24.38 22.36
C PHE F 217 -4.54 -25.75 21.99
N PHE F 218 -3.66 -26.72 21.70
CA PHE F 218 -4.13 -28.03 21.23
C PHE F 218 -4.85 -28.80 22.32
N THR F 219 -4.50 -28.57 23.59
CA THR F 219 -5.15 -29.28 24.69
C THR F 219 -6.41 -28.58 25.20
N LYS F 220 -7.07 -27.77 24.35
CA LYS F 220 -8.35 -27.16 24.72
C LYS F 220 -9.54 -28.07 24.48
N ALA F 221 -9.38 -29.10 23.63
CA ALA F 221 -10.48 -29.99 23.26
C ALA F 221 -10.45 -31.29 24.04
N THR F 222 -10.03 -31.24 25.30
CA THR F 222 -9.91 -32.45 26.11
C THR F 222 -11.23 -33.20 26.41
N PRO F 223 -12.41 -32.57 26.60
CA PRO F 223 -13.61 -33.38 26.85
C PRO F 223 -14.13 -34.21 25.67
N LEU F 224 -13.47 -34.23 24.52
CA LEU F 224 -14.00 -34.99 23.39
C LEU F 224 -13.75 -36.48 23.53
N SER F 225 -12.66 -36.88 24.18
CA SER F 225 -12.36 -38.29 24.36
C SER F 225 -11.62 -38.48 25.68
N SER F 226 -11.13 -39.70 25.89
CA SER F 226 -10.34 -40.03 27.08
C SER F 226 -8.86 -40.09 26.77
N THR F 227 -8.48 -40.69 25.65
CA THR F 227 -7.09 -40.86 25.25
C THR F 227 -6.76 -39.96 24.06
N VAL F 228 -5.47 -39.70 23.88
CA VAL F 228 -4.97 -38.88 22.80
C VAL F 228 -3.81 -39.59 22.13
N THR F 229 -3.69 -39.41 20.81
CA THR F 229 -2.68 -40.14 20.04
C THR F 229 -1.68 -39.14 19.48
N LEU F 230 -0.40 -39.35 19.79
CA LEU F 230 0.67 -38.49 19.33
C LEU F 230 1.56 -39.26 18.36
N SER F 231 1.78 -38.69 17.18
CA SER F 231 2.57 -39.36 16.17
C SER F 231 3.73 -38.48 15.73
N MET F 232 4.92 -39.09 15.74
CA MET F 232 6.18 -38.43 15.43
C MET F 232 6.96 -39.23 14.41
N SER F 233 7.83 -38.52 13.70
CA SER F 233 8.78 -39.10 12.76
C SER F 233 9.91 -38.10 12.59
N ALA F 234 10.88 -38.45 11.74
CA ALA F 234 12.00 -37.58 11.44
C ALA F 234 11.52 -36.34 10.69
N ASP F 235 11.77 -35.16 11.27
CA ASP F 235 11.67 -33.81 10.67
C ASP F 235 10.29 -33.48 10.07
N VAL F 236 9.25 -34.17 10.49
CA VAL F 236 7.91 -33.89 10.00
C VAL F 236 7.14 -33.18 11.09
N PRO F 237 6.07 -32.45 10.74
CA PRO F 237 5.17 -31.90 11.77
C PRO F 237 4.52 -32.98 12.63
N LEU F 238 4.78 -32.90 13.93
CA LEU F 238 4.07 -33.65 14.96
C LEU F 238 2.56 -33.58 14.78
N VAL F 239 1.92 -34.76 14.88
CA VAL F 239 0.49 -34.88 14.69
C VAL F 239 -0.16 -35.22 16.02
N VAL F 240 -1.18 -34.45 16.38
CA VAL F 240 -2.01 -34.74 17.55
C VAL F 240 -3.39 -35.14 17.06
N GLU F 241 -3.84 -36.32 17.46
CA GLU F 241 -5.05 -36.90 16.89
C GLU F 241 -6.02 -37.33 17.98
N TYR F 242 -7.31 -37.00 17.77
CA TYR F 242 -8.41 -37.41 18.64
C TYR F 242 -9.45 -38.12 17.78
N LYS F 243 -10.19 -39.04 18.39
CA LYS F 243 -11.29 -39.72 17.72
C LYS F 243 -12.61 -39.40 18.43
N ILE F 244 -13.66 -39.20 17.65
CA ILE F 244 -15.01 -38.96 18.16
C ILE F 244 -15.87 -40.14 17.75
N ALA F 245 -16.59 -40.71 18.73
CA ALA F 245 -17.15 -42.06 18.67
C ALA F 245 -18.22 -42.24 17.60
N ASP F 246 -17.87 -42.99 16.55
CA ASP F 246 -18.70 -43.25 15.36
C ASP F 246 -19.14 -41.97 14.65
N MET F 247 -18.40 -40.88 14.84
CA MET F 247 -18.63 -39.61 14.17
C MET F 247 -17.47 -39.22 13.29
N GLY F 248 -16.24 -39.35 13.77
CA GLY F 248 -15.12 -38.98 12.94
C GLY F 248 -13.87 -38.70 13.75
N HIS F 249 -13.11 -37.69 13.34
CA HIS F 249 -11.89 -37.41 14.10
C HIS F 249 -11.54 -35.93 14.01
N LEU F 250 -10.49 -35.56 14.75
CA LEU F 250 -10.02 -34.19 14.83
C LEU F 250 -8.50 -34.21 14.97
N LYS F 251 -7.80 -33.56 14.04
CA LYS F 251 -6.35 -33.59 14.02
C LYS F 251 -5.79 -32.18 14.00
N TYR F 252 -4.76 -31.95 14.83
CA TYR F 252 -3.91 -30.77 14.73
C TYR F 252 -2.52 -31.18 14.22
N TYR F 253 -1.87 -30.24 13.55
CA TYR F 253 -0.58 -30.43 12.91
C TYR F 253 0.34 -29.28 13.29
N LEU F 254 1.55 -29.60 13.77
CA LEU F 254 2.51 -28.57 14.15
C LEU F 254 3.93 -28.97 13.74
N ALA F 255 4.70 -28.01 13.12
CA ALA F 255 6.03 -28.24 12.58
C ALA F 255 7.11 -28.06 13.64
N PRO F 256 8.19 -28.86 13.58
CA PRO F 256 9.26 -28.72 14.58
C PRO F 256 10.17 -27.53 14.33
N LYS F 257 10.92 -27.12 15.35
CA LYS F 257 11.89 -26.06 15.22
C LYS F 257 13.20 -26.60 14.67
N ILE F 258 13.88 -25.77 13.89
CA ILE F 258 15.14 -26.16 13.28
C ILE F 258 16.30 -25.47 13.99
N MET G 4 -40.11 1.89 70.88
CA MET G 4 -39.12 0.84 70.60
C MET G 4 -39.64 -0.20 69.60
N PHE G 5 -38.95 -0.34 68.48
CA PHE G 5 -39.24 -1.36 67.49
C PHE G 5 -38.27 -2.52 67.63
N GLU G 6 -38.81 -3.73 67.73
CA GLU G 6 -38.01 -4.94 67.77
C GLU G 6 -38.63 -5.98 66.85
N ALA G 7 -37.78 -6.82 66.23
CA ALA G 7 -38.23 -7.84 65.30
C ALA G 7 -37.23 -8.98 65.30
N ARG G 8 -37.73 -10.19 65.05
CA ARG G 8 -36.90 -11.39 64.97
C ARG G 8 -37.34 -12.22 63.78
N LEU G 9 -36.41 -12.52 62.89
CA LEU G 9 -36.67 -13.40 61.77
C LEU G 9 -35.66 -14.54 61.81
N VAL G 10 -36.15 -15.76 62.04
CA VAL G 10 -35.25 -16.90 62.21
C VAL G 10 -34.87 -17.52 60.88
N GLN G 11 -35.51 -17.12 59.79
CA GLN G 11 -34.99 -17.38 58.45
C GLN G 11 -34.27 -16.14 57.92
N GLY G 12 -33.12 -15.86 58.51
CA GLY G 12 -32.36 -14.67 58.15
C GLY G 12 -31.71 -14.74 56.78
N SER G 13 -31.40 -15.96 56.31
CA SER G 13 -30.80 -16.17 55.00
C SER G 13 -31.66 -15.61 53.89
N ILE G 14 -32.99 -15.76 54.02
CA ILE G 14 -33.99 -15.13 53.15
C ILE G 14 -33.72 -13.65 52.99
N LEU G 15 -33.50 -12.96 54.12
CA LEU G 15 -33.27 -11.52 54.07
C LEU G 15 -31.98 -11.17 53.36
N LYS G 16 -30.96 -12.04 53.48
CA LYS G 16 -29.73 -11.87 52.71
C LYS G 16 -30.03 -11.89 51.22
N LYS G 17 -30.83 -12.87 50.79
CA LYS G 17 -31.23 -12.94 49.40
C LYS G 17 -32.14 -11.77 49.04
N VAL G 18 -32.95 -11.31 50.01
CA VAL G 18 -33.76 -10.11 49.83
C VAL G 18 -32.87 -8.91 49.56
N LEU G 19 -31.77 -8.82 50.28
CA LEU G 19 -30.87 -7.70 50.03
C LEU G 19 -30.08 -7.95 48.76
N GLU G 20 -29.91 -9.22 48.39
CA GLU G 20 -29.37 -9.55 47.09
C GLU G 20 -30.33 -9.24 45.97
N ALA G 21 -31.60 -8.96 46.27
CA ALA G 21 -32.51 -8.41 45.28
C ALA G 21 -32.21 -6.95 44.99
N LEU G 22 -31.65 -6.22 45.94
CA LEU G 22 -31.56 -4.77 45.82
C LEU G 22 -30.16 -4.26 45.58
N LYS G 23 -29.14 -4.88 46.18
CA LYS G 23 -27.79 -4.30 46.29
C LYS G 23 -27.08 -4.10 44.96
N ASP G 24 -27.57 -4.71 43.88
CA ASP G 24 -27.09 -4.36 42.55
C ASP G 24 -28.10 -3.51 41.79
N LEU G 25 -29.35 -3.49 42.24
CA LEU G 25 -30.42 -2.83 41.50
C LEU G 25 -30.60 -1.38 41.95
N ILE G 26 -30.92 -1.15 43.22
CA ILE G 26 -31.03 0.19 43.81
C ILE G 26 -30.08 0.26 45.00
N ASN G 27 -29.42 1.42 45.18
CA ASN G 27 -28.41 1.56 46.22
C ASN G 27 -28.93 2.22 47.50
N GLU G 28 -29.86 3.18 47.37
CA GLU G 28 -30.39 3.95 48.50
C GLU G 28 -31.91 3.87 48.46
N ALA G 29 -32.54 3.71 49.63
CA ALA G 29 -34.01 3.72 49.68
C ALA G 29 -34.47 4.12 51.06
N CYS G 30 -35.79 4.11 51.23
CA CYS G 30 -36.47 4.42 52.49
C CYS G 30 -37.28 3.22 52.91
N TRP G 31 -37.19 2.87 54.19
CA TRP G 31 -37.86 1.71 54.77
C TRP G 31 -39.04 2.18 55.59
N ASP G 32 -40.22 1.59 55.34
CA ASP G 32 -41.40 1.91 56.13
C ASP G 32 -41.72 0.77 57.08
N ILE G 33 -41.93 1.11 58.35
CA ILE G 33 -42.20 0.17 59.42
C ILE G 33 -43.51 0.56 60.08
N SER G 34 -44.49 -0.32 60.00
CA SER G 34 -45.73 -0.20 60.76
C SER G 34 -45.93 -1.53 61.48
N SER G 35 -47.12 -1.71 62.07
CA SER G 35 -47.46 -3.01 62.67
C SER G 35 -47.66 -4.09 61.62
N SER G 36 -48.00 -3.70 60.39
CA SER G 36 -48.23 -4.66 59.32
C SER G 36 -46.95 -5.40 58.94
N GLY G 37 -45.81 -4.72 59.01
CA GLY G 37 -44.53 -5.34 58.72
C GLY G 37 -43.60 -4.35 58.06
N VAL G 38 -42.75 -4.88 57.20
CA VAL G 38 -41.73 -4.09 56.53
C VAL G 38 -42.16 -3.83 55.09
N ASN G 39 -42.01 -2.58 54.65
CA ASN G 39 -42.50 -2.17 53.34
C ASN G 39 -41.47 -1.31 52.64
N LEU G 40 -41.34 -1.53 51.33
CA LEU G 40 -40.43 -0.75 50.47
C LEU G 40 -41.12 -0.48 49.15
N GLN G 41 -41.16 0.79 48.75
CA GLN G 41 -41.72 1.20 47.47
C GLN G 41 -40.80 2.25 46.86
N SER G 42 -39.80 1.81 46.10
CA SER G 42 -38.72 2.68 45.66
C SER G 42 -38.68 2.80 44.14
N MET G 43 -38.00 3.85 43.69
CA MET G 43 -37.66 4.09 42.30
C MET G 43 -36.16 3.90 42.09
N ASP G 44 -35.78 3.46 40.89
CA ASP G 44 -34.38 3.24 40.57
C ASP G 44 -33.75 4.53 40.07
N SER G 45 -32.54 4.40 39.50
CA SER G 45 -31.73 5.56 39.15
C SER G 45 -32.02 6.04 37.73
N SER G 46 -32.32 5.12 36.82
CA SER G 46 -32.67 5.48 35.45
C SER G 46 -34.16 5.71 35.26
N HIS G 47 -34.93 5.80 36.36
CA HIS G 47 -36.31 6.29 36.39
C HIS G 47 -37.25 5.41 35.57
N VAL G 48 -37.07 4.10 35.68
CA VAL G 48 -37.90 3.14 34.96
C VAL G 48 -38.63 2.21 35.92
N SER G 49 -37.88 1.48 36.75
CA SER G 49 -38.44 0.39 37.51
C SER G 49 -39.11 0.89 38.79
N LEU G 50 -40.34 0.43 39.01
CA LEU G 50 -40.99 0.57 40.31
C LEU G 50 -40.75 -0.70 41.11
N VAL G 51 -40.00 -0.58 42.20
CA VAL G 51 -39.54 -1.72 42.98
C VAL G 51 -40.37 -1.78 44.27
N GLN G 52 -41.11 -2.87 44.45
CA GLN G 52 -41.99 -3.00 45.60
C GLN G 52 -41.65 -4.29 46.36
N LEU G 53 -41.58 -4.18 47.67
CA LEU G 53 -41.27 -5.30 48.55
C LEU G 53 -42.15 -5.25 49.78
N THR G 54 -42.81 -6.38 50.07
CA THR G 54 -43.67 -6.48 51.23
C THR G 54 -43.29 -7.70 52.05
N LEU G 55 -43.07 -7.48 53.36
CA LEU G 55 -42.99 -8.54 54.35
C LEU G 55 -44.07 -8.27 55.39
N ARG G 56 -44.96 -9.23 55.59
CA ARG G 56 -46.04 -9.05 56.57
C ARG G 56 -45.70 -9.71 57.89
N SER G 57 -46.15 -9.08 58.98
CA SER G 57 -45.79 -9.52 60.32
C SER G 57 -46.58 -10.72 60.82
N GLU G 58 -47.55 -11.21 60.04
CA GLU G 58 -48.14 -12.50 60.35
C GLU G 58 -47.10 -13.61 60.24
N GLY G 59 -46.22 -13.52 59.23
CA GLY G 59 -45.12 -14.46 59.11
C GLY G 59 -43.95 -14.17 60.04
N PHE G 60 -43.93 -13.00 60.67
CA PHE G 60 -42.86 -12.65 61.60
C PHE G 60 -43.03 -13.46 62.88
N ASP G 61 -41.94 -14.08 63.35
CA ASP G 61 -42.04 -14.94 64.51
C ASP G 61 -42.10 -14.14 65.82
N THR G 62 -41.38 -13.02 65.89
CA THR G 62 -41.43 -12.18 67.09
C THR G 62 -41.40 -10.73 66.65
N TYR G 63 -42.38 -9.95 67.11
CA TYR G 63 -42.63 -8.61 66.62
C TYR G 63 -42.92 -7.66 67.78
N ARG G 64 -42.58 -6.39 67.58
CA ARG G 64 -42.95 -5.31 68.50
C ARG G 64 -42.81 -3.98 67.78
N CYS G 65 -43.92 -3.29 67.54
CA CYS G 65 -43.88 -1.99 66.85
C CYS G 65 -44.95 -1.09 67.45
N ASP G 66 -44.57 -0.30 68.46
CA ASP G 66 -45.48 0.70 69.01
C ASP G 66 -45.50 1.97 68.17
N ARG G 67 -44.37 2.65 68.06
CA ARG G 67 -44.25 3.85 67.25
C ARG G 67 -43.83 3.45 65.83
N ASN G 68 -44.32 4.20 64.84
CA ASN G 68 -44.14 3.86 63.44
C ASN G 68 -42.90 4.55 62.86
N LEU G 69 -42.15 3.83 62.04
CA LEU G 69 -40.86 4.32 61.56
C LEU G 69 -40.85 4.52 60.06
N ALA G 70 -40.16 5.57 59.61
CA ALA G 70 -39.89 5.81 58.20
C ALA G 70 -38.42 6.21 58.07
N MET G 71 -37.56 5.21 57.92
CA MET G 71 -36.13 5.43 57.95
C MET G 71 -35.54 5.47 56.55
N GLY G 72 -34.24 5.75 56.47
CA GLY G 72 -33.54 5.79 55.20
C GLY G 72 -32.21 5.04 55.22
N VAL G 73 -32.04 4.08 54.33
CA VAL G 73 -30.93 3.14 54.38
C VAL G 73 -30.21 3.11 53.04
N ASN G 74 -28.88 3.19 53.08
CA ASN G 74 -28.03 2.75 51.98
C ASN G 74 -28.08 1.24 51.90
N LEU G 75 -28.80 0.72 50.90
CA LEU G 75 -29.06 -0.72 50.77
C LEU G 75 -27.79 -1.53 50.53
N THR G 76 -26.76 -0.89 49.94
CA THR G 76 -25.48 -1.53 49.67
C THR G 76 -24.81 -1.99 50.96
N SER G 77 -24.57 -1.06 51.88
CA SER G 77 -23.86 -1.39 53.11
C SER G 77 -24.72 -2.26 54.03
N MET G 78 -26.04 -2.21 53.90
CA MET G 78 -26.87 -3.17 54.62
C MET G 78 -26.69 -4.58 54.08
N SER G 79 -26.58 -4.72 52.76
CA SER G 79 -26.23 -6.01 52.19
C SER G 79 -24.81 -6.44 52.59
N LYS G 80 -23.92 -5.46 52.77
CA LYS G 80 -22.56 -5.74 53.20
C LYS G 80 -22.55 -6.29 54.63
N ILE G 81 -23.29 -5.65 55.54
CA ILE G 81 -23.30 -6.08 56.92
C ILE G 81 -24.19 -7.30 57.13
N LEU G 82 -25.03 -7.63 56.15
CA LEU G 82 -25.82 -8.86 56.24
C LEU G 82 -25.04 -10.10 55.85
N LYS G 83 -23.86 -9.96 55.24
CA LYS G 83 -23.12 -11.10 54.77
C LYS G 83 -22.15 -11.67 55.81
N CYS G 84 -22.45 -11.54 57.09
CA CYS G 84 -21.58 -12.02 58.16
C CYS G 84 -22.28 -13.09 59.01
N ALA G 85 -23.01 -13.98 58.34
CA ALA G 85 -23.80 -15.01 59.01
C ALA G 85 -24.03 -16.17 58.06
N GLY G 86 -23.99 -17.39 58.60
CA GLY G 86 -24.22 -18.57 57.79
C GLY G 86 -25.67 -18.75 57.40
N ASN G 87 -25.92 -19.81 56.64
CA ASN G 87 -27.22 -20.00 56.01
C ASN G 87 -28.20 -20.83 56.85
N GLU G 88 -28.09 -20.81 58.18
CA GLU G 88 -29.14 -21.30 59.05
C GLU G 88 -29.46 -20.32 60.17
N ASP G 89 -28.94 -19.10 60.09
CA ASP G 89 -28.90 -18.21 61.24
C ASP G 89 -30.20 -17.41 61.40
N ILE G 90 -30.22 -16.61 62.46
CA ILE G 90 -31.35 -15.78 62.84
C ILE G 90 -30.89 -14.34 62.80
N ILE G 91 -31.72 -13.44 62.28
CA ILE G 91 -31.48 -12.01 62.39
C ILE G 91 -32.44 -11.45 63.44
N THR G 92 -31.89 -10.63 64.34
CA THR G 92 -32.68 -9.85 65.28
C THR G 92 -32.50 -8.37 64.93
N LEU G 93 -33.57 -7.74 64.45
CA LEU G 93 -33.56 -6.31 64.16
C LEU G 93 -34.09 -5.55 65.36
N ARG G 94 -33.52 -4.38 65.62
CA ARG G 94 -34.05 -3.53 66.68
C ARG G 94 -33.70 -2.09 66.38
N ALA G 95 -34.73 -1.26 66.25
CA ALA G 95 -34.54 0.16 65.96
C ALA G 95 -35.41 0.97 66.89
N GLU G 96 -34.87 2.10 67.34
CA GLU G 96 -35.51 2.89 68.38
C GLU G 96 -36.27 4.07 67.76
N ASP G 97 -37.30 4.53 68.50
CA ASP G 97 -38.13 5.64 68.07
C ASP G 97 -37.43 7.00 68.20
N ASN G 98 -36.22 7.04 68.73
CA ASN G 98 -35.47 8.26 68.97
C ASN G 98 -34.03 8.19 68.48
N ALA G 99 -33.51 7.00 68.16
CA ALA G 99 -32.14 6.81 67.71
C ALA G 99 -32.09 6.50 66.22
N ASP G 100 -31.01 6.93 65.57
CA ASP G 100 -30.88 6.82 64.12
C ASP G 100 -30.08 5.58 63.71
N THR G 101 -30.61 4.42 64.06
CA THR G 101 -29.82 3.21 63.87
C THR G 101 -30.68 2.03 63.48
N LEU G 102 -29.96 0.96 63.14
CA LEU G 102 -30.43 -0.41 63.23
C LEU G 102 -29.43 -1.16 64.08
N ALA G 103 -29.92 -1.82 65.14
CA ALA G 103 -29.11 -2.72 65.95
C ALA G 103 -29.44 -4.13 65.51
N LEU G 104 -28.46 -4.81 64.94
CA LEU G 104 -28.66 -6.09 64.28
C LEU G 104 -27.87 -7.16 65.01
N VAL G 105 -28.53 -8.25 65.35
CA VAL G 105 -27.93 -9.35 66.08
C VAL G 105 -28.02 -10.60 65.21
N PHE G 106 -26.88 -11.02 64.67
CA PHE G 106 -26.74 -12.34 64.08
C PHE G 106 -26.68 -13.37 65.21
N GLU G 107 -27.68 -14.24 65.27
CA GLU G 107 -27.76 -15.30 66.26
C GLU G 107 -27.64 -16.65 65.56
N ALA G 108 -26.59 -17.39 65.88
CA ALA G 108 -26.45 -18.74 65.40
C ALA G 108 -27.49 -19.63 66.10
N PRO G 109 -27.90 -20.74 65.47
CA PRO G 109 -28.74 -21.70 66.22
C PRO G 109 -27.98 -22.35 67.35
N ASN G 110 -26.70 -22.65 67.14
CA ASN G 110 -25.79 -23.00 68.22
C ASN G 110 -25.23 -21.70 68.78
N GLN G 111 -25.86 -21.21 69.85
CA GLN G 111 -25.61 -19.88 70.40
C GLN G 111 -24.24 -19.77 71.06
N GLU G 112 -23.17 -19.87 70.27
CA GLU G 112 -21.82 -19.75 70.77
C GLU G 112 -21.04 -18.63 70.11
N LYS G 113 -21.30 -18.35 68.82
CA LYS G 113 -20.71 -17.23 68.09
C LYS G 113 -21.84 -16.29 67.68
N VAL G 114 -21.94 -15.14 68.33
CA VAL G 114 -23.05 -14.22 68.13
C VAL G 114 -22.49 -12.87 67.69
N SER G 115 -22.97 -12.38 66.55
CA SER G 115 -22.41 -11.16 65.96
C SER G 115 -23.38 -9.99 66.14
N ASP G 116 -22.83 -8.81 66.39
CA ASP G 116 -23.64 -7.64 66.69
C ASP G 116 -23.14 -6.43 65.91
N TYR G 117 -24.07 -5.63 65.39
CA TYR G 117 -23.73 -4.47 64.58
C TYR G 117 -24.69 -3.32 64.86
N GLU G 118 -24.20 -2.09 64.68
CA GLU G 118 -24.98 -0.87 64.90
C GLU G 118 -24.79 0.04 63.69
N MET G 119 -25.78 0.04 62.79
CA MET G 119 -25.69 0.80 61.55
C MET G 119 -26.42 2.12 61.68
N LYS G 120 -25.81 3.20 61.18
CA LYS G 120 -26.39 4.53 61.28
C LYS G 120 -27.52 4.70 60.25
N LEU G 121 -28.11 5.90 60.25
CA LEU G 121 -29.26 6.22 59.42
C LEU G 121 -29.00 7.50 58.63
N MET G 122 -29.90 7.76 57.67
CA MET G 122 -29.92 9.00 56.91
C MET G 122 -31.36 9.37 56.57
N ASP G 123 -31.83 10.50 57.11
CA ASP G 123 -33.12 11.04 56.69
C ASP G 123 -33.02 11.58 55.27
N LEU G 124 -34.05 11.34 54.47
CA LEU G 124 -33.98 11.52 53.03
C LEU G 124 -35.30 12.04 52.50
N ASP G 125 -35.30 12.37 51.20
CA ASP G 125 -36.47 12.93 50.54
C ASP G 125 -36.68 12.25 49.18
N VAL G 126 -36.66 10.92 49.15
CA VAL G 126 -36.87 10.20 47.90
C VAL G 126 -38.35 10.28 47.53
N GLU G 127 -38.61 10.71 46.29
CA GLU G 127 -39.97 10.78 45.77
C GLU G 127 -40.60 9.39 45.71
N GLN G 128 -41.89 9.33 46.03
CA GLN G 128 -42.60 8.06 46.09
C GLN G 128 -43.55 7.95 44.92
N LEU G 129 -43.87 6.70 44.57
CA LEU G 129 -44.86 6.39 43.55
C LEU G 129 -45.50 5.07 43.94
N GLY G 130 -46.83 5.03 43.87
CA GLY G 130 -47.60 3.91 44.34
C GLY G 130 -47.95 2.93 43.24
N ILE G 131 -48.85 2.02 43.56
CA ILE G 131 -49.23 0.98 42.59
C ILE G 131 -50.48 1.41 41.85
N PRO G 132 -50.41 1.67 40.53
CA PRO G 132 -51.64 1.91 39.76
C PRO G 132 -52.42 0.62 39.59
N GLU G 133 -53.51 0.46 40.33
CA GLU G 133 -54.29 -0.77 40.30
C GLU G 133 -55.20 -0.76 39.08
N GLN G 134 -55.04 -1.77 38.23
CA GLN G 134 -55.86 -1.91 37.04
C GLN G 134 -56.16 -3.39 36.86
N GLU G 135 -56.65 -3.74 35.67
CA GLU G 135 -56.73 -5.13 35.27
C GLU G 135 -55.47 -5.51 34.48
N TYR G 136 -55.33 -6.79 34.23
CA TYR G 136 -54.28 -7.28 33.35
C TYR G 136 -54.87 -8.32 32.40
N SER G 137 -54.75 -8.04 31.10
CA SER G 137 -55.39 -8.82 30.06
C SER G 137 -54.75 -10.18 29.86
N CYS G 138 -53.50 -10.37 30.27
CA CYS G 138 -52.84 -11.66 30.12
C CYS G 138 -51.91 -11.90 31.31
N VAL G 139 -52.14 -13.01 31.99
CA VAL G 139 -51.23 -13.45 33.05
C VAL G 139 -50.63 -14.79 32.65
N VAL G 140 -49.37 -14.99 33.05
CA VAL G 140 -48.66 -16.24 32.79
C VAL G 140 -47.80 -16.56 34.01
N LYS G 141 -47.75 -17.83 34.40
CA LYS G 141 -46.94 -18.28 35.52
C LYS G 141 -46.06 -19.43 35.07
N MET G 142 -44.75 -19.29 35.30
CA MET G 142 -43.73 -20.11 34.67
C MET G 142 -42.68 -20.44 35.73
N PRO G 143 -41.85 -21.46 35.50
CA PRO G 143 -40.70 -21.65 36.39
C PRO G 143 -39.66 -20.55 36.26
N SER G 144 -38.77 -20.48 37.25
CA SER G 144 -37.90 -19.31 37.41
C SER G 144 -36.56 -19.44 36.70
N GLY G 145 -35.91 -20.61 36.84
CA GLY G 145 -34.61 -20.80 36.20
C GLY G 145 -34.69 -20.78 34.68
N GLU G 146 -35.81 -21.27 34.13
CA GLU G 146 -36.02 -21.23 32.69
C GLU G 146 -36.17 -19.80 32.18
N PHE G 147 -36.87 -18.95 32.94
CA PHE G 147 -36.98 -17.54 32.58
C PHE G 147 -35.64 -16.83 32.70
N ALA G 148 -34.84 -17.19 33.72
CA ALA G 148 -33.52 -16.60 33.85
C ALA G 148 -32.63 -16.96 32.66
N ARG G 149 -32.67 -18.24 32.25
CA ARG G 149 -31.98 -18.69 31.05
C ARG G 149 -32.46 -17.97 29.81
N ILE G 150 -33.77 -17.72 29.70
CA ILE G 150 -34.34 -17.07 28.52
C ILE G 150 -33.90 -15.61 28.42
N CYS G 151 -34.01 -14.87 29.53
CA CYS G 151 -33.66 -13.45 29.50
C CYS G 151 -32.16 -13.25 29.29
N ARG G 152 -31.33 -14.07 29.95
CA ARG G 152 -29.89 -14.04 29.71
C ARG G 152 -29.56 -14.35 28.25
N ASP G 153 -30.22 -15.37 27.67
CA ASP G 153 -29.89 -15.79 26.31
C ASP G 153 -30.31 -14.77 25.27
N LEU G 154 -31.52 -14.23 25.38
CA LEU G 154 -31.97 -13.20 24.45
C LEU G 154 -31.22 -11.89 24.63
N SER G 155 -30.59 -11.66 25.79
CA SER G 155 -29.65 -10.56 25.91
C SER G 155 -28.37 -10.74 25.06
N HIS G 156 -28.09 -11.93 24.54
CA HIS G 156 -26.90 -12.14 23.73
C HIS G 156 -27.09 -11.82 22.26
N ILE G 157 -28.31 -11.94 21.74
CA ILE G 157 -28.54 -11.66 20.31
C ILE G 157 -28.70 -10.17 20.07
N GLY G 158 -29.69 -9.55 20.71
CA GLY G 158 -29.92 -8.12 20.60
C GLY G 158 -30.15 -7.51 21.97
N ASP G 159 -30.48 -6.22 21.96
CA ASP G 159 -30.59 -5.43 23.17
C ASP G 159 -32.03 -5.21 23.63
N ALA G 160 -33.02 -5.68 22.88
CA ALA G 160 -34.42 -5.58 23.26
C ALA G 160 -35.09 -6.92 23.04
N VAL G 161 -36.32 -7.03 23.54
CA VAL G 161 -37.12 -8.24 23.41
C VAL G 161 -38.55 -7.84 23.05
N VAL G 162 -39.08 -8.44 22.00
CA VAL G 162 -40.48 -8.28 21.62
C VAL G 162 -41.21 -9.54 22.06
N ILE G 163 -42.11 -9.38 23.01
CA ILE G 163 -42.91 -10.50 23.47
C ILE G 163 -44.27 -10.44 22.80
N SER G 164 -44.92 -11.60 22.75
CA SER G 164 -46.20 -11.78 22.09
C SER G 164 -46.93 -12.94 22.73
N CYS G 165 -48.13 -12.69 23.22
CA CYS G 165 -48.96 -13.74 23.81
C CYS G 165 -50.29 -13.81 23.06
N ALA G 166 -50.89 -14.99 23.07
CA ALA G 166 -52.08 -15.26 22.28
C ALA G 166 -52.93 -16.28 23.02
N LYS G 167 -53.84 -16.93 22.28
CA LYS G 167 -54.71 -17.95 22.84
C LYS G 167 -53.92 -19.16 23.33
N ASP G 168 -53.00 -19.65 22.50
CA ASP G 168 -52.41 -20.97 22.69
C ASP G 168 -51.05 -20.93 23.40
N GLY G 169 -50.13 -20.08 22.94
CA GLY G 169 -48.79 -20.06 23.50
C GLY G 169 -48.24 -18.68 23.77
N VAL G 170 -46.93 -18.59 24.00
CA VAL G 170 -46.27 -17.32 24.25
C VAL G 170 -44.97 -17.34 23.45
N LYS G 171 -44.44 -16.15 23.15
CA LYS G 171 -43.25 -16.06 22.31
C LYS G 171 -42.43 -14.84 22.72
N PHE G 172 -41.12 -15.03 22.83
CA PHE G 172 -40.16 -13.94 23.00
C PHE G 172 -39.20 -13.94 21.83
N SER G 173 -38.99 -12.75 21.26
CA SER G 173 -38.20 -12.61 20.05
C SER G 173 -37.21 -11.46 20.22
N ALA G 174 -36.13 -11.51 19.45
CA ALA G 174 -35.13 -10.45 19.46
C ALA G 174 -34.35 -10.51 18.15
N SER G 175 -33.86 -9.35 17.71
CA SER G 175 -33.09 -9.23 16.48
C SER G 175 -31.84 -8.38 16.73
N GLY G 176 -30.69 -8.93 16.36
CA GLY G 176 -29.43 -8.27 16.62
C GLY G 176 -28.47 -8.43 15.47
N GLU G 177 -27.20 -8.08 15.77
CA GLU G 177 -26.17 -7.89 14.74
C GLU G 177 -25.91 -9.15 13.93
N LEU G 178 -26.00 -10.32 14.54
CA LEU G 178 -25.76 -11.56 13.83
C LEU G 178 -27.04 -12.28 13.42
N GLY G 179 -28.16 -11.59 13.37
CA GLY G 179 -29.39 -12.17 12.84
C GLY G 179 -30.57 -11.97 13.78
N ASN G 180 -31.28 -13.05 14.06
CA ASN G 180 -32.44 -12.95 14.93
C ASN G 180 -32.66 -14.29 15.62
N GLY G 181 -33.55 -14.27 16.59
CA GLY G 181 -33.95 -15.49 17.28
C GLY G 181 -35.28 -15.25 17.97
N ASN G 182 -35.96 -16.36 18.24
CA ASN G 182 -37.18 -16.32 19.03
C ASN G 182 -37.38 -17.70 19.64
N ILE G 183 -38.11 -17.72 20.76
CA ILE G 183 -38.49 -18.95 21.44
C ILE G 183 -39.96 -18.84 21.85
N LYS G 184 -40.75 -19.84 21.49
CA LYS G 184 -42.13 -19.97 21.94
C LYS G 184 -42.23 -21.00 23.05
N LEU G 185 -43.25 -20.85 23.87
CA LEU G 185 -43.69 -21.89 24.79
C LEU G 185 -45.17 -22.19 24.56
N SER G 186 -45.60 -23.37 25.00
CA SER G 186 -46.94 -23.87 24.76
C SER G 186 -47.65 -24.11 26.08
N GLN G 187 -48.98 -23.96 26.04
CA GLN G 187 -49.82 -24.11 27.22
C GLN G 187 -49.80 -25.55 27.71
N THR G 188 -49.48 -25.72 29.00
CA THR G 188 -49.43 -27.05 29.58
C THR G 188 -50.84 -27.57 29.77
N SER G 189 -51.14 -28.70 29.14
CA SER G 189 -52.44 -29.35 29.24
C SER G 189 -52.35 -30.54 30.19
N GLU G 196 -43.48 -26.33 37.89
CA GLU G 196 -42.77 -26.92 36.77
C GLU G 196 -43.47 -26.65 35.45
N ALA G 197 -44.76 -26.40 35.53
CA ALA G 197 -45.56 -26.16 34.34
C ALA G 197 -45.77 -24.66 34.18
N VAL G 198 -46.58 -24.29 33.18
CA VAL G 198 -46.86 -22.91 32.87
C VAL G 198 -48.37 -22.75 32.76
N THR G 199 -48.87 -21.57 33.11
CA THR G 199 -50.28 -21.30 32.88
C THR G 199 -50.46 -19.92 32.25
N ILE G 200 -51.50 -19.81 31.43
CA ILE G 200 -51.90 -18.56 30.80
C ILE G 200 -53.38 -18.35 31.07
N GLU G 201 -53.75 -17.16 31.53
CA GLU G 201 -55.13 -16.69 31.48
C GLU G 201 -55.17 -15.39 30.70
N MET G 202 -55.86 -15.43 29.55
CA MET G 202 -55.70 -14.46 28.48
C MET G 202 -57.01 -13.73 28.21
N ASN G 203 -56.90 -12.53 27.62
CA ASN G 203 -58.10 -11.82 27.19
C ASN G 203 -57.88 -11.26 25.79
N GLU G 204 -56.62 -11.06 25.40
CA GLU G 204 -56.26 -10.49 24.09
C GLU G 204 -54.83 -10.86 23.71
N PRO G 205 -54.57 -11.27 22.46
CA PRO G 205 -53.19 -11.50 22.00
C PRO G 205 -52.42 -10.20 21.85
N VAL G 206 -51.46 -9.96 22.75
CA VAL G 206 -50.79 -8.68 22.89
C VAL G 206 -49.28 -8.83 22.63
N GLN G 207 -48.70 -7.80 22.01
CA GLN G 207 -47.28 -7.78 21.66
C GLN G 207 -46.67 -6.47 22.15
N LEU G 208 -45.53 -6.56 22.84
CA LEU G 208 -44.83 -5.36 23.31
C LEU G 208 -43.32 -5.55 23.28
N THR G 209 -42.60 -4.50 23.68
CA THR G 209 -41.15 -4.40 23.56
C THR G 209 -40.51 -3.94 24.86
N PHE G 210 -39.47 -4.65 25.29
CA PHE G 210 -38.84 -4.43 26.60
C PHE G 210 -37.32 -4.41 26.43
N ALA G 211 -36.65 -3.82 27.41
CA ALA G 211 -35.20 -3.62 27.38
C ALA G 211 -34.54 -4.63 28.33
N LEU G 212 -33.71 -5.51 27.77
CA LEU G 212 -33.21 -6.69 28.47
C LEU G 212 -32.21 -6.38 29.57
N ARG G 213 -31.64 -5.16 29.59
CA ARG G 213 -30.73 -4.77 30.67
C ARG G 213 -31.42 -4.84 32.02
N TYR G 214 -32.64 -4.32 32.10
CA TYR G 214 -33.30 -4.34 33.40
C TYR G 214 -34.03 -5.66 33.65
N LEU G 215 -34.20 -6.51 32.64
CA LEU G 215 -34.59 -7.88 32.94
C LEU G 215 -33.43 -8.64 33.57
N ASN G 216 -32.20 -8.38 33.11
CA ASN G 216 -31.04 -8.93 33.78
C ASN G 216 -30.85 -8.35 35.18
N PHE G 217 -31.35 -7.13 35.41
CA PHE G 217 -31.36 -6.62 36.79
C PHE G 217 -32.45 -7.28 37.65
N PHE G 218 -33.66 -7.45 37.11
CA PHE G 218 -34.76 -8.03 37.88
C PHE G 218 -34.62 -9.53 38.07
N THR G 219 -33.68 -10.17 37.35
CA THR G 219 -33.54 -11.62 37.41
C THR G 219 -33.07 -12.12 38.78
N LYS G 220 -32.22 -11.35 39.48
CA LYS G 220 -31.48 -11.79 40.66
C LYS G 220 -32.34 -12.18 41.86
N ALA G 221 -33.67 -12.05 41.80
CA ALA G 221 -34.54 -12.58 42.84
C ALA G 221 -35.02 -13.98 42.53
N THR G 222 -34.23 -14.76 41.79
CA THR G 222 -34.61 -16.12 41.46
C THR G 222 -34.62 -17.09 42.65
N PRO G 223 -33.59 -17.15 43.57
CA PRO G 223 -33.70 -18.16 44.65
C PRO G 223 -34.52 -17.74 45.86
N LEU G 224 -35.33 -16.67 45.75
CA LEU G 224 -36.35 -16.42 46.78
C LEU G 224 -37.68 -17.10 46.49
N SER G 225 -37.79 -17.77 45.35
CA SER G 225 -39.03 -18.44 44.96
C SER G 225 -38.68 -19.65 44.11
N SER G 226 -39.67 -20.47 43.82
CA SER G 226 -39.48 -21.53 42.86
C SER G 226 -40.04 -21.17 41.49
N THR G 227 -41.13 -20.40 41.46
CA THR G 227 -41.80 -20.00 40.23
C THR G 227 -41.82 -18.48 40.12
N VAL G 228 -42.35 -17.99 39.01
CA VAL G 228 -42.33 -16.56 38.70
C VAL G 228 -43.60 -16.23 37.90
N THR G 229 -44.14 -15.03 38.12
CA THR G 229 -45.38 -14.61 37.49
C THR G 229 -45.13 -13.37 36.65
N LEU G 230 -45.64 -13.36 35.42
CA LEU G 230 -45.60 -12.19 34.56
C LEU G 230 -47.02 -11.76 34.27
N SER G 231 -47.33 -10.50 34.55
CA SER G 231 -48.70 -10.01 34.40
C SER G 231 -48.70 -8.72 33.58
N MET G 232 -49.53 -8.68 32.53
CA MET G 232 -49.33 -7.66 31.52
C MET G 232 -50.56 -7.48 30.63
N SER G 233 -50.57 -6.32 29.95
CA SER G 233 -51.53 -5.97 28.91
C SER G 233 -50.76 -5.15 27.89
N ALA G 234 -51.50 -4.39 27.09
CA ALA G 234 -50.88 -3.47 26.14
C ALA G 234 -50.96 -2.04 26.65
N ASP G 235 -49.94 -1.24 26.31
CA ASP G 235 -49.85 0.20 26.59
C ASP G 235 -49.78 0.52 28.08
N VAL G 236 -49.49 -0.48 28.90
CA VAL G 236 -49.29 -0.34 30.35
C VAL G 236 -48.06 -1.15 30.73
N PRO G 237 -47.39 -0.83 31.85
CA PRO G 237 -46.21 -1.59 32.24
C PRO G 237 -46.48 -3.05 32.56
N LEU G 238 -45.41 -3.85 32.46
CA LEU G 238 -45.44 -5.26 32.83
C LEU G 238 -44.95 -5.43 34.26
N VAL G 239 -45.51 -6.43 34.94
CA VAL G 239 -45.16 -6.78 36.31
C VAL G 239 -44.44 -8.12 36.30
N VAL G 240 -43.22 -8.14 36.86
CA VAL G 240 -42.50 -9.35 37.18
C VAL G 240 -42.62 -9.59 38.68
N GLU G 241 -43.16 -10.74 39.06
CA GLU G 241 -43.62 -10.96 40.42
C GLU G 241 -43.01 -12.24 41.00
N TYR G 242 -42.45 -12.13 42.21
CA TYR G 242 -41.91 -13.24 42.97
C TYR G 242 -42.55 -13.25 44.35
N LYS G 243 -42.53 -14.40 44.99
CA LYS G 243 -43.20 -14.63 46.27
C LYS G 243 -42.18 -14.96 47.36
N ILE G 244 -42.20 -14.18 48.44
CA ILE G 244 -41.44 -14.50 49.65
C ILE G 244 -42.33 -15.33 50.54
N ALA G 245 -41.86 -16.53 50.88
CA ALA G 245 -42.68 -17.63 51.39
C ALA G 245 -43.39 -17.30 52.69
N ASP G 246 -44.72 -17.18 52.61
CA ASP G 246 -45.66 -16.98 53.72
C ASP G 246 -45.45 -15.67 54.46
N MET G 247 -44.71 -14.74 53.87
CA MET G 247 -44.48 -13.43 54.47
C MET G 247 -44.84 -12.30 53.52
N GLY G 248 -44.49 -12.42 52.24
CA GLY G 248 -44.80 -11.33 51.34
C GLY G 248 -44.44 -11.55 49.89
N HIS G 249 -44.06 -10.50 49.20
CA HIS G 249 -43.78 -10.64 47.78
C HIS G 249 -42.86 -9.52 47.32
N LEU G 250 -42.46 -9.62 46.04
CA LEU G 250 -41.45 -8.76 45.44
C LEU G 250 -41.84 -8.50 44.00
N LYS G 251 -42.12 -7.25 43.67
CA LYS G 251 -42.55 -6.84 42.34
C LYS G 251 -41.52 -5.91 41.72
N TYR G 252 -41.23 -6.13 40.44
CA TYR G 252 -40.51 -5.18 39.61
C TYR G 252 -41.42 -4.77 38.46
N TYR G 253 -41.67 -3.47 38.36
CA TYR G 253 -42.53 -2.91 37.32
C TYR G 253 -41.65 -2.24 36.28
N LEU G 254 -41.80 -2.67 35.01
CA LEU G 254 -41.10 -2.02 33.90
C LEU G 254 -42.10 -1.56 32.86
N ALA G 255 -41.97 -0.31 32.45
CA ALA G 255 -42.83 0.25 31.41
C ALA G 255 -42.23 -0.03 30.03
N PRO G 256 -42.99 -0.63 29.12
CA PRO G 256 -42.42 -1.10 27.86
C PRO G 256 -42.11 0.05 26.90
N LYS G 257 -41.16 -0.22 26.01
CA LYS G 257 -40.78 0.74 25.00
C LYS G 257 -41.91 0.95 24.00
N ILE G 258 -42.06 2.19 23.55
CA ILE G 258 -43.08 2.53 22.58
C ILE G 258 -42.42 2.76 21.23
N1 DOC H 25 4.01 31.94 5.69
C2 DOC H 25 5.26 32.23 6.28
N3 DOC H 25 6.38 31.62 5.82
C4 DOC H 25 6.31 30.75 4.80
C5 DOC H 25 5.09 30.46 4.21
C6 DOC H 25 3.94 31.08 4.68
O2 DOC H 25 5.33 33.04 7.23
N4 DOC H 25 7.44 30.15 4.35
C1' DOC H 25 2.80 32.59 6.18
C2' DOC H 25 2.63 33.94 5.50
C3' DOC H 25 1.27 33.89 4.80
C4' DOC H 25 0.70 32.51 5.11
O4' DOC H 25 1.66 31.79 5.88
C5' DOC H 25 0.42 31.76 3.81
O5' DOC H 25 -0.96 31.42 3.74
P DOC H 25 -1.43 30.10 2.95
OP1 DOC H 25 -2.94 30.12 2.87
OP2 DOC H 25 -0.61 29.97 1.69
ZN ZN J . -19.19 -26.96 -7.96
FE1 SF4 K . 13.46 0.91 -16.80
FE2 SF4 K . 10.84 1.67 -16.58
FE3 SF4 K . 11.55 -0.04 -18.52
FE4 SF4 K . 12.40 2.56 -18.68
S1 SF4 K . 10.25 1.78 -18.78
S2 SF4 K . 13.66 0.71 -19.06
S3 SF4 K . 12.70 3.01 -16.47
S4 SF4 K . 11.66 -0.40 -16.29
PA TTP L . 3.64 36.40 1.82
O1A TTP L . 3.94 34.96 1.53
O2A TTP L . 2.28 36.71 1.26
O3A TTP L . 4.78 37.33 1.07
PB TTP L . 4.60 38.93 0.65
O1B TTP L . 3.24 39.45 1.06
O2B TTP L . 5.63 39.73 1.39
O3B TTP L . 4.82 39.11 -0.97
PG TTP L . 3.69 38.77 -2.13
O1G TTP L . 2.33 39.27 -1.71
O2G TTP L . 4.05 39.48 -3.41
O3G TTP L . 3.68 37.28 -2.38
O5' TTP L . 3.64 36.64 3.46
C5' TTP L . 3.27 37.89 3.99
C4' TTP L . 4.15 38.19 5.19
O4' TTP L . 4.52 37.10 5.71
C3' TTP L . 5.54 38.89 4.66
O3' TTP L . 5.43 40.38 4.59
C2' TTP L . 6.40 38.58 5.46
C1' TTP L . 5.94 37.25 6.16
N1 TTP L . 6.71 36.24 5.73
C2 TTP L . 8.03 36.02 6.35
O2 TTP L . 8.38 36.72 7.23
N3 TTP L . 8.93 34.93 5.87
C4 TTP L . 8.50 34.08 4.79
O4 TTP L . 9.20 33.21 4.41
C5 TTP L . 7.17 34.29 4.17
C5M TTP L . 6.70 33.41 3.02
C6 TTP L . 6.29 35.38 4.65
#